data_2KWZ
#
_entry.id   2KWZ
#
_entity_poly.entity_id   1
_entity_poly.type   'polypeptide(L)'
_entity_poly.pdbx_seq_one_letter_code
;GRDAVILLTCAIHPELIFTITKILLAILGPLMVLQAGITK
;
_entity_poly.pdbx_strand_id   A
#
# COMPACT_ATOMS: atom_id res chain seq x y z
N GLY A 1 1.32 -16.67 3.84
CA GLY A 1 1.70 -16.32 5.24
C GLY A 1 2.88 -15.33 5.23
N ARG A 2 3.81 -15.49 6.14
CA ARG A 2 4.99 -14.58 6.20
C ARG A 2 6.26 -15.34 5.79
N ASP A 3 7.41 -14.75 6.00
CA ASP A 3 8.73 -15.40 5.63
C ASP A 3 8.76 -15.80 4.14
N ALA A 4 8.16 -14.99 3.30
CA ALA A 4 8.11 -15.27 1.82
C ALA A 4 7.51 -14.05 1.11
N VAL A 5 6.39 -13.58 1.58
CA VAL A 5 5.72 -12.38 0.96
C VAL A 5 6.65 -11.15 1.04
N ILE A 6 7.30 -10.96 2.17
CA ILE A 6 8.24 -9.80 2.33
C ILE A 6 9.33 -9.89 1.25
N LEU A 7 9.83 -11.07 1.00
CA LEU A 7 10.89 -11.27 -0.04
C LEU A 7 10.29 -10.99 -1.43
N LEU A 8 9.06 -11.41 -1.66
CA LEU A 8 8.39 -11.17 -2.99
C LEU A 8 7.98 -9.70 -3.14
N THR A 9 7.72 -9.02 -2.05
CA THR A 9 7.31 -7.58 -2.11
C THR A 9 8.49 -6.73 -2.63
N CYS A 10 9.69 -6.99 -2.14
CA CYS A 10 10.87 -6.19 -2.62
C CYS A 10 11.44 -6.77 -3.92
N ALA A 11 11.13 -8.00 -4.26
CA ALA A 11 11.66 -8.60 -5.53
C ALA A 11 10.67 -8.44 -6.69
N ILE A 12 9.38 -8.48 -6.43
CA ILE A 12 8.38 -8.34 -7.54
C ILE A 12 7.68 -6.98 -7.47
N HIS A 13 8.06 -6.07 -8.35
CA HIS A 13 7.46 -4.69 -8.41
C HIS A 13 7.55 -3.95 -7.06
N PRO A 14 8.75 -3.74 -6.58
CA PRO A 14 8.97 -3.04 -5.28
C PRO A 14 8.62 -1.54 -5.40
N GLU A 15 8.91 -0.93 -6.54
CA GLU A 15 8.59 0.54 -6.71
C GLU A 15 7.07 0.79 -6.78
N LEU A 16 6.28 -0.24 -6.89
CA LEU A 16 4.79 -0.06 -6.96
C LEU A 16 4.17 -0.38 -5.60
N ILE A 17 4.61 -1.44 -4.96
CA ILE A 17 4.05 -1.81 -3.62
C ILE A 17 4.33 -0.70 -2.60
N PHE A 18 5.52 -0.12 -2.62
CA PHE A 18 5.87 0.98 -1.66
C PHE A 18 4.88 2.14 -1.85
N THR A 19 4.57 2.47 -3.09
CA THR A 19 3.60 3.58 -3.39
C THR A 19 2.23 3.21 -2.81
N ILE A 20 1.83 1.95 -2.91
CA ILE A 20 0.51 1.51 -2.37
C ILE A 20 0.50 1.69 -0.84
N THR A 21 1.58 1.33 -0.16
CA THR A 21 1.64 1.49 1.33
C THR A 21 1.44 2.97 1.69
N LYS A 22 2.06 3.87 0.95
CA LYS A 22 1.92 5.33 1.23
C LYS A 22 0.45 5.72 1.05
N ILE A 23 -0.18 5.29 -0.02
CA ILE A 23 -1.62 5.62 -0.26
C ILE A 23 -2.48 4.87 0.78
N LEU A 24 -2.06 3.69 1.19
CA LEU A 24 -2.83 2.89 2.21
C LEU A 24 -3.01 3.73 3.48
N LEU A 25 -1.97 4.41 3.90
CA LEU A 25 -2.07 5.27 5.13
C LEU A 25 -2.96 6.49 4.86
N ALA A 26 -2.97 6.94 3.64
CA ALA A 26 -3.80 8.11 3.24
C ALA A 26 -5.25 7.71 2.88
N ILE A 27 -5.54 6.44 2.81
CA ILE A 27 -6.93 5.98 2.46
C ILE A 27 -7.89 6.14 3.66
N LEU A 28 -7.38 6.26 4.87
CA LEU A 28 -8.27 6.41 6.08
C LEU A 28 -9.02 7.75 6.00
N GLY A 29 -8.30 8.85 5.92
CA GLY A 29 -8.97 10.19 5.84
C GLY A 29 -9.46 10.62 7.23
N PRO A 30 -8.56 11.19 8.01
CA PRO A 30 -8.93 11.66 9.39
C PRO A 30 -10.00 12.77 9.30
N LEU A 31 -9.92 13.63 8.31
CA LEU A 31 -10.92 14.73 8.15
C LEU A 31 -12.22 14.10 7.59
N MET A 32 -12.09 13.21 6.64
CA MET A 32 -13.29 12.53 6.04
C MET A 32 -14.11 11.83 7.14
N VAL A 33 -13.45 11.28 8.14
CA VAL A 33 -14.19 10.60 9.26
C VAL A 33 -15.14 11.61 9.93
N LEU A 34 -14.78 12.88 9.93
CA LEU A 34 -15.65 13.93 10.54
C LEU A 34 -16.67 14.48 9.52
N GLN A 35 -16.84 13.81 8.40
CA GLN A 35 -17.82 14.27 7.36
C GLN A 35 -18.61 13.06 6.79
N ALA A 36 -18.74 12.00 7.55
CA ALA A 36 -19.50 10.80 7.05
C ALA A 36 -20.97 10.96 7.42
N GLY A 37 -21.80 11.31 6.46
CA GLY A 37 -23.26 11.50 6.74
C GLY A 37 -23.43 12.77 7.58
N ILE A 38 -22.81 13.84 7.16
CA ILE A 38 -22.89 15.14 7.91
C ILE A 38 -23.66 16.19 7.11
N THR A 39 -24.07 17.26 7.75
CA THR A 39 -24.84 18.35 7.08
C THR A 39 -26.10 17.78 6.39
N LYS A 40 -27.06 17.36 7.18
CA LYS A 40 -28.32 16.79 6.62
C LYS A 40 -29.53 17.53 7.20
N GLY A 1 24.93 -17.69 -9.73
CA GLY A 1 24.71 -17.96 -8.27
C GLY A 1 23.21 -18.16 -7.98
N ARG A 2 22.89 -18.79 -6.88
CA ARG A 2 21.44 -19.02 -6.53
C ARG A 2 21.01 -18.17 -5.32
N ASP A 3 21.69 -17.07 -5.05
CA ASP A 3 21.30 -16.19 -3.89
C ASP A 3 20.56 -14.95 -4.40
N ALA A 4 21.13 -14.26 -5.36
CA ALA A 4 20.49 -13.03 -5.93
C ALA A 4 19.12 -13.38 -6.53
N VAL A 5 18.99 -14.54 -7.14
CA VAL A 5 17.69 -14.96 -7.75
C VAL A 5 16.63 -15.08 -6.63
N ILE A 6 17.00 -15.68 -5.52
CA ILE A 6 16.03 -15.83 -4.37
C ILE A 6 15.60 -14.43 -3.90
N LEU A 7 16.54 -13.51 -3.77
CA LEU A 7 16.19 -12.12 -3.34
C LEU A 7 15.30 -11.45 -4.41
N LEU A 8 15.50 -11.77 -5.67
CA LEU A 8 14.66 -11.17 -6.75
C LEU A 8 13.31 -11.91 -6.90
N THR A 9 12.98 -12.80 -5.99
CA THR A 9 11.69 -13.55 -6.08
C THR A 9 10.70 -13.01 -5.04
N CYS A 10 11.16 -12.74 -3.84
CA CYS A 10 10.24 -12.21 -2.77
C CYS A 10 10.25 -10.68 -2.76
N ALA A 11 11.38 -10.05 -3.04
CA ALA A 11 11.44 -8.55 -3.04
C ALA A 11 11.21 -7.98 -4.45
N ILE A 12 10.57 -8.72 -5.34
CA ILE A 12 10.32 -8.22 -6.73
C ILE A 12 9.25 -7.10 -6.69
N HIS A 13 9.45 -6.08 -7.50
CA HIS A 13 8.50 -4.91 -7.57
C HIS A 13 8.29 -4.26 -6.18
N PRO A 14 9.38 -3.80 -5.59
CA PRO A 14 9.31 -3.14 -4.24
C PRO A 14 8.71 -1.72 -4.35
N GLU A 15 9.09 -0.96 -5.36
CA GLU A 15 8.56 0.43 -5.52
C GLU A 15 7.04 0.42 -5.75
N LEU A 16 6.58 -0.51 -6.53
CA LEU A 16 5.11 -0.62 -6.83
C LEU A 16 4.35 -0.88 -5.52
N ILE A 17 4.85 -1.76 -4.69
CA ILE A 17 4.18 -2.07 -3.38
C ILE A 17 4.34 -0.85 -2.45
N PHE A 18 5.52 -0.26 -2.45
CA PHE A 18 5.79 0.95 -1.59
C PHE A 18 4.81 2.08 -1.92
N THR A 19 4.59 2.34 -3.19
CA THR A 19 3.65 3.43 -3.61
C THR A 19 2.25 3.15 -3.02
N ILE A 20 1.81 1.91 -3.05
CA ILE A 20 0.46 1.56 -2.48
C ILE A 20 0.46 1.83 -0.97
N THR A 21 1.52 1.47 -0.26
CA THR A 21 1.57 1.71 1.23
C THR A 21 1.47 3.23 1.52
N LYS A 22 2.13 4.05 0.74
CA LYS A 22 2.08 5.53 0.95
C LYS A 22 0.62 6.01 0.85
N ILE A 23 -0.14 5.44 -0.06
CA ILE A 23 -1.58 5.83 -0.21
C ILE A 23 -2.45 5.03 0.78
N LEU A 24 -2.02 3.83 1.13
CA LEU A 24 -2.79 2.98 2.09
C LEU A 24 -3.01 3.72 3.41
N LEU A 25 -1.99 4.32 3.97
CA LEU A 25 -2.16 5.07 5.26
C LEU A 25 -3.08 6.28 5.06
N ALA A 26 -3.10 6.82 3.86
CA ALA A 26 -3.97 8.00 3.54
C ALA A 26 -5.43 7.53 3.37
N ILE A 27 -5.60 6.32 2.90
CA ILE A 27 -6.96 5.73 2.69
C ILE A 27 -7.10 4.55 3.66
N LEU A 28 -6.91 4.80 4.94
CA LEU A 28 -7.01 3.71 5.96
C LEU A 28 -8.37 3.75 6.67
N GLY A 29 -8.69 4.82 7.37
CA GLY A 29 -10.01 4.91 8.07
C GLY A 29 -9.91 5.80 9.33
N PRO A 30 -9.01 5.46 10.24
CA PRO A 30 -8.83 6.23 11.49
C PRO A 30 -7.81 7.38 11.34
N LEU A 31 -7.65 7.92 10.15
CA LEU A 31 -6.67 9.04 9.95
C LEU A 31 -7.13 10.28 10.73
N MET A 32 -8.40 10.60 10.66
CA MET A 32 -8.93 11.80 11.39
C MET A 32 -9.02 11.46 12.89
N VAL A 33 -9.34 10.22 13.23
CA VAL A 33 -9.44 9.81 14.67
C VAL A 33 -8.08 10.02 15.37
N LEU A 34 -6.99 9.74 14.67
CA LEU A 34 -5.63 9.92 15.29
C LEU A 34 -5.14 11.37 15.19
N GLN A 35 -5.94 12.28 14.69
CA GLN A 35 -5.52 13.72 14.59
C GLN A 35 -6.64 14.67 15.05
N ALA A 36 -7.56 14.19 15.86
CA ALA A 36 -8.67 15.07 16.35
C ALA A 36 -8.29 15.65 17.72
N GLY A 37 -7.70 16.82 17.72
CA GLY A 37 -7.28 17.46 19.01
C GLY A 37 -5.76 17.39 19.17
N ILE A 38 -5.16 16.26 18.85
CA ILE A 38 -3.67 16.11 18.98
C ILE A 38 -2.99 16.77 17.77
N THR A 39 -2.90 18.08 17.78
CA THR A 39 -2.25 18.82 16.65
C THR A 39 -1.38 19.96 17.21
N LYS A 40 -0.61 19.67 18.24
CA LYS A 40 0.30 20.69 18.89
C LYS A 40 -0.47 21.97 19.28
N GLY A 1 0.83 -23.30 -9.46
CA GLY A 1 0.21 -21.95 -9.50
C GLY A 1 0.52 -21.28 -10.84
N ARG A 2 -0.42 -21.22 -11.73
CA ARG A 2 -0.20 -20.58 -13.06
C ARG A 2 -1.16 -19.40 -13.25
N ASP A 3 -1.11 -18.77 -14.41
CA ASP A 3 -1.99 -17.59 -14.72
C ASP A 3 -1.79 -16.46 -13.69
N ALA A 4 -0.58 -16.33 -13.19
CA ALA A 4 -0.24 -15.27 -12.18
C ALA A 4 1.27 -15.26 -11.92
N VAL A 5 1.82 -16.41 -11.58
CA VAL A 5 3.30 -16.52 -11.31
C VAL A 5 4.09 -16.13 -12.57
N ILE A 6 3.62 -16.50 -13.74
CA ILE A 6 4.33 -16.15 -15.02
C ILE A 6 4.39 -14.62 -15.13
N LEU A 7 3.30 -13.95 -14.85
CA LEU A 7 3.28 -12.45 -14.92
C LEU A 7 4.17 -11.85 -13.83
N LEU A 8 4.23 -12.46 -12.66
CA LEU A 8 5.08 -11.91 -11.56
C LEU A 8 6.58 -12.19 -11.79
N THR A 9 6.94 -12.81 -12.89
CA THR A 9 8.38 -13.10 -13.18
C THR A 9 8.89 -12.07 -14.21
N CYS A 10 8.20 -11.90 -15.30
CA CYS A 10 8.64 -10.92 -16.35
C CYS A 10 7.93 -9.57 -16.18
N ALA A 11 6.68 -9.57 -15.78
CA ALA A 11 5.93 -8.27 -15.59
C ALA A 11 5.89 -7.88 -14.11
N ILE A 12 7.01 -8.00 -13.43
CA ILE A 12 7.07 -7.64 -11.98
C ILE A 12 7.36 -6.13 -11.81
N HIS A 13 6.72 -5.50 -10.86
CA HIS A 13 6.94 -4.04 -10.63
C HIS A 13 6.78 -3.72 -9.13
N PRO A 14 7.88 -3.69 -8.42
CA PRO A 14 7.87 -3.39 -6.95
C PRO A 14 7.47 -1.93 -6.67
N GLU A 15 7.70 -1.03 -7.61
CA GLU A 15 7.33 0.42 -7.41
C GLU A 15 5.86 0.62 -7.02
N LEU A 16 5.00 -0.27 -7.44
CA LEU A 16 3.55 -0.16 -7.09
C LEU A 16 3.34 -0.52 -5.62
N ILE A 17 4.00 -1.56 -5.15
CA ILE A 17 3.86 -1.97 -3.71
C ILE A 17 4.38 -0.84 -2.81
N PHE A 18 5.41 -0.14 -3.22
CA PHE A 18 5.96 0.99 -2.41
C PHE A 18 5.00 2.18 -2.43
N THR A 19 4.28 2.39 -3.52
CA THR A 19 3.32 3.54 -3.60
C THR A 19 2.07 3.24 -2.75
N ILE A 20 1.56 2.03 -2.80
CA ILE A 20 0.34 1.67 -2.02
C ILE A 20 0.62 1.76 -0.51
N THR A 21 1.73 1.24 -0.03
CA THR A 21 2.04 1.31 1.44
C THR A 21 2.21 2.77 1.89
N LYS A 22 2.69 3.65 1.02
CA LYS A 22 2.86 5.08 1.42
C LYS A 22 1.48 5.76 1.49
N ILE A 23 0.60 5.44 0.55
CA ILE A 23 -0.77 6.05 0.54
C ILE A 23 -1.79 5.08 1.19
N LEU A 24 -1.35 4.01 1.84
CA LEU A 24 -2.31 3.05 2.48
C LEU A 24 -3.20 3.76 3.51
N LEU A 25 -2.64 4.63 4.32
CA LEU A 25 -3.48 5.36 5.32
C LEU A 25 -4.15 6.60 4.68
N ALA A 26 -4.02 6.76 3.38
CA ALA A 26 -4.65 7.92 2.67
C ALA A 26 -5.64 7.41 1.60
N ILE A 27 -6.02 6.14 1.68
CA ILE A 27 -6.97 5.55 0.70
C ILE A 27 -8.24 5.08 1.43
N LEU A 28 -8.08 4.41 2.56
CA LEU A 28 -9.26 3.92 3.34
C LEU A 28 -9.73 5.01 4.30
N GLY A 29 -8.96 5.32 5.32
CA GLY A 29 -9.36 6.38 6.31
C GLY A 29 -9.34 5.86 7.75
N PRO A 30 -10.02 4.77 8.01
CA PRO A 30 -10.09 4.18 9.38
C PRO A 30 -9.00 3.12 9.64
N LEU A 31 -7.91 3.13 8.89
CA LEU A 31 -6.83 2.11 9.11
C LEU A 31 -6.23 2.28 10.52
N MET A 32 -6.00 3.51 10.94
CA MET A 32 -5.44 3.75 12.30
C MET A 32 -6.53 3.51 13.36
N VAL A 33 -7.75 3.93 13.09
CA VAL A 33 -8.88 3.73 14.05
C VAL A 33 -9.14 2.22 14.28
N LEU A 34 -8.85 1.39 13.30
CA LEU A 34 -9.08 -0.09 13.46
C LEU A 34 -7.83 -0.82 13.99
N GLN A 35 -6.81 -0.10 14.42
CA GLN A 35 -5.57 -0.76 14.92
C GLN A 35 -4.91 0.08 16.05
N ALA A 36 -5.68 0.88 16.77
CA ALA A 36 -5.08 1.71 17.87
C ALA A 36 -5.42 1.10 19.24
N GLY A 37 -6.69 0.91 19.52
CA GLY A 37 -7.12 0.33 20.83
C GLY A 37 -7.93 -0.94 20.58
N ILE A 38 -7.37 -1.89 19.85
CA ILE A 38 -8.11 -3.16 19.55
C ILE A 38 -7.90 -4.21 20.67
N THR A 39 -8.43 -3.95 21.84
CA THR A 39 -8.28 -4.91 22.98
C THR A 39 -9.60 -5.63 23.28
N LYS A 40 -10.70 -4.95 23.09
CA LYS A 40 -12.05 -5.55 23.35
C LYS A 40 -12.83 -5.67 22.03
N GLY A 1 8.81 -24.31 1.46
CA GLY A 1 10.03 -24.65 0.68
C GLY A 1 11.23 -23.86 1.18
N ARG A 2 12.41 -24.15 0.68
CA ARG A 2 13.65 -23.41 1.11
C ARG A 2 14.54 -23.11 -0.10
N ASP A 3 15.56 -22.31 0.11
CA ASP A 3 16.53 -21.92 -0.98
C ASP A 3 15.79 -21.26 -2.16
N ALA A 4 14.78 -20.47 -1.85
CA ALA A 4 13.97 -19.76 -2.89
C ALA A 4 12.94 -18.86 -2.19
N VAL A 5 12.21 -19.41 -1.24
CA VAL A 5 11.18 -18.63 -0.48
C VAL A 5 11.85 -17.46 0.28
N ILE A 6 12.99 -17.72 0.88
CA ILE A 6 13.73 -16.64 1.64
C ILE A 6 14.06 -15.49 0.67
N LEU A 7 14.56 -15.81 -0.51
CA LEU A 7 14.90 -14.75 -1.51
C LEU A 7 13.63 -14.01 -1.93
N LEU A 8 12.52 -14.73 -2.05
CA LEU A 8 11.22 -14.08 -2.44
C LEU A 8 10.80 -13.04 -1.41
N THR A 9 10.96 -13.37 -0.16
CA THR A 9 10.59 -12.43 0.96
C THR A 9 11.58 -11.25 1.01
N CYS A 10 12.83 -11.48 0.70
CA CYS A 10 13.85 -10.37 0.73
C CYS A 10 13.48 -9.29 -0.30
N ALA A 11 13.03 -9.68 -1.47
CA ALA A 11 12.66 -8.68 -2.52
C ALA A 11 11.17 -8.28 -2.36
N ILE A 12 10.30 -9.25 -2.18
CA ILE A 12 8.83 -9.01 -2.01
C ILE A 12 8.21 -8.19 -3.16
N HIS A 13 8.83 -8.18 -4.33
CA HIS A 13 8.32 -7.42 -5.51
C HIS A 13 8.12 -5.93 -5.16
N PRO A 14 9.22 -5.21 -5.09
CA PRO A 14 9.17 -3.75 -4.74
C PRO A 14 8.66 -2.92 -5.94
N GLU A 15 8.76 -1.61 -5.84
CA GLU A 15 8.30 -0.69 -6.93
C GLU A 15 6.81 -0.89 -7.20
N LEU A 16 6.05 -0.98 -6.14
CA LEU A 16 4.57 -1.18 -6.19
C LEU A 16 4.04 -1.10 -4.75
N ILE A 17 4.53 -1.96 -3.89
CA ILE A 17 4.11 -1.98 -2.45
C ILE A 17 4.46 -0.63 -1.80
N PHE A 18 5.53 0.02 -2.23
CA PHE A 18 5.93 1.35 -1.65
C PHE A 18 4.92 2.43 -2.06
N THR A 19 4.54 2.46 -3.32
CA THR A 19 3.56 3.48 -3.80
C THR A 19 2.16 3.17 -3.24
N ILE A 20 1.77 1.91 -3.23
CA ILE A 20 0.42 1.54 -2.70
C ILE A 20 0.37 1.80 -1.18
N THR A 21 1.35 1.37 -0.41
CA THR A 21 1.31 1.63 1.06
C THR A 21 1.35 3.13 1.36
N LYS A 22 2.00 3.93 0.52
CA LYS A 22 2.05 5.41 0.76
C LYS A 22 0.63 5.97 0.75
N ILE A 23 -0.19 5.50 -0.15
CA ILE A 23 -1.61 5.97 -0.24
C ILE A 23 -2.49 5.14 0.71
N LEU A 24 -2.14 3.89 0.92
CA LEU A 24 -2.92 2.98 1.85
C LEU A 24 -3.03 3.61 3.24
N LEU A 25 -1.93 4.06 3.81
CA LEU A 25 -1.98 4.69 5.18
C LEU A 25 -2.67 6.06 5.15
N ALA A 26 -2.91 6.60 3.98
CA ALA A 26 -3.60 7.93 3.86
C ALA A 26 -5.11 7.76 3.61
N ILE A 27 -5.59 6.54 3.51
CA ILE A 27 -7.04 6.29 3.28
C ILE A 27 -7.64 5.48 4.45
N LEU A 28 -6.97 4.42 4.86
CA LEU A 28 -7.45 3.57 5.99
C LEU A 28 -7.69 4.41 7.26
N GLY A 29 -6.78 5.29 7.59
CA GLY A 29 -6.95 6.15 8.82
C GLY A 29 -6.67 5.31 10.07
N PRO A 30 -5.41 5.11 10.37
CA PRO A 30 -5.01 4.31 11.57
C PRO A 30 -5.49 4.95 12.89
N LEU A 31 -5.54 6.26 12.96
CA LEU A 31 -6.01 6.94 14.21
C LEU A 31 -7.47 6.53 14.50
N MET A 32 -8.30 6.49 13.48
CA MET A 32 -9.73 6.09 13.66
C MET A 32 -9.83 4.57 13.74
N VAL A 33 -9.09 3.86 12.91
CA VAL A 33 -9.13 2.35 12.93
C VAL A 33 -8.70 1.83 14.32
N LEU A 34 -7.77 2.50 14.98
CA LEU A 34 -7.32 2.04 16.33
C LEU A 34 -8.33 2.44 17.44
N GLN A 35 -9.46 3.00 17.07
CA GLN A 35 -10.47 3.41 18.09
C GLN A 35 -11.86 2.83 17.75
N ALA A 36 -11.89 1.72 17.03
CA ALA A 36 -13.21 1.10 16.66
C ALA A 36 -13.72 0.25 17.83
N GLY A 37 -14.30 0.89 18.82
CA GLY A 37 -14.82 0.15 20.02
C GLY A 37 -13.66 -0.37 20.87
N ILE A 38 -12.58 0.37 20.95
CA ILE A 38 -11.40 -0.08 21.77
C ILE A 38 -11.25 0.81 23.00
N THR A 39 -11.50 0.25 24.18
CA THR A 39 -11.39 1.00 25.48
C THR A 39 -11.97 2.42 25.40
N LYS A 40 -13.23 2.52 25.05
CA LYS A 40 -13.88 3.86 24.93
C LYS A 40 -14.39 4.31 26.31
N GLY A 1 1.52 -23.40 -0.94
CA GLY A 1 0.09 -23.27 -0.53
C GLY A 1 -0.41 -21.85 -0.84
N ARG A 2 -0.97 -21.18 0.14
CA ARG A 2 -1.46 -19.78 -0.09
C ARG A 2 -0.86 -18.81 0.95
N ASP A 3 0.29 -19.14 1.49
CA ASP A 3 0.94 -18.26 2.50
C ASP A 3 2.31 -17.81 1.97
N ALA A 4 3.14 -18.74 1.58
CA ALA A 4 4.49 -18.39 1.03
C ALA A 4 4.39 -17.90 -0.43
N VAL A 5 3.40 -18.35 -1.17
CA VAL A 5 3.24 -17.91 -2.59
C VAL A 5 3.02 -16.38 -2.66
N ILE A 6 2.12 -15.85 -1.86
CA ILE A 6 1.88 -14.37 -1.88
C ILE A 6 3.14 -13.66 -1.37
N LEU A 7 3.84 -14.25 -0.42
CA LEU A 7 5.10 -13.61 0.09
C LEU A 7 6.19 -13.67 -1.00
N LEU A 8 6.16 -14.68 -1.85
CA LEU A 8 7.18 -14.81 -2.94
C LEU A 8 6.78 -14.01 -4.20
N THR A 9 5.77 -13.17 -4.14
CA THR A 9 5.36 -12.37 -5.34
C THR A 9 5.66 -10.88 -5.15
N CYS A 10 5.60 -10.37 -3.93
CA CYS A 10 5.87 -8.92 -3.67
C CYS A 10 7.32 -8.54 -4.07
N ALA A 11 8.25 -9.45 -3.96
CA ALA A 11 9.68 -9.17 -4.35
C ALA A 11 9.78 -8.69 -5.80
N ILE A 12 8.91 -9.17 -6.67
CA ILE A 12 8.94 -8.73 -8.11
C ILE A 12 8.25 -7.37 -8.22
N HIS A 13 8.95 -6.37 -8.73
CA HIS A 13 8.37 -5.00 -8.89
C HIS A 13 7.87 -4.45 -7.54
N PRO A 14 8.77 -4.35 -6.58
CA PRO A 14 8.40 -3.84 -5.23
C PRO A 14 8.12 -2.33 -5.24
N GLU A 15 8.58 -1.60 -6.23
CA GLU A 15 8.34 -0.12 -6.28
C GLU A 15 6.83 0.18 -6.26
N LEU A 16 6.07 -0.59 -6.98
CA LEU A 16 4.59 -0.41 -7.03
C LEU A 16 3.99 -0.69 -5.64
N ILE A 17 4.47 -1.73 -4.98
CA ILE A 17 3.96 -2.07 -3.62
C ILE A 17 4.48 -1.04 -2.59
N PHE A 18 5.62 -0.43 -2.85
CA PHE A 18 6.16 0.59 -1.90
C PHE A 18 5.32 1.87 -1.97
N THR A 19 4.89 2.26 -3.15
CA THR A 19 4.05 3.49 -3.31
C THR A 19 2.62 3.24 -2.77
N ILE A 20 2.07 2.07 -2.99
CA ILE A 20 0.69 1.77 -2.48
C ILE A 20 0.64 1.88 -0.93
N THR A 21 1.75 1.67 -0.26
CA THR A 21 1.78 1.78 1.25
C THR A 21 1.38 3.21 1.65
N LYS A 22 1.87 4.21 0.95
CA LYS A 22 1.52 5.63 1.28
C LYS A 22 0.01 5.84 1.08
N ILE A 23 -0.52 5.37 -0.03
CA ILE A 23 -2.00 5.52 -0.30
C ILE A 23 -2.79 4.81 0.80
N LEU A 24 -2.34 3.63 1.22
CA LEU A 24 -3.06 2.88 2.30
C LEU A 24 -3.05 3.73 3.59
N LEU A 25 -1.97 4.41 3.86
CA LEU A 25 -1.89 5.27 5.09
C LEU A 25 -2.64 6.60 4.90
N ALA A 26 -3.19 6.83 3.72
CA ALA A 26 -3.96 8.08 3.44
C ALA A 26 -5.47 7.80 3.37
N ILE A 27 -5.86 6.55 3.33
CA ILE A 27 -7.30 6.18 3.27
C ILE A 27 -7.81 5.80 4.67
N LEU A 28 -7.04 5.02 5.39
CA LEU A 28 -7.44 4.60 6.78
C LEU A 28 -7.45 5.79 7.75
N GLY A 29 -6.65 6.82 7.49
CA GLY A 29 -6.61 8.01 8.38
C GLY A 29 -7.99 8.66 8.49
N PRO A 30 -8.50 9.16 7.38
CA PRO A 30 -9.85 9.81 7.36
C PRO A 30 -10.99 8.78 7.44
N LEU A 31 -10.70 7.50 7.51
CA LEU A 31 -11.78 6.46 7.60
C LEU A 31 -12.64 6.69 8.85
N MET A 32 -12.03 6.83 10.01
CA MET A 32 -12.82 7.06 11.26
C MET A 32 -13.59 8.38 11.16
N VAL A 33 -13.01 9.39 10.56
CA VAL A 33 -13.70 10.71 10.40
C VAL A 33 -14.98 10.52 9.56
N LEU A 34 -14.95 9.61 8.61
CA LEU A 34 -16.16 9.37 7.75
C LEU A 34 -17.17 8.43 8.46
N GLN A 35 -16.92 8.07 9.70
CA GLN A 35 -17.84 7.18 10.45
C GLN A 35 -18.28 7.83 11.78
N ALA A 36 -18.20 9.14 11.88
CA ALA A 36 -18.63 9.83 13.14
C ALA A 36 -20.15 10.08 13.11
N GLY A 37 -20.92 9.02 13.22
CA GLY A 37 -22.41 9.16 13.20
C GLY A 37 -22.89 9.12 11.75
N ILE A 38 -22.91 7.95 11.15
CA ILE A 38 -23.38 7.83 9.72
C ILE A 38 -24.91 7.87 9.65
N THR A 39 -25.50 8.96 10.07
CA THR A 39 -27.00 9.11 10.06
C THR A 39 -27.36 10.60 9.88
N LYS A 40 -26.94 11.20 8.80
CA LYS A 40 -27.24 12.64 8.54
C LYS A 40 -27.51 12.88 7.05
N GLY A 1 15.78 -18.70 0.05
CA GLY A 1 14.83 -18.50 -1.09
C GLY A 1 15.37 -17.43 -2.03
N ARG A 2 15.78 -17.82 -3.23
CA ARG A 2 16.33 -16.82 -4.21
C ARG A 2 15.33 -16.62 -5.36
N ASP A 3 14.07 -16.51 -5.04
CA ASP A 3 13.01 -16.30 -6.08
C ASP A 3 12.53 -14.84 -6.07
N ALA A 4 12.27 -14.31 -4.89
CA ALA A 4 11.79 -12.89 -4.78
C ALA A 4 12.93 -11.88 -5.05
N VAL A 5 14.15 -12.20 -4.70
CA VAL A 5 15.29 -11.24 -4.94
C VAL A 5 15.62 -11.16 -6.44
N ILE A 6 15.73 -12.30 -7.10
CA ILE A 6 16.05 -12.30 -8.57
C ILE A 6 14.98 -11.51 -9.33
N LEU A 7 13.72 -11.68 -8.99
CA LEU A 7 12.63 -10.93 -9.67
C LEU A 7 12.77 -9.43 -9.40
N LEU A 8 13.18 -9.05 -8.22
CA LEU A 8 13.35 -7.60 -7.88
C LEU A 8 14.59 -6.99 -8.58
N THR A 9 15.39 -7.80 -9.23
CA THR A 9 16.61 -7.28 -9.94
C THR A 9 16.24 -6.87 -11.36
N CYS A 10 15.60 -7.75 -12.11
CA CYS A 10 15.21 -7.44 -13.51
C CYS A 10 13.81 -6.80 -13.55
N ALA A 11 12.89 -7.30 -12.77
CA ALA A 11 11.50 -6.73 -12.76
C ALA A 11 11.34 -5.79 -11.55
N ILE A 12 12.32 -4.94 -11.32
CA ILE A 12 12.29 -3.97 -10.18
C ILE A 12 11.15 -2.94 -10.37
N HIS A 13 10.34 -2.74 -9.35
CA HIS A 13 9.22 -1.75 -9.45
C HIS A 13 8.77 -1.30 -8.04
N PRO A 14 9.66 -0.61 -7.35
CA PRO A 14 9.35 -0.11 -5.97
C PRO A 14 8.33 1.03 -6.00
N GLU A 15 8.31 1.82 -7.06
CA GLU A 15 7.35 2.97 -7.16
C GLU A 15 5.87 2.52 -7.17
N LEU A 16 5.60 1.24 -7.21
CA LEU A 16 4.19 0.75 -7.20
C LEU A 16 3.94 -0.07 -5.92
N ILE A 17 4.80 -1.02 -5.61
CA ILE A 17 4.62 -1.85 -4.38
C ILE A 17 4.96 -1.05 -3.10
N PHE A 18 5.77 -0.01 -3.21
CA PHE A 18 6.11 0.79 -1.99
C PHE A 18 5.07 1.90 -1.82
N THR A 19 4.69 2.54 -2.91
CA THR A 19 3.66 3.64 -2.83
C THR A 19 2.30 3.09 -2.40
N ILE A 20 1.98 1.85 -2.71
CA ILE A 20 0.66 1.26 -2.29
C ILE A 20 0.47 1.39 -0.77
N THR A 21 1.54 1.25 -0.02
CA THR A 21 1.48 1.37 1.48
C THR A 21 1.19 2.83 1.84
N LYS A 22 1.83 3.77 1.16
CA LYS A 22 1.61 5.22 1.44
C LYS A 22 0.14 5.57 1.17
N ILE A 23 -0.42 5.08 0.07
CA ILE A 23 -1.86 5.37 -0.25
C ILE A 23 -2.75 4.81 0.86
N LEU A 24 -2.41 3.64 1.39
CA LEU A 24 -3.21 3.04 2.50
C LEU A 24 -3.24 3.99 3.70
N LEU A 25 -2.11 4.60 4.00
CA LEU A 25 -2.05 5.57 5.15
C LEU A 25 -2.66 6.93 4.76
N ALA A 26 -3.04 7.10 3.52
CA ALA A 26 -3.66 8.37 3.04
C ALA A 26 -5.12 8.16 2.62
N ILE A 27 -5.65 6.97 2.80
CA ILE A 27 -7.07 6.68 2.42
C ILE A 27 -7.98 6.66 3.67
N LEU A 28 -7.45 6.27 4.81
CA LEU A 28 -8.29 6.25 6.06
C LEU A 28 -8.66 7.67 6.49
N GLY A 29 -7.82 8.63 6.20
CA GLY A 29 -8.10 10.06 6.58
C GLY A 29 -7.07 10.55 7.60
N PRO A 30 -5.83 10.70 7.17
CA PRO A 30 -4.75 11.17 8.09
C PRO A 30 -4.96 12.64 8.49
N LEU A 31 -5.26 13.49 7.53
CA LEU A 31 -5.49 14.95 7.83
C LEU A 31 -6.73 15.10 8.72
N MET A 32 -7.75 14.32 8.47
CA MET A 32 -9.00 14.40 9.29
C MET A 32 -8.69 14.06 10.75
N VAL A 33 -7.92 13.02 10.98
CA VAL A 33 -7.55 12.64 12.40
C VAL A 33 -6.68 13.75 13.01
N LEU A 34 -5.81 14.35 12.22
CA LEU A 34 -4.93 15.44 12.74
C LEU A 34 -5.72 16.71 13.11
N GLN A 35 -6.95 16.82 12.66
CA GLN A 35 -7.77 18.02 12.98
C GLN A 35 -9.08 17.63 13.70
N ALA A 36 -9.16 16.43 14.23
CA ALA A 36 -10.40 16.01 14.95
C ALA A 36 -10.16 16.12 16.46
N GLY A 37 -9.24 15.35 16.99
CA GLY A 37 -8.95 15.41 18.45
C GLY A 37 -7.89 16.48 18.73
N ILE A 38 -6.91 16.64 17.85
CA ILE A 38 -5.81 17.65 18.01
C ILE A 38 -5.25 17.72 19.45
N THR A 39 -5.07 16.58 20.09
CA THR A 39 -4.52 16.56 21.49
C THR A 39 -3.13 15.91 21.47
N LYS A 40 -2.26 16.37 20.59
CA LYS A 40 -0.87 15.79 20.48
C LYS A 40 0.09 16.75 19.77
N GLY A 1 16.28 -12.78 13.59
CA GLY A 1 17.18 -11.62 13.30
C GLY A 1 16.56 -10.75 12.21
N ARG A 2 16.90 -9.48 12.19
CA ARG A 2 16.35 -8.56 11.15
C ARG A 2 17.47 -8.15 10.17
N ASP A 3 17.28 -7.07 9.43
CA ASP A 3 18.31 -6.58 8.45
C ASP A 3 18.79 -7.72 7.52
N ALA A 4 17.92 -8.66 7.23
CA ALA A 4 18.26 -9.82 6.35
C ALA A 4 16.97 -10.60 6.06
N VAL A 5 16.29 -11.06 7.09
CA VAL A 5 15.02 -11.81 6.91
C VAL A 5 13.94 -10.85 6.38
N ILE A 6 13.77 -9.72 7.04
CA ILE A 6 12.74 -8.72 6.57
C ILE A 6 13.12 -8.23 5.16
N LEU A 7 14.38 -7.99 4.91
CA LEU A 7 14.81 -7.53 3.55
C LEU A 7 14.51 -8.62 2.51
N LEU A 8 14.75 -9.88 2.85
CA LEU A 8 14.47 -11.00 1.90
C LEU A 8 12.99 -11.04 1.49
N THR A 9 12.13 -10.54 2.33
CA THR A 9 10.66 -10.52 2.03
C THR A 9 10.27 -9.15 1.47
N CYS A 10 10.79 -8.08 2.03
CA CYS A 10 10.46 -6.70 1.55
C CYS A 10 11.06 -6.44 0.15
N ALA A 11 12.17 -7.06 -0.18
CA ALA A 11 12.81 -6.85 -1.52
C ALA A 11 11.86 -7.24 -2.68
N ILE A 12 10.98 -8.20 -2.48
CA ILE A 12 10.05 -8.61 -3.57
C ILE A 12 8.94 -7.56 -3.74
N HIS A 13 8.76 -7.09 -4.95
CA HIS A 13 7.72 -6.05 -5.28
C HIS A 13 7.85 -4.81 -4.37
N PRO A 14 8.98 -4.13 -4.46
CA PRO A 14 9.22 -2.92 -3.63
C PRO A 14 8.52 -1.68 -4.21
N GLU A 15 8.64 -1.46 -5.50
CA GLU A 15 7.97 -0.26 -6.14
C GLU A 15 6.45 -0.28 -5.98
N LEU A 16 5.87 -1.44 -5.93
CA LEU A 16 4.38 -1.55 -5.78
C LEU A 16 3.98 -1.20 -4.33
N ILE A 17 4.67 -1.75 -3.35
CA ILE A 17 4.35 -1.45 -1.92
C ILE A 17 4.67 0.02 -1.63
N PHE A 18 5.77 0.52 -2.14
CA PHE A 18 6.17 1.95 -1.92
C PHE A 18 5.09 2.91 -2.46
N THR A 19 4.28 2.46 -3.40
CA THR A 19 3.20 3.34 -3.97
C THR A 19 1.84 3.01 -3.34
N ILE A 20 1.53 1.74 -3.20
CA ILE A 20 0.20 1.33 -2.61
C ILE A 20 0.16 1.57 -1.09
N THR A 21 1.08 1.02 -0.33
CA THR A 21 1.07 1.23 1.16
C THR A 21 1.15 2.72 1.51
N LYS A 22 1.88 3.51 0.75
CA LYS A 22 1.97 4.97 1.05
C LYS A 22 0.61 5.65 0.86
N ILE A 23 -0.13 5.27 -0.16
CA ILE A 23 -1.48 5.89 -0.40
C ILE A 23 -2.52 5.21 0.52
N LEU A 24 -2.40 3.91 0.73
CA LEU A 24 -3.36 3.18 1.61
C LEU A 24 -3.29 3.75 3.05
N LEU A 25 -2.11 3.92 3.58
CA LEU A 25 -1.98 4.47 4.97
C LEU A 25 -2.41 5.95 5.03
N ALA A 26 -2.41 6.61 3.90
CA ALA A 26 -2.83 8.06 3.85
C ALA A 26 -4.36 8.19 3.76
N ILE A 27 -5.04 7.15 3.38
CA ILE A 27 -6.53 7.19 3.26
C ILE A 27 -7.17 6.37 4.40
N LEU A 28 -6.72 5.15 4.60
CA LEU A 28 -7.28 4.30 5.69
C LEU A 28 -6.39 4.35 6.93
N GLY A 29 -5.09 4.15 6.76
CA GLY A 29 -4.15 4.19 7.92
C GLY A 29 -4.30 2.91 8.76
N PRO A 30 -3.97 1.77 8.18
CA PRO A 30 -4.09 0.47 8.90
C PRO A 30 -3.05 0.34 10.03
N LEU A 31 -1.93 1.03 9.95
CA LEU A 31 -0.89 0.93 11.03
C LEU A 31 -1.48 1.36 12.38
N MET A 32 -2.26 2.43 12.40
CA MET A 32 -2.88 2.90 13.68
C MET A 32 -4.08 2.01 14.01
N VAL A 33 -4.86 1.64 13.02
CA VAL A 33 -6.05 0.76 13.27
C VAL A 33 -5.60 -0.61 13.82
N LEU A 34 -4.46 -1.10 13.40
CA LEU A 34 -3.97 -2.43 13.91
C LEU A 34 -3.21 -2.28 15.25
N GLN A 35 -3.30 -1.15 15.90
CA GLN A 35 -2.59 -0.94 17.21
C GLN A 35 -3.55 -0.36 18.26
N ALA A 36 -4.85 -0.54 18.11
CA ALA A 36 -5.82 0.00 19.10
C ALA A 36 -6.58 -1.16 19.77
N GLY A 37 -6.16 -1.56 20.94
CA GLY A 37 -6.85 -2.68 21.65
C GLY A 37 -6.10 -4.01 21.43
N ILE A 38 -5.40 -4.16 20.32
CA ILE A 38 -4.63 -5.42 20.05
C ILE A 38 -3.37 -5.44 20.92
N THR A 39 -3.55 -5.78 22.18
CA THR A 39 -2.40 -5.85 23.15
C THR A 39 -2.64 -6.99 24.16
N LYS A 40 -3.06 -8.15 23.67
CA LYS A 40 -3.32 -9.31 24.59
C LYS A 40 -2.41 -10.48 24.24
N GLY A 1 14.46 -7.81 13.96
CA GLY A 1 15.26 -7.19 12.86
C GLY A 1 14.32 -6.65 11.77
N ARG A 2 14.55 -5.43 11.33
CA ARG A 2 13.68 -4.81 10.27
C ARG A 2 14.54 -4.37 9.07
N ASP A 3 15.72 -4.90 8.93
CA ASP A 3 16.62 -4.51 7.79
C ASP A 3 16.72 -5.65 6.78
N ALA A 4 16.93 -6.87 7.23
CA ALA A 4 17.02 -8.04 6.30
C ALA A 4 15.61 -8.57 6.00
N VAL A 5 14.75 -8.59 6.99
CA VAL A 5 13.35 -9.09 6.79
C VAL A 5 12.61 -8.18 5.79
N ILE A 6 12.76 -6.88 5.92
CA ILE A 6 12.07 -5.93 4.97
C ILE A 6 12.66 -6.11 3.56
N LEU A 7 13.94 -6.37 3.44
CA LEU A 7 14.57 -6.57 2.10
C LEU A 7 14.13 -7.92 1.51
N LEU A 8 13.93 -8.92 2.35
CA LEU A 8 13.51 -10.26 1.86
C LEU A 8 12.01 -10.23 1.53
N THR A 9 11.18 -10.07 2.54
CA THR A 9 9.68 -10.02 2.35
C THR A 9 9.21 -11.05 1.32
N CYS A 10 9.59 -12.31 1.53
CA CYS A 10 9.22 -13.42 0.59
C CYS A 10 9.74 -13.09 -0.82
N ALA A 11 10.92 -12.49 -0.88
CA ALA A 11 11.57 -12.09 -2.18
C ALA A 11 10.62 -11.22 -3.02
N ILE A 12 9.89 -10.35 -2.38
CA ILE A 12 8.93 -9.45 -3.10
C ILE A 12 9.69 -8.39 -3.91
N HIS A 13 9.05 -7.82 -4.90
CA HIS A 13 9.68 -6.76 -5.75
C HIS A 13 9.21 -5.38 -5.29
N PRO A 14 10.08 -4.71 -4.56
CA PRO A 14 9.77 -3.33 -4.03
C PRO A 14 9.59 -2.31 -5.16
N GLU A 15 9.58 -1.03 -4.83
CA GLU A 15 9.40 0.07 -5.85
C GLU A 15 8.05 -0.13 -6.56
N LEU A 16 7.04 -0.42 -5.77
CA LEU A 16 5.66 -0.65 -6.27
C LEU A 16 4.74 -0.76 -5.05
N ILE A 17 5.08 -1.64 -4.13
CA ILE A 17 4.27 -1.81 -2.88
C ILE A 17 4.40 -0.54 -2.03
N PHE A 18 5.57 0.06 -1.99
CA PHE A 18 5.77 1.32 -1.20
C PHE A 18 4.82 2.41 -1.72
N THR A 19 4.55 2.42 -3.01
CA THR A 19 3.62 3.44 -3.59
C THR A 19 2.20 3.12 -3.10
N ILE A 20 1.80 1.86 -3.15
CA ILE A 20 0.43 1.46 -2.69
C ILE A 20 0.32 1.69 -1.17
N THR A 21 1.34 1.37 -0.41
CA THR A 21 1.27 1.59 1.08
C THR A 21 1.16 3.09 1.37
N LYS A 22 1.73 3.95 0.54
CA LYS A 22 1.65 5.42 0.77
C LYS A 22 0.18 5.87 0.67
N ILE A 23 -0.54 5.35 -0.30
CA ILE A 23 -1.99 5.72 -0.47
C ILE A 23 -2.80 4.98 0.60
N LEU A 24 -2.46 3.74 0.89
CA LEU A 24 -3.19 2.96 1.94
C LEU A 24 -2.97 3.63 3.31
N LEU A 25 -1.77 4.11 3.58
CA LEU A 25 -1.49 4.78 4.88
C LEU A 25 -2.22 6.13 4.97
N ALA A 26 -2.46 6.74 3.84
CA ALA A 26 -3.18 8.06 3.79
C ALA A 26 -4.70 7.89 4.06
N ILE A 27 -5.20 6.68 3.94
CA ILE A 27 -6.65 6.43 4.18
C ILE A 27 -6.85 5.58 5.45
N LEU A 28 -6.14 4.49 5.58
CA LEU A 28 -6.28 3.61 6.80
C LEU A 28 -5.14 3.91 7.79
N GLY A 29 -3.92 3.75 7.36
CA GLY A 29 -2.74 4.01 8.25
C GLY A 29 -2.25 2.70 8.92
N PRO A 30 -1.88 1.71 8.13
CA PRO A 30 -1.39 0.42 8.70
C PRO A 30 0.02 0.54 9.29
N LEU A 31 0.94 1.18 8.58
CA LEU A 31 2.34 1.34 9.09
C LEU A 31 2.36 2.16 10.38
N MET A 32 1.50 3.15 10.52
CA MET A 32 1.48 3.98 11.77
C MET A 32 1.03 3.09 12.94
N VAL A 33 0.00 2.28 12.74
CA VAL A 33 -0.48 1.36 13.83
C VAL A 33 0.60 0.31 14.11
N LEU A 34 1.33 -0.12 13.08
CA LEU A 34 2.40 -1.15 13.29
C LEU A 34 3.72 -0.50 13.76
N GLN A 35 3.71 0.76 14.12
CA GLN A 35 4.94 1.46 14.59
C GLN A 35 4.68 2.13 15.96
N ALA A 36 3.69 1.67 16.70
CA ALA A 36 3.39 2.27 18.04
C ALA A 36 4.21 1.55 19.11
N GLY A 37 4.11 0.24 19.15
CA GLY A 37 4.88 -0.57 20.15
C GLY A 37 6.25 -0.96 19.56
N ILE A 38 6.41 -0.90 18.25
CA ILE A 38 7.71 -1.27 17.61
C ILE A 38 8.49 0.00 17.27
N THR A 39 9.69 0.14 17.81
CA THR A 39 10.53 1.35 17.53
C THR A 39 11.88 0.93 16.91
N LYS A 40 11.87 -0.08 16.07
CA LYS A 40 13.14 -0.56 15.43
C LYS A 40 12.84 -1.22 14.07
N GLY A 1 24.71 4.78 -12.14
CA GLY A 1 24.19 4.50 -10.77
C GLY A 1 24.24 2.99 -10.50
N ARG A 2 24.98 2.58 -9.49
CA ARG A 2 25.09 1.13 -9.15
C ARG A 2 24.56 0.83 -7.74
N ASP A 3 23.79 1.74 -7.17
CA ASP A 3 23.23 1.51 -5.80
C ASP A 3 21.76 1.09 -5.91
N ALA A 4 20.97 1.85 -6.62
CA ALA A 4 19.51 1.52 -6.80
C ALA A 4 19.34 0.12 -7.42
N VAL A 5 20.27 -0.28 -8.27
CA VAL A 5 20.18 -1.64 -8.92
C VAL A 5 20.25 -2.71 -7.81
N ILE A 6 21.17 -2.57 -6.88
CA ILE A 6 21.29 -3.55 -5.76
C ILE A 6 20.01 -3.48 -4.91
N LEU A 7 19.52 -2.29 -4.65
CA LEU A 7 18.26 -2.14 -3.83
C LEU A 7 17.08 -2.79 -4.58
N LEU A 8 17.06 -2.70 -5.90
CA LEU A 8 15.94 -3.32 -6.68
C LEU A 8 16.04 -4.85 -6.68
N THR A 9 17.17 -5.40 -6.33
CA THR A 9 17.33 -6.89 -6.29
C THR A 9 16.53 -7.44 -5.10
N CYS A 10 16.57 -6.76 -3.97
CA CYS A 10 15.81 -7.21 -2.76
C CYS A 10 14.46 -6.47 -2.68
N ALA A 11 14.43 -5.23 -3.10
CA ALA A 11 13.16 -4.44 -3.07
C ALA A 11 12.76 -4.06 -4.50
N ILE A 12 12.57 -5.05 -5.32
CA ILE A 12 12.19 -4.82 -6.76
C ILE A 12 10.81 -4.13 -6.84
N HIS A 13 10.63 -3.27 -7.83
CA HIS A 13 9.34 -2.53 -8.03
C HIS A 13 8.95 -1.74 -6.77
N PRO A 14 9.75 -0.76 -6.42
CA PRO A 14 9.47 0.08 -5.21
C PRO A 14 8.26 1.01 -5.44
N GLU A 15 8.03 1.44 -6.66
CA GLU A 15 6.87 2.34 -6.96
C GLU A 15 5.53 1.58 -7.00
N LEU A 16 5.54 0.30 -6.73
CA LEU A 16 4.28 -0.52 -6.74
C LEU A 16 4.01 -0.99 -5.30
N ILE A 17 5.04 -1.32 -4.56
CA ILE A 17 4.84 -1.78 -3.14
C ILE A 17 4.78 -0.57 -2.20
N PHE A 18 5.73 0.35 -2.31
CA PHE A 18 5.71 1.56 -1.42
C PHE A 18 4.56 2.49 -1.79
N THR A 19 4.33 2.75 -3.06
CA THR A 19 3.20 3.65 -3.46
C THR A 19 1.86 3.11 -2.93
N ILE A 20 1.64 1.82 -3.00
CA ILE A 20 0.35 1.23 -2.49
C ILE A 20 0.23 1.43 -0.97
N THR A 21 1.24 1.06 -0.20
CA THR A 21 1.16 1.25 1.29
C THR A 21 1.11 2.75 1.64
N LYS A 22 1.78 3.60 0.87
CA LYS A 22 1.75 5.07 1.16
C LYS A 22 0.32 5.58 0.94
N ILE A 23 -0.31 5.21 -0.14
CA ILE A 23 -1.71 5.68 -0.40
C ILE A 23 -2.63 5.00 0.64
N LEU A 24 -2.40 3.73 0.92
CA LEU A 24 -3.24 3.01 1.93
C LEU A 24 -3.11 3.70 3.30
N LEU A 25 -1.93 4.19 3.63
CA LEU A 25 -1.73 4.89 4.93
C LEU A 25 -2.15 6.37 4.84
N ALA A 26 -2.53 6.83 3.67
CA ALA A 26 -2.97 8.25 3.48
C ALA A 26 -4.49 8.30 3.24
N ILE A 27 -5.20 7.23 3.52
CA ILE A 27 -6.69 7.19 3.32
C ILE A 27 -7.36 6.77 4.64
N LEU A 28 -6.95 5.66 5.20
CA LEU A 28 -7.56 5.18 6.48
C LEU A 28 -6.97 5.93 7.69
N GLY A 29 -5.75 6.41 7.59
CA GLY A 29 -5.12 7.15 8.73
C GLY A 29 -4.10 8.18 8.21
N PRO A 30 -4.53 9.06 7.33
CA PRO A 30 -3.63 10.11 6.76
C PRO A 30 -3.15 11.10 7.83
N LEU A 31 -3.92 11.27 8.90
CA LEU A 31 -3.52 12.22 10.01
C LEU A 31 -2.08 11.95 10.47
N MET A 32 -1.69 10.69 10.57
CA MET A 32 -0.30 10.36 11.01
C MET A 32 0.68 10.63 9.85
N VAL A 33 0.34 10.21 8.66
CA VAL A 33 1.23 10.43 7.46
C VAL A 33 1.39 11.94 7.20
N LEU A 34 0.37 12.73 7.46
CA LEU A 34 0.46 14.21 7.23
C LEU A 34 1.35 14.91 8.28
N GLN A 35 1.86 14.18 9.24
CA GLN A 35 2.74 14.79 10.28
C GLN A 35 4.10 14.04 10.34
N ALA A 36 4.47 13.35 9.29
CA ALA A 36 5.77 12.61 9.27
C ALA A 36 6.79 13.39 8.42
N GLY A 37 7.25 14.51 8.91
CA GLY A 37 8.25 15.33 8.17
C GLY A 37 7.57 16.53 7.49
N ILE A 38 6.80 17.29 8.23
CA ILE A 38 6.09 18.48 7.64
C ILE A 38 6.33 19.71 8.53
N THR A 39 6.45 20.88 7.93
CA THR A 39 6.69 22.13 8.71
C THR A 39 6.14 23.34 7.94
N LYS A 40 4.83 23.46 7.89
CA LYS A 40 4.19 24.61 7.16
C LYS A 40 3.76 25.69 8.17
N GLY A 1 14.97 -23.47 -16.31
CA GLY A 1 13.70 -22.76 -16.61
C GLY A 1 13.79 -21.29 -16.17
N ARG A 2 14.15 -20.40 -17.07
CA ARG A 2 14.27 -18.95 -16.69
C ARG A 2 13.00 -18.16 -17.07
N ASP A 3 11.90 -18.83 -17.39
CA ASP A 3 10.64 -18.11 -17.76
C ASP A 3 10.13 -17.32 -16.55
N ALA A 4 10.14 -17.93 -15.38
CA ALA A 4 9.67 -17.23 -14.14
C ALA A 4 10.59 -16.03 -13.85
N VAL A 5 11.86 -16.15 -14.18
CA VAL A 5 12.84 -15.03 -13.96
C VAL A 5 12.50 -13.88 -14.92
N ILE A 6 12.15 -14.20 -16.16
CA ILE A 6 11.79 -13.14 -17.16
C ILE A 6 10.56 -12.36 -16.64
N LEU A 7 9.58 -13.06 -16.13
CA LEU A 7 8.35 -12.39 -15.60
C LEU A 7 8.72 -11.48 -14.41
N LEU A 8 9.66 -11.90 -13.60
CA LEU A 8 10.06 -11.05 -12.42
C LEU A 8 10.86 -9.81 -12.87
N THR A 9 11.21 -9.73 -14.13
CA THR A 9 11.99 -8.56 -14.66
C THR A 9 11.10 -7.72 -15.62
N CYS A 10 10.38 -8.38 -16.50
CA CYS A 10 9.50 -7.63 -17.47
C CYS A 10 8.10 -7.39 -16.90
N ALA A 11 7.62 -8.23 -16.00
CA ALA A 11 6.25 -8.02 -15.43
C ALA A 11 6.29 -7.34 -14.04
N ILE A 12 7.43 -6.85 -13.61
CA ILE A 12 7.50 -6.17 -12.26
C ILE A 12 6.79 -4.81 -12.31
N HIS A 13 6.08 -4.46 -11.26
CA HIS A 13 5.35 -3.16 -11.24
C HIS A 13 5.83 -2.29 -10.05
N PRO A 14 6.99 -1.68 -10.22
CA PRO A 14 7.56 -0.82 -9.15
C PRO A 14 6.81 0.52 -9.10
N GLU A 15 7.15 1.37 -8.14
CA GLU A 15 6.49 2.71 -7.98
C GLU A 15 5.01 2.56 -7.56
N LEU A 16 4.58 1.35 -7.28
CA LEU A 16 3.16 1.09 -6.83
C LEU A 16 3.24 0.18 -5.60
N ILE A 17 3.99 -0.91 -5.70
CA ILE A 17 4.13 -1.85 -4.54
C ILE A 17 4.77 -1.10 -3.36
N PHE A 18 5.56 -0.08 -3.63
CA PHE A 18 6.22 0.72 -2.55
C PHE A 18 5.30 1.89 -2.17
N THR A 19 4.61 2.47 -3.12
CA THR A 19 3.70 3.60 -2.82
C THR A 19 2.39 3.10 -2.18
N ILE A 20 1.98 1.88 -2.44
CA ILE A 20 0.72 1.33 -1.84
C ILE A 20 0.69 1.49 -0.32
N THR A 21 1.81 1.30 0.37
CA THR A 21 1.81 1.47 1.86
C THR A 21 1.51 2.93 2.20
N LYS A 22 2.12 3.85 1.48
CA LYS A 22 1.86 5.30 1.74
C LYS A 22 0.42 5.62 1.35
N ILE A 23 -0.03 5.13 0.21
CA ILE A 23 -1.45 5.37 -0.24
C ILE A 23 -2.43 4.76 0.76
N LEU A 24 -2.10 3.63 1.35
CA LEU A 24 -3.00 2.97 2.35
C LEU A 24 -3.30 3.94 3.51
N LEU A 25 -2.30 4.64 3.99
CA LEU A 25 -2.52 5.60 5.11
C LEU A 25 -3.20 6.89 4.62
N ALA A 26 -3.34 7.05 3.32
CA ALA A 26 -4.02 8.26 2.75
C ALA A 26 -5.48 7.94 2.35
N ILE A 27 -5.92 6.72 2.59
CA ILE A 27 -7.32 6.32 2.25
C ILE A 27 -8.09 6.03 3.55
N LEU A 28 -7.50 5.28 4.45
CA LEU A 28 -8.18 4.95 5.75
C LEU A 28 -8.55 6.23 6.50
N GLY A 29 -7.56 6.98 6.98
CA GLY A 29 -7.85 8.24 7.71
C GLY A 29 -8.43 7.93 9.11
N PRO A 30 -7.56 7.67 10.05
CA PRO A 30 -8.01 7.36 11.46
C PRO A 30 -8.74 8.57 12.07
N LEU A 31 -8.28 9.77 11.80
CA LEU A 31 -8.95 10.99 12.35
C LEU A 31 -10.32 11.14 11.68
N MET A 32 -10.41 10.85 10.39
CA MET A 32 -11.72 10.97 9.67
C MET A 32 -12.71 9.94 10.24
N VAL A 33 -12.28 8.73 10.50
CA VAL A 33 -13.19 7.68 11.06
C VAL A 33 -13.66 8.09 12.47
N LEU A 34 -12.80 8.67 13.27
CA LEU A 34 -13.20 9.09 14.65
C LEU A 34 -13.84 10.50 14.67
N GLN A 35 -14.05 11.11 13.52
CA GLN A 35 -14.66 12.46 13.48
C GLN A 35 -15.81 12.50 12.44
N ALA A 36 -16.41 11.37 12.16
CA ALA A 36 -17.54 11.32 11.17
C ALA A 36 -18.88 11.23 11.92
N GLY A 37 -19.06 10.22 12.74
CA GLY A 37 -20.33 10.05 13.51
C GLY A 37 -20.08 10.29 15.00
N ILE A 38 -19.37 11.34 15.34
CA ILE A 38 -19.09 11.64 16.79
C ILE A 38 -19.94 12.82 17.31
N THR A 39 -20.91 13.26 16.54
CA THR A 39 -21.78 14.40 16.98
C THR A 39 -23.08 14.43 16.14
N LYS A 40 -23.67 13.27 15.90
CA LYS A 40 -24.94 13.20 15.09
C LYS A 40 -25.70 11.90 15.39
N GLY A 1 16.55 -4.18 9.12
CA GLY A 1 17.95 -3.96 8.67
C GLY A 1 18.01 -3.85 7.15
N ARG A 2 19.13 -3.42 6.62
CA ARG A 2 19.29 -3.28 5.12
C ARG A 2 20.21 -4.39 4.59
N ASP A 3 20.20 -5.55 5.19
CA ASP A 3 21.06 -6.68 4.74
C ASP A 3 20.20 -7.67 3.94
N ALA A 4 19.17 -8.19 4.55
CA ALA A 4 18.25 -9.16 3.86
C ALA A 4 17.42 -8.42 2.79
N VAL A 5 17.17 -7.15 2.98
CA VAL A 5 16.38 -6.34 2.00
C VAL A 5 17.06 -6.36 0.61
N ILE A 6 18.37 -6.39 0.57
CA ILE A 6 19.08 -6.43 -0.75
C ILE A 6 18.82 -7.78 -1.42
N LEU A 7 18.78 -8.85 -0.65
CA LEU A 7 18.51 -10.20 -1.22
C LEU A 7 17.01 -10.35 -1.55
N LEU A 8 16.16 -9.56 -0.92
CA LEU A 8 14.69 -9.64 -1.18
C LEU A 8 14.21 -8.44 -2.02
N THR A 9 15.03 -7.95 -2.92
CA THR A 9 14.64 -6.78 -3.78
C THR A 9 14.25 -7.26 -5.19
N CYS A 10 15.01 -8.16 -5.77
CA CYS A 10 14.69 -8.69 -7.14
C CYS A 10 13.40 -9.54 -7.11
N ALA A 11 13.19 -10.31 -6.08
CA ALA A 11 11.96 -11.16 -5.98
C ALA A 11 10.70 -10.28 -5.89
N ILE A 12 10.79 -9.16 -5.21
CA ILE A 12 9.61 -8.25 -5.07
C ILE A 12 9.66 -7.17 -6.17
N HIS A 13 8.57 -6.47 -6.40
CA HIS A 13 8.53 -5.40 -7.44
C HIS A 13 8.56 -4.02 -6.76
N PRO A 14 9.75 -3.47 -6.64
CA PRO A 14 9.94 -2.12 -6.01
C PRO A 14 9.30 -1.01 -6.86
N GLU A 15 9.34 0.21 -6.37
CA GLU A 15 8.75 1.39 -7.10
C GLU A 15 7.28 1.10 -7.46
N LEU A 16 6.60 0.44 -6.56
CA LEU A 16 5.16 0.06 -6.73
C LEU A 16 4.62 -0.34 -5.36
N ILE A 17 5.27 -1.30 -4.73
CA ILE A 17 4.85 -1.78 -3.37
C ILE A 17 4.97 -0.61 -2.36
N PHE A 18 5.89 0.30 -2.61
CA PHE A 18 6.09 1.48 -1.70
C PHE A 18 4.94 2.50 -1.88
N THR A 19 4.46 2.66 -3.10
CA THR A 19 3.35 3.64 -3.35
C THR A 19 2.01 3.10 -2.82
N ILE A 20 1.67 1.87 -3.13
CA ILE A 20 0.37 1.28 -2.64
C ILE A 20 0.25 1.38 -1.11
N THR A 21 1.26 0.95 -0.38
CA THR A 21 1.19 1.02 1.11
C THR A 21 1.08 2.48 1.59
N LYS A 22 1.72 3.40 0.90
CA LYS A 22 1.64 4.85 1.30
C LYS A 22 0.21 5.38 1.08
N ILE A 23 -0.41 5.01 -0.01
CA ILE A 23 -1.82 5.47 -0.29
C ILE A 23 -2.75 4.94 0.79
N LEU A 24 -2.54 3.71 1.23
CA LEU A 24 -3.40 3.12 2.30
C LEU A 24 -3.29 3.97 3.58
N LEU A 25 -2.09 4.41 3.89
CA LEU A 25 -1.88 5.26 5.12
C LEU A 25 -2.37 6.69 4.88
N ALA A 26 -2.58 7.06 3.65
CA ALA A 26 -3.07 8.44 3.31
C ALA A 26 -4.60 8.45 3.12
N ILE A 27 -5.28 7.39 3.50
CA ILE A 27 -6.76 7.31 3.35
C ILE A 27 -7.39 6.88 4.68
N LEU A 28 -7.00 5.72 5.19
CA LEU A 28 -7.55 5.19 6.49
C LEU A 28 -9.08 5.27 6.50
N GLY A 29 -9.73 4.64 5.54
CA GLY A 29 -11.22 4.67 5.48
C GLY A 29 -11.63 5.72 4.43
N PRO A 30 -11.61 5.31 3.17
CA PRO A 30 -11.99 6.24 2.06
C PRO A 30 -13.47 6.66 2.10
N LEU A 31 -14.32 5.92 2.80
CA LEU A 31 -15.77 6.29 2.88
C LEU A 31 -15.95 7.75 3.35
N MET A 32 -15.31 8.10 4.44
CA MET A 32 -15.41 9.51 4.97
C MET A 32 -14.56 10.46 4.11
N VAL A 33 -13.45 9.99 3.58
CA VAL A 33 -12.58 10.87 2.72
C VAL A 33 -13.38 11.37 1.51
N LEU A 34 -14.25 10.55 0.95
CA LEU A 34 -15.08 10.96 -0.23
C LEU A 34 -15.92 12.20 0.09
N GLN A 35 -16.33 12.33 1.33
CA GLN A 35 -17.16 13.51 1.75
C GLN A 35 -16.36 14.42 2.72
N ALA A 36 -15.05 14.36 2.69
CA ALA A 36 -14.23 15.23 3.58
C ALA A 36 -13.85 16.51 2.83
N GLY A 37 -14.77 17.42 2.72
CA GLY A 37 -14.52 18.70 2.00
C GLY A 37 -14.73 18.50 0.49
N ILE A 38 -15.71 17.71 0.11
CA ILE A 38 -15.98 17.46 -1.35
C ILE A 38 -16.38 18.78 -2.04
N THR A 39 -16.06 18.92 -3.30
CA THR A 39 -16.41 20.16 -4.05
C THR A 39 -16.72 19.81 -5.52
N LYS A 40 -17.80 19.10 -5.74
CA LYS A 40 -18.19 18.70 -7.13
C LYS A 40 -19.60 19.23 -7.45
N GLY A 1 6.89 -18.34 5.51
CA GLY A 1 8.05 -18.45 4.57
C GLY A 1 8.60 -17.05 4.26
N ARG A 2 9.89 -16.86 4.44
CA ARG A 2 10.50 -15.51 4.17
C ARG A 2 11.72 -15.62 3.23
N ASP A 3 11.88 -16.73 2.54
CA ASP A 3 13.04 -16.89 1.61
C ASP A 3 12.62 -16.49 0.19
N ALA A 4 11.48 -16.98 -0.26
CA ALA A 4 11.00 -16.64 -1.63
C ALA A 4 10.17 -15.33 -1.64
N VAL A 5 10.28 -14.52 -0.60
CA VAL A 5 9.51 -13.23 -0.54
C VAL A 5 10.50 -12.07 -0.69
N ILE A 6 11.54 -12.04 0.13
CA ILE A 6 12.56 -10.96 0.05
C ILE A 6 13.24 -11.00 -1.33
N LEU A 7 13.60 -12.18 -1.78
CA LEU A 7 14.24 -12.32 -3.13
C LEU A 7 13.27 -11.87 -4.24
N LEU A 8 11.98 -11.94 -3.99
CA LEU A 8 10.97 -11.51 -5.01
C LEU A 8 10.62 -10.01 -4.89
N THR A 9 11.37 -9.25 -4.12
CA THR A 9 11.08 -7.78 -3.96
C THR A 9 11.15 -7.07 -5.32
N CYS A 10 12.06 -7.47 -6.17
CA CYS A 10 12.18 -6.84 -7.52
C CYS A 10 11.08 -7.41 -8.44
N ALA A 11 10.85 -8.70 -8.34
CA ALA A 11 9.80 -9.36 -9.19
C ALA A 11 8.40 -8.82 -8.84
N ILE A 12 8.14 -8.49 -7.60
CA ILE A 12 6.81 -7.95 -7.21
C ILE A 12 6.75 -6.41 -7.32
N HIS A 13 7.68 -5.81 -8.03
CA HIS A 13 7.74 -4.31 -8.21
C HIS A 13 8.03 -3.61 -6.86
N PRO A 14 9.29 -3.34 -6.61
CA PRO A 14 9.69 -2.66 -5.34
C PRO A 14 9.29 -1.17 -5.34
N GLU A 15 9.46 -0.49 -6.45
CA GLU A 15 9.08 0.95 -6.53
C GLU A 15 7.55 1.15 -6.63
N LEU A 16 6.81 0.09 -6.77
CA LEU A 16 5.31 0.19 -6.86
C LEU A 16 4.68 -0.17 -5.51
N ILE A 17 5.10 -1.27 -4.91
CA ILE A 17 4.53 -1.71 -3.58
C ILE A 17 4.64 -0.58 -2.55
N PHE A 18 5.77 0.12 -2.53
CA PHE A 18 5.94 1.24 -1.56
C PHE A 18 4.85 2.30 -1.77
N THR A 19 4.53 2.61 -3.01
CA THR A 19 3.46 3.62 -3.30
C THR A 19 2.11 3.10 -2.80
N ILE A 20 1.80 1.85 -3.04
CA ILE A 20 0.49 1.27 -2.57
C ILE A 20 0.38 1.40 -1.04
N THR A 21 1.43 1.09 -0.32
CA THR A 21 1.42 1.21 1.18
C THR A 21 1.20 2.68 1.59
N LYS A 22 1.87 3.59 0.92
CA LYS A 22 1.72 5.05 1.25
C LYS A 22 0.25 5.49 1.04
N ILE A 23 -0.36 5.07 -0.05
CA ILE A 23 -1.79 5.45 -0.33
C ILE A 23 -2.69 4.88 0.77
N LEU A 24 -2.42 3.66 1.21
CA LEU A 24 -3.24 3.04 2.30
C LEU A 24 -3.21 3.93 3.56
N LEU A 25 -2.04 4.43 3.90
CA LEU A 25 -1.89 5.32 5.09
C LEU A 25 -2.59 6.66 4.84
N ALA A 26 -2.66 7.06 3.60
CA ALA A 26 -3.34 8.35 3.23
C ALA A 26 -4.87 8.23 3.31
N ILE A 27 -5.37 7.02 3.39
CA ILE A 27 -6.85 6.82 3.48
C ILE A 27 -7.22 6.63 4.96
N LEU A 28 -6.83 5.52 5.56
CA LEU A 28 -7.13 5.24 7.00
C LEU A 28 -8.62 5.46 7.30
N GLY A 29 -9.46 4.61 6.78
CA GLY A 29 -10.94 4.75 7.02
C GLY A 29 -11.62 3.38 7.17
N PRO A 30 -11.08 2.52 8.01
CA PRO A 30 -11.68 1.18 8.24
C PRO A 30 -13.07 1.33 8.90
N LEU A 31 -13.18 2.23 9.85
CA LEU A 31 -14.48 2.45 10.55
C LEU A 31 -15.48 3.07 9.54
N MET A 32 -15.02 3.94 8.67
CA MET A 32 -15.92 4.57 7.66
C MET A 32 -16.52 3.47 6.77
N VAL A 33 -15.71 2.53 6.32
CA VAL A 33 -16.24 1.42 5.45
C VAL A 33 -17.26 0.59 6.23
N LEU A 34 -17.08 0.43 7.52
CA LEU A 34 -18.05 -0.36 8.35
C LEU A 34 -19.27 0.47 8.75
N GLN A 35 -19.22 1.76 8.56
CA GLN A 35 -20.38 2.66 8.93
C GLN A 35 -20.84 3.46 7.70
N ALA A 36 -20.76 2.87 6.52
CA ALA A 36 -21.19 3.59 5.28
C ALA A 36 -22.72 3.82 5.32
N GLY A 37 -23.13 5.04 5.51
CA GLY A 37 -24.59 5.37 5.57
C GLY A 37 -24.97 5.83 6.98
N ILE A 38 -24.47 5.14 7.99
CA ILE A 38 -24.79 5.53 9.41
C ILE A 38 -23.80 6.60 9.90
N THR A 39 -24.30 7.69 10.41
CA THR A 39 -23.40 8.79 10.91
C THR A 39 -24.11 9.63 12.00
N LYS A 40 -24.61 8.98 13.02
CA LYS A 40 -25.31 9.72 14.13
C LYS A 40 -24.32 10.26 15.17
N GLY A 1 1.14 -14.20 -27.02
CA GLY A 1 0.92 -15.04 -25.80
C GLY A 1 0.04 -14.29 -24.80
N ARG A 2 0.56 -13.25 -24.20
CA ARG A 2 -0.22 -12.43 -23.20
C ARG A 2 -0.57 -13.25 -21.94
N ASP A 3 0.23 -14.24 -21.60
CA ASP A 3 -0.07 -15.07 -20.38
C ASP A 3 1.05 -14.89 -19.34
N ALA A 4 2.25 -15.31 -19.67
CA ALA A 4 3.41 -15.18 -18.73
C ALA A 4 3.75 -13.71 -18.44
N VAL A 5 3.48 -12.82 -19.38
CA VAL A 5 3.77 -11.36 -19.18
C VAL A 5 2.98 -10.82 -17.98
N ILE A 6 1.76 -11.28 -17.77
CA ILE A 6 0.95 -10.79 -16.61
C ILE A 6 1.62 -11.24 -15.30
N LEU A 7 2.06 -12.48 -15.25
CA LEU A 7 2.74 -13.01 -14.03
C LEU A 7 4.11 -12.33 -13.82
N LEU A 8 4.73 -11.86 -14.88
CA LEU A 8 6.06 -11.18 -14.75
C LEU A 8 5.90 -9.65 -14.62
N THR A 9 4.72 -9.16 -14.31
CA THR A 9 4.51 -7.68 -14.16
C THR A 9 4.23 -7.33 -12.69
N CYS A 10 3.36 -8.08 -12.03
CA CYS A 10 3.04 -7.81 -10.59
C CYS A 10 4.29 -7.87 -9.69
N ALA A 11 5.31 -8.60 -10.08
CA ALA A 11 6.54 -8.68 -9.24
C ALA A 11 7.73 -7.92 -9.87
N ILE A 12 7.49 -7.03 -10.79
CA ILE A 12 8.63 -6.26 -11.43
C ILE A 12 8.52 -4.75 -11.16
N HIS A 13 7.69 -4.33 -10.24
CA HIS A 13 7.56 -2.87 -9.94
C HIS A 13 7.61 -2.62 -8.41
N PRO A 14 8.81 -2.65 -7.87
CA PRO A 14 9.01 -2.43 -6.40
C PRO A 14 8.63 -0.99 -5.99
N GLU A 15 8.92 -0.01 -6.83
CA GLU A 15 8.57 1.41 -6.49
C GLU A 15 7.05 1.53 -6.31
N LEU A 16 6.31 0.83 -7.13
CA LEU A 16 4.82 0.84 -7.04
C LEU A 16 4.39 0.12 -5.75
N ILE A 17 5.02 -0.97 -5.42
CA ILE A 17 4.66 -1.71 -4.16
C ILE A 17 4.86 -0.75 -2.96
N PHE A 18 5.91 0.05 -3.03
CA PHE A 18 6.21 1.04 -1.95
C PHE A 18 5.12 2.11 -1.87
N THR A 19 4.58 2.54 -2.99
CA THR A 19 3.51 3.59 -2.97
C THR A 19 2.15 3.01 -2.53
N ILE A 20 1.92 1.72 -2.72
CA ILE A 20 0.62 1.10 -2.32
C ILE A 20 0.40 1.31 -0.81
N THR A 21 1.39 1.01 0.00
CA THR A 21 1.25 1.19 1.48
C THR A 21 1.11 2.69 1.81
N LYS A 22 1.80 3.55 1.08
CA LYS A 22 1.70 5.02 1.35
C LYS A 22 0.26 5.49 1.08
N ILE A 23 -0.34 5.06 -0.01
CA ILE A 23 -1.75 5.47 -0.33
C ILE A 23 -2.69 4.93 0.77
N LEU A 24 -2.43 3.74 1.29
CA LEU A 24 -3.30 3.16 2.38
C LEU A 24 -3.24 4.09 3.60
N LEU A 25 -2.06 4.60 3.93
CA LEU A 25 -1.94 5.53 5.10
C LEU A 25 -2.64 6.87 4.81
N ALA A 26 -2.93 7.13 3.55
CA ALA A 26 -3.61 8.40 3.16
C ALA A 26 -5.14 8.20 3.05
N ILE A 27 -5.66 7.05 3.40
CA ILE A 27 -7.13 6.79 3.31
C ILE A 27 -7.66 6.14 4.61
N LEU A 28 -6.85 5.98 5.63
CA LEU A 28 -7.33 5.35 6.90
C LEU A 28 -7.62 6.38 8.01
N GLY A 29 -7.44 7.66 7.77
CA GLY A 29 -7.69 8.68 8.84
C GLY A 29 -6.87 9.94 8.59
N PRO A 30 -5.57 9.78 8.43
CA PRO A 30 -4.67 10.96 8.19
C PRO A 30 -4.59 11.29 6.68
N LEU A 31 -5.71 11.22 6.00
CA LEU A 31 -5.75 11.54 4.53
C LEU A 31 -5.41 13.02 4.28
N MET A 32 -5.74 13.88 5.21
CA MET A 32 -5.43 15.34 5.06
C MET A 32 -4.04 15.62 5.65
N VAL A 33 -3.65 14.88 6.67
CA VAL A 33 -2.30 15.08 7.30
C VAL A 33 -1.21 14.84 6.25
N LEU A 34 -1.39 13.86 5.38
CA LEU A 34 -0.36 13.58 4.32
C LEU A 34 -0.28 14.73 3.31
N GLN A 35 -1.36 15.44 3.14
CA GLN A 35 -1.39 16.60 2.17
C GLN A 35 -1.40 17.95 2.91
N ALA A 36 -0.90 18.01 4.13
CA ALA A 36 -0.89 19.32 4.89
C ALA A 36 0.15 20.27 4.28
N GLY A 37 1.29 19.75 3.89
CA GLY A 37 2.36 20.61 3.28
C GLY A 37 2.10 20.83 1.78
N ILE A 38 1.26 20.03 1.15
CA ILE A 38 0.98 20.21 -0.32
C ILE A 38 -0.24 21.12 -0.51
N THR A 39 -0.07 22.24 -1.17
CA THR A 39 -1.21 23.19 -1.41
C THR A 39 -1.66 23.09 -2.88
N LYS A 40 -1.85 21.89 -3.39
CA LYS A 40 -2.28 21.70 -4.80
C LYS A 40 -3.59 20.88 -4.85
N GLY A 1 -1.58 -19.92 -7.09
CA GLY A 1 -1.18 -19.70 -5.67
C GLY A 1 -0.55 -18.32 -5.51
N ARG A 2 -1.12 -17.49 -4.67
CA ARG A 2 -0.58 -16.11 -4.45
C ARG A 2 0.10 -16.02 -3.08
N ASP A 3 0.78 -17.06 -2.67
CA ASP A 3 1.48 -17.08 -1.35
C ASP A 3 2.97 -16.75 -1.56
N ALA A 4 3.62 -17.50 -2.42
CA ALA A 4 5.07 -17.26 -2.71
C ALA A 4 5.25 -15.95 -3.50
N VAL A 5 4.23 -15.55 -4.27
CA VAL A 5 4.31 -14.29 -5.06
C VAL A 5 4.55 -13.09 -4.12
N ILE A 6 3.94 -13.09 -2.95
CA ILE A 6 4.14 -11.95 -2.00
C ILE A 6 5.62 -11.91 -1.57
N LEU A 7 6.22 -13.06 -1.35
CA LEU A 7 7.66 -13.11 -0.95
C LEU A 7 8.54 -12.71 -2.14
N LEU A 8 8.09 -12.95 -3.36
CA LEU A 8 8.89 -12.59 -4.57
C LEU A 8 8.43 -11.26 -5.20
N THR A 9 7.65 -10.45 -4.50
CA THR A 9 7.18 -9.15 -5.08
C THR A 9 7.84 -7.95 -4.39
N CYS A 10 8.28 -8.09 -3.14
CA CYS A 10 8.94 -6.93 -2.44
C CYS A 10 10.24 -6.53 -3.15
N ALA A 11 11.06 -7.48 -3.51
CA ALA A 11 12.35 -7.17 -4.21
C ALA A 11 12.10 -6.78 -5.67
N ILE A 12 11.25 -7.51 -6.37
CA ILE A 12 10.96 -7.18 -7.80
C ILE A 12 9.99 -6.00 -7.86
N HIS A 13 10.41 -4.90 -8.45
CA HIS A 13 9.56 -3.67 -8.57
C HIS A 13 9.15 -3.16 -7.17
N PRO A 14 10.13 -2.80 -6.37
CA PRO A 14 9.87 -2.30 -4.99
C PRO A 14 9.25 -0.89 -5.03
N GLU A 15 9.42 -0.15 -6.10
CA GLU A 15 8.82 1.22 -6.18
C GLU A 15 7.31 1.19 -6.50
N LEU A 16 6.70 0.03 -6.45
CA LEU A 16 5.23 -0.09 -6.73
C LEU A 16 4.54 -0.42 -5.40
N ILE A 17 5.03 -1.44 -4.72
CA ILE A 17 4.44 -1.84 -3.39
C ILE A 17 4.54 -0.65 -2.43
N PHE A 18 5.67 0.04 -2.40
CA PHE A 18 5.83 1.21 -1.49
C PHE A 18 4.76 2.27 -1.81
N THR A 19 4.47 2.48 -3.08
CA THR A 19 3.44 3.49 -3.48
C THR A 19 2.07 3.11 -2.89
N ILE A 20 1.69 1.85 -2.98
CA ILE A 20 0.37 1.41 -2.43
C ILE A 20 0.37 1.60 -0.90
N THR A 21 1.46 1.27 -0.22
CA THR A 21 1.50 1.45 1.27
C THR A 21 1.34 2.94 1.61
N LYS A 22 1.95 3.82 0.84
CA LYS A 22 1.83 5.29 1.10
C LYS A 22 0.36 5.72 0.92
N ILE A 23 -0.29 5.28 -0.13
CA ILE A 23 -1.73 5.65 -0.37
C ILE A 23 -2.61 4.95 0.67
N LEU A 24 -2.32 3.71 1.01
CA LEU A 24 -3.13 2.97 2.04
C LEU A 24 -3.13 3.74 3.36
N LEU A 25 -1.99 4.26 3.74
CA LEU A 25 -1.89 5.05 5.03
C LEU A 25 -2.67 6.36 4.89
N ALA A 26 -2.66 6.94 3.72
CA ALA A 26 -3.40 8.22 3.47
C ALA A 26 -4.93 8.00 3.44
N ILE A 27 -5.37 6.78 3.46
CA ILE A 27 -6.84 6.48 3.45
C ILE A 27 -7.26 5.90 4.81
N LEU A 28 -6.52 4.94 5.32
CA LEU A 28 -6.86 4.33 6.65
C LEU A 28 -5.72 4.57 7.66
N GLY A 29 -4.61 3.89 7.49
CA GLY A 29 -3.44 4.04 8.42
C GLY A 29 -3.83 3.94 9.91
N PRO A 30 -4.53 2.89 10.28
CA PRO A 30 -4.94 2.73 11.71
C PRO A 30 -3.77 2.21 12.57
N LEU A 31 -3.21 1.06 12.24
CA LEU A 31 -2.06 0.52 13.03
C LEU A 31 -0.83 1.41 12.85
N MET A 32 -0.65 1.96 11.66
CA MET A 32 0.51 2.86 11.38
C MET A 32 0.46 4.12 12.25
N VAL A 33 -0.73 4.58 12.61
CA VAL A 33 -0.84 5.81 13.46
C VAL A 33 -0.10 5.61 14.81
N LEU A 34 -0.06 4.39 15.31
CA LEU A 34 0.65 4.12 16.61
C LEU A 34 2.16 3.89 16.40
N GLN A 35 2.67 4.08 15.21
CA GLN A 35 4.14 3.87 14.96
C GLN A 35 4.65 4.80 13.83
N ALA A 36 4.02 5.94 13.64
CA ALA A 36 4.47 6.91 12.57
C ALA A 36 5.92 7.37 12.82
N GLY A 37 6.23 7.76 14.03
CA GLY A 37 7.62 8.22 14.36
C GLY A 37 8.48 7.03 14.83
N ILE A 38 8.03 5.80 14.65
CA ILE A 38 8.83 4.62 15.09
C ILE A 38 9.38 3.89 13.85
N THR A 39 9.68 4.63 12.81
CA THR A 39 10.22 4.00 11.56
C THR A 39 11.01 5.03 10.71
N LYS A 40 11.66 5.99 11.35
CA LYS A 40 12.46 7.02 10.60
C LYS A 40 13.39 7.79 11.54
N GLY A 1 -6.27 -19.83 -1.48
CA GLY A 1 -6.25 -19.49 -2.93
C GLY A 1 -4.81 -19.51 -3.47
N ARG A 2 -4.64 -19.84 -4.73
CA ARG A 2 -3.25 -19.88 -5.31
C ARG A 2 -3.14 -18.98 -6.55
N ASP A 3 -4.05 -18.04 -6.71
CA ASP A 3 -3.98 -17.12 -7.90
C ASP A 3 -3.39 -15.77 -7.46
N ALA A 4 -4.00 -15.13 -6.49
CA ALA A 4 -3.49 -13.81 -5.99
C ALA A 4 -2.13 -13.97 -5.28
N VAL A 5 -1.86 -15.14 -4.73
CA VAL A 5 -0.55 -15.35 -4.03
C VAL A 5 0.61 -15.22 -5.03
N ILE A 6 0.39 -15.56 -6.29
CA ILE A 6 1.48 -15.45 -7.32
C ILE A 6 1.78 -13.95 -7.55
N LEU A 7 0.76 -13.13 -7.60
CA LEU A 7 0.97 -11.67 -7.81
C LEU A 7 1.51 -11.03 -6.51
N LEU A 8 0.88 -11.32 -5.40
CA LEU A 8 1.35 -10.75 -4.09
C LEU A 8 2.71 -11.32 -3.73
N THR A 9 2.80 -12.62 -3.57
CA THR A 9 4.08 -13.31 -3.20
C THR A 9 4.86 -12.49 -2.15
N CYS A 10 4.20 -12.22 -1.04
CA CYS A 10 4.82 -11.41 0.07
C CYS A 10 5.28 -10.04 -0.47
N ALA A 11 4.51 -9.48 -1.39
CA ALA A 11 4.84 -8.17 -2.02
C ALA A 11 6.26 -8.20 -2.60
N ILE A 12 6.50 -9.15 -3.47
CA ILE A 12 7.86 -9.31 -4.10
C ILE A 12 8.01 -8.40 -5.35
N HIS A 13 7.12 -7.45 -5.54
CA HIS A 13 7.20 -6.54 -6.71
C HIS A 13 7.42 -5.09 -6.24
N PRO A 14 8.69 -4.71 -6.17
CA PRO A 14 9.08 -3.33 -5.73
C PRO A 14 8.60 -2.26 -6.74
N GLU A 15 8.80 -1.00 -6.42
CA GLU A 15 8.37 0.12 -7.30
C GLU A 15 6.86 0.03 -7.56
N LEU A 16 6.14 -0.29 -6.51
CA LEU A 16 4.65 -0.44 -6.55
C LEU A 16 4.17 -0.57 -5.10
N ILE A 17 4.71 -1.54 -4.38
CA ILE A 17 4.35 -1.75 -2.95
C ILE A 17 4.69 -0.48 -2.14
N PHE A 18 5.80 0.16 -2.45
CA PHE A 18 6.19 1.41 -1.72
C PHE A 18 5.16 2.53 -1.96
N THR A 19 4.54 2.56 -3.12
CA THR A 19 3.53 3.61 -3.43
C THR A 19 2.15 3.19 -2.91
N ILE A 20 1.72 1.98 -3.20
CA ILE A 20 0.38 1.50 -2.72
C ILE A 20 0.32 1.54 -1.19
N THR A 21 1.36 1.11 -0.51
CA THR A 21 1.36 1.14 1.00
C THR A 21 1.20 2.59 1.48
N LYS A 22 1.83 3.54 0.82
CA LYS A 22 1.70 4.97 1.22
C LYS A 22 0.26 5.45 1.03
N ILE A 23 -0.34 5.11 -0.09
CA ILE A 23 -1.77 5.52 -0.35
C ILE A 23 -2.69 4.93 0.73
N LEU A 24 -2.44 3.70 1.16
CA LEU A 24 -3.28 3.07 2.23
C LEU A 24 -3.16 3.90 3.52
N LEU A 25 -1.97 4.36 3.83
CA LEU A 25 -1.77 5.19 5.07
C LEU A 25 -2.47 6.54 4.91
N ALA A 26 -2.69 6.97 3.70
CA ALA A 26 -3.37 8.27 3.41
C ALA A 26 -4.90 8.12 3.42
N ILE A 27 -5.39 6.91 3.43
CA ILE A 27 -6.88 6.69 3.43
C ILE A 27 -7.29 5.93 4.71
N LEU A 28 -6.58 6.12 5.81
CA LEU A 28 -6.92 5.43 7.10
C LEU A 28 -8.23 5.99 7.70
N GLY A 29 -8.50 7.26 7.49
CA GLY A 29 -9.74 7.88 8.05
C GLY A 29 -9.46 8.57 9.38
N PRO A 30 -8.77 9.70 9.34
CA PRO A 30 -8.44 10.46 10.59
C PRO A 30 -9.69 11.16 11.16
N LEU A 31 -10.56 11.68 10.31
CA LEU A 31 -11.80 12.37 10.79
C LEU A 31 -12.65 11.45 11.67
N MET A 32 -12.85 10.21 11.26
CA MET A 32 -13.67 9.25 12.08
C MET A 32 -12.99 8.97 13.44
N VAL A 33 -11.69 8.75 13.43
CA VAL A 33 -10.96 8.47 14.72
C VAL A 33 -10.86 9.74 15.59
N LEU A 34 -10.80 10.91 14.99
CA LEU A 34 -10.70 12.17 15.81
C LEU A 34 -12.08 12.77 16.12
N GLN A 35 -13.14 12.19 15.63
CA GLN A 35 -14.51 12.72 15.89
C GLN A 35 -15.42 11.60 16.41
N ALA A 36 -14.86 10.62 17.08
CA ALA A 36 -15.67 9.48 17.63
C ALA A 36 -16.53 9.95 18.83
N GLY A 37 -17.58 10.69 18.56
CA GLY A 37 -18.47 11.20 19.65
C GLY A 37 -17.76 12.31 20.42
N ILE A 38 -17.69 13.49 19.86
CA ILE A 38 -17.01 14.64 20.56
C ILE A 38 -17.97 15.28 21.59
N THR A 39 -18.45 14.50 22.54
CA THR A 39 -19.37 15.02 23.59
C THR A 39 -19.18 14.22 24.89
N LYS A 40 -18.03 14.35 25.50
CA LYS A 40 -17.75 13.60 26.77
C LYS A 40 -16.86 14.43 27.70
N GLY A 1 21.87 -12.50 6.53
CA GLY A 1 21.89 -12.43 5.04
C GLY A 1 21.16 -11.16 4.57
N ARG A 2 19.86 -11.24 4.40
CA ARG A 2 19.03 -10.06 3.94
C ARG A 2 19.57 -9.45 2.63
N ASP A 3 20.24 -10.24 1.82
CA ASP A 3 20.79 -9.74 0.52
C ASP A 3 19.96 -10.28 -0.65
N ALA A 4 19.50 -11.51 -0.56
CA ALA A 4 18.67 -12.11 -1.64
C ALA A 4 17.31 -11.38 -1.73
N VAL A 5 16.73 -11.02 -0.60
CA VAL A 5 15.43 -10.29 -0.61
C VAL A 5 15.62 -8.92 -1.29
N ILE A 6 16.75 -8.28 -1.07
CA ILE A 6 17.01 -6.96 -1.72
C ILE A 6 17.13 -7.16 -3.24
N LEU A 7 17.69 -8.27 -3.67
CA LEU A 7 17.84 -8.56 -5.13
C LEU A 7 16.51 -9.05 -5.72
N LEU A 8 15.70 -9.72 -4.93
CA LEU A 8 14.38 -10.25 -5.43
C LEU A 8 13.24 -9.22 -5.22
N THR A 9 13.56 -7.95 -5.08
CA THR A 9 12.50 -6.91 -4.88
C THR A 9 11.75 -6.62 -6.20
N CYS A 10 12.39 -6.86 -7.33
CA CYS A 10 11.72 -6.60 -8.65
C CYS A 10 10.57 -7.60 -8.86
N ALA A 11 10.72 -8.83 -8.40
CA ALA A 11 9.65 -9.87 -8.56
C ALA A 11 8.35 -9.43 -7.89
N ILE A 12 8.43 -8.76 -6.76
CA ILE A 12 7.18 -8.30 -6.06
C ILE A 12 6.71 -6.91 -6.59
N HIS A 13 7.22 -6.51 -7.74
CA HIS A 13 6.85 -5.19 -8.38
C HIS A 13 7.25 -3.98 -7.52
N PRO A 14 8.38 -3.40 -7.84
CA PRO A 14 8.85 -2.20 -7.09
C PRO A 14 8.05 -0.98 -7.57
N GLU A 15 8.27 0.17 -6.98
CA GLU A 15 7.52 1.42 -7.37
C GLU A 15 6.00 1.17 -7.38
N LEU A 16 5.56 0.24 -6.54
CA LEU A 16 4.12 -0.12 -6.42
C LEU A 16 3.92 -0.62 -4.98
N ILE A 17 4.70 -1.59 -4.55
CA ILE A 17 4.59 -2.10 -3.15
C ILE A 17 4.78 -0.93 -2.17
N PHE A 18 5.63 0.01 -2.52
CA PHE A 18 5.89 1.20 -1.66
C PHE A 18 4.88 2.32 -1.98
N THR A 19 4.46 2.42 -3.23
CA THR A 19 3.47 3.47 -3.62
C THR A 19 2.09 3.11 -3.05
N ILE A 20 1.72 1.86 -3.08
CA ILE A 20 0.38 1.43 -2.56
C ILE A 20 0.33 1.65 -1.04
N THR A 21 1.37 1.28 -0.32
CA THR A 21 1.37 1.48 1.17
C THR A 21 1.32 2.97 1.53
N LYS A 22 2.02 3.81 0.78
CA LYS A 22 2.01 5.29 1.06
C LYS A 22 0.57 5.82 0.96
N ILE A 23 -0.14 5.45 -0.08
CA ILE A 23 -1.56 5.91 -0.25
C ILE A 23 -2.46 5.12 0.72
N LEU A 24 -2.10 3.89 1.05
CA LEU A 24 -2.91 3.06 2.01
C LEU A 24 -3.07 3.81 3.34
N LEU A 25 -1.97 4.32 3.88
CA LEU A 25 -2.04 5.07 5.18
C LEU A 25 -2.94 6.31 5.04
N ALA A 26 -2.94 6.90 3.86
CA ALA A 26 -3.79 8.11 3.60
C ALA A 26 -5.28 7.75 3.52
N ILE A 27 -5.60 6.49 3.32
CA ILE A 27 -7.02 6.05 3.24
C ILE A 27 -7.36 5.15 4.46
N LEU A 28 -6.67 5.32 5.57
CA LEU A 28 -6.94 4.48 6.78
C LEU A 28 -7.32 5.34 8.01
N GLY A 29 -7.71 6.57 7.81
CA GLY A 29 -8.09 7.45 8.96
C GLY A 29 -8.73 8.74 8.43
N PRO A 30 -7.92 9.60 7.86
CA PRO A 30 -8.41 10.90 7.30
C PRO A 30 -8.78 10.75 5.81
N LEU A 31 -9.19 9.57 5.37
CA LEU A 31 -9.57 9.36 3.93
C LEU A 31 -10.71 10.29 3.51
N MET A 32 -11.62 10.61 4.39
CA MET A 32 -12.75 11.52 4.04
C MET A 32 -12.32 12.97 4.26
N VAL A 33 -11.58 13.23 5.32
CA VAL A 33 -11.10 14.62 5.61
C VAL A 33 -10.11 15.11 4.53
N LEU A 34 -9.29 14.23 4.00
CA LEU A 34 -8.30 14.65 2.95
C LEU A 34 -8.87 14.60 1.53
N GLN A 35 -10.11 14.18 1.36
CA GLN A 35 -10.71 14.11 -0.02
C GLN A 35 -12.19 14.55 -0.01
N ALA A 36 -12.57 15.43 0.90
CA ALA A 36 -13.98 15.89 0.97
C ALA A 36 -14.28 16.91 -0.15
N GLY A 37 -15.11 16.54 -1.10
CA GLY A 37 -15.46 17.46 -2.22
C GLY A 37 -14.74 17.05 -3.51
N ILE A 38 -13.48 16.70 -3.43
CA ILE A 38 -12.71 16.29 -4.65
C ILE A 38 -12.92 14.80 -4.95
N THR A 39 -13.20 14.47 -6.19
CA THR A 39 -13.42 13.05 -6.60
C THR A 39 -12.22 12.57 -7.44
N LYS A 40 -11.02 12.94 -7.03
CA LYS A 40 -9.76 12.55 -7.75
C LYS A 40 -9.68 13.22 -9.14
N GLY A 1 -0.44 -19.78 -18.48
CA GLY A 1 -1.03 -20.14 -17.14
C GLY A 1 -1.40 -18.87 -16.37
N ARG A 2 -2.02 -19.02 -15.22
CA ARG A 2 -2.42 -17.85 -14.38
C ARG A 2 -1.80 -17.93 -12.97
N ASP A 3 -0.79 -18.74 -12.80
CA ASP A 3 -0.12 -18.89 -11.46
C ASP A 3 1.29 -18.28 -11.52
N ALA A 4 2.03 -18.53 -12.57
CA ALA A 4 3.41 -17.97 -12.70
C ALA A 4 3.33 -16.54 -13.25
N VAL A 5 2.39 -16.27 -14.14
CA VAL A 5 2.24 -14.89 -14.71
C VAL A 5 1.88 -13.89 -13.60
N ILE A 6 0.99 -14.25 -12.71
CA ILE A 6 0.60 -13.32 -11.59
C ILE A 6 1.85 -13.05 -10.73
N LEU A 7 2.61 -14.09 -10.43
CA LEU A 7 3.85 -13.94 -9.61
C LEU A 7 4.89 -13.10 -10.38
N LEU A 8 4.92 -13.21 -11.69
CA LEU A 8 5.90 -12.43 -12.52
C LEU A 8 5.42 -10.99 -12.77
N THR A 9 4.26 -10.62 -12.31
CA THR A 9 3.75 -9.23 -12.52
C THR A 9 3.97 -8.41 -11.24
N CYS A 10 3.55 -8.93 -10.11
CA CYS A 10 3.72 -8.20 -8.80
C CYS A 10 5.21 -8.03 -8.46
N ALA A 11 6.04 -8.99 -8.79
CA ALA A 11 7.50 -8.88 -8.47
C ALA A 11 8.16 -7.77 -9.31
N ILE A 12 7.83 -7.69 -10.59
CA ILE A 12 8.42 -6.63 -11.45
C ILE A 12 7.88 -5.25 -11.04
N HIS A 13 8.71 -4.24 -11.09
CA HIS A 13 8.30 -2.84 -10.69
C HIS A 13 7.83 -2.81 -9.23
N PRO A 14 8.75 -3.05 -8.33
CA PRO A 14 8.44 -3.04 -6.86
C PRO A 14 8.09 -1.62 -6.36
N GLU A 15 8.51 -0.59 -7.07
CA GLU A 15 8.22 0.82 -6.65
C GLU A 15 6.72 1.05 -6.50
N LEU A 16 5.93 0.34 -7.27
CA LEU A 16 4.44 0.47 -7.19
C LEU A 16 3.99 0.01 -5.80
N ILE A 17 4.48 -1.13 -5.36
CA ILE A 17 4.12 -1.67 -4.00
C ILE A 17 4.59 -0.67 -2.93
N PHE A 18 5.75 -0.08 -3.12
CA PHE A 18 6.28 0.92 -2.13
C PHE A 18 5.33 2.13 -2.00
N THR A 19 4.59 2.44 -3.04
CA THR A 19 3.63 3.59 -2.99
C THR A 19 2.26 3.11 -2.49
N ILE A 20 1.91 1.85 -2.67
CA ILE A 20 0.59 1.34 -2.18
C ILE A 20 0.51 1.51 -0.65
N THR A 21 1.56 1.16 0.06
CA THR A 21 1.56 1.31 1.55
C THR A 21 1.39 2.80 1.93
N LYS A 22 1.91 3.70 1.13
CA LYS A 22 1.77 5.16 1.41
C LYS A 22 0.31 5.57 1.18
N ILE A 23 -0.26 5.18 0.05
CA ILE A 23 -1.69 5.52 -0.25
C ILE A 23 -2.59 4.85 0.81
N LEU A 24 -2.22 3.68 1.27
CA LEU A 24 -3.02 2.96 2.32
C LEU A 24 -3.17 3.86 3.56
N LEU A 25 -2.10 4.54 3.93
CA LEU A 25 -2.15 5.46 5.12
C LEU A 25 -2.86 6.78 4.78
N ALA A 26 -3.09 7.04 3.51
CA ALA A 26 -3.77 8.30 3.07
C ALA A 26 -5.20 7.99 2.58
N ILE A 27 -5.67 6.78 2.76
CA ILE A 27 -7.05 6.39 2.30
C ILE A 27 -7.72 5.54 3.39
N LEU A 28 -7.07 4.50 3.86
CA LEU A 28 -7.65 3.61 4.92
C LEU A 28 -8.99 3.01 4.44
N GLY A 29 -8.98 2.31 3.34
CA GLY A 29 -10.23 1.69 2.80
C GLY A 29 -9.97 1.10 1.40
N PRO A 30 -9.16 0.07 1.34
CA PRO A 30 -8.84 -0.59 0.04
C PRO A 30 -10.08 -1.26 -0.59
N LEU A 31 -10.94 -1.85 0.22
CA LEU A 31 -12.17 -2.52 -0.34
C LEU A 31 -13.00 -1.49 -1.12
N MET A 32 -13.13 -0.28 -0.61
CA MET A 32 -13.92 0.78 -1.31
C MET A 32 -13.07 1.40 -2.43
N VAL A 33 -11.80 1.66 -2.17
CA VAL A 33 -10.93 2.27 -3.23
C VAL A 33 -10.81 1.33 -4.44
N LEU A 34 -10.90 0.03 -4.24
CA LEU A 34 -10.81 -0.93 -5.38
C LEU A 34 -12.13 -1.02 -6.16
N GLN A 35 -13.16 -0.32 -5.73
CA GLN A 35 -14.48 -0.35 -6.43
C GLN A 35 -14.96 1.08 -6.73
N ALA A 36 -14.08 2.05 -6.73
CA ALA A 36 -14.49 3.46 -7.02
C ALA A 36 -14.37 3.73 -8.53
N GLY A 37 -13.19 3.52 -9.09
CA GLY A 37 -13.00 3.74 -10.56
C GLY A 37 -12.57 2.42 -11.21
N ILE A 38 -13.17 1.32 -10.82
CA ILE A 38 -12.81 -0.01 -11.42
C ILE A 38 -13.32 -0.11 -12.86
N THR A 39 -12.54 -0.70 -13.74
CA THR A 39 -12.96 -0.84 -15.17
C THR A 39 -12.86 -2.32 -15.58
N LYS A 40 -13.55 -3.19 -14.87
CA LYS A 40 -13.52 -4.65 -15.21
C LYS A 40 -14.75 -5.37 -14.61
N GLY A 1 9.54 -16.68 -21.84
CA GLY A 1 9.48 -15.31 -22.44
C GLY A 1 10.02 -14.27 -21.45
N ARG A 2 9.73 -13.02 -21.71
CA ARG A 2 10.19 -11.91 -20.80
C ARG A 2 9.01 -10.98 -20.48
N ASP A 3 7.81 -11.52 -20.49
CA ASP A 3 6.60 -10.70 -20.19
C ASP A 3 6.11 -11.06 -18.78
N ALA A 4 5.83 -12.32 -18.55
CA ALA A 4 5.37 -12.77 -17.21
C ALA A 4 6.56 -12.99 -16.27
N VAL A 5 7.70 -13.42 -16.80
CA VAL A 5 8.91 -13.65 -15.94
C VAL A 5 9.38 -12.33 -15.31
N ILE A 6 9.51 -11.26 -16.08
CA ILE A 6 9.96 -9.95 -15.47
C ILE A 6 8.92 -9.53 -14.43
N LEU A 7 7.65 -9.74 -14.71
CA LEU A 7 6.57 -9.39 -13.72
C LEU A 7 6.81 -10.16 -12.41
N LEU A 8 7.52 -11.27 -12.48
CA LEU A 8 7.83 -12.08 -11.27
C LEU A 8 9.27 -11.78 -10.82
N THR A 9 10.26 -12.45 -11.37
CA THR A 9 11.69 -12.22 -10.98
C THR A 9 11.80 -12.05 -9.45
N CYS A 10 11.31 -13.04 -8.72
CA CYS A 10 11.32 -13.00 -7.22
C CYS A 10 10.60 -11.72 -6.75
N ALA A 11 9.46 -11.43 -7.36
CA ALA A 11 8.65 -10.23 -7.02
C ALA A 11 9.53 -8.97 -7.15
N ILE A 12 9.96 -8.72 -8.36
CA ILE A 12 10.84 -7.53 -8.65
C ILE A 12 10.05 -6.21 -8.54
N HIS A 13 10.76 -5.10 -8.53
CA HIS A 13 10.15 -3.73 -8.43
C HIS A 13 9.39 -3.53 -7.12
N PRO A 14 10.12 -3.17 -6.08
CA PRO A 14 9.52 -2.92 -4.75
C PRO A 14 8.92 -1.51 -4.65
N GLU A 15 9.32 -0.58 -5.52
CA GLU A 15 8.77 0.81 -5.47
C GLU A 15 7.24 0.82 -5.66
N LEU A 16 6.73 -0.12 -6.41
CA LEU A 16 5.25 -0.21 -6.65
C LEU A 16 4.56 -0.53 -5.32
N ILE A 17 5.09 -1.49 -4.59
CA ILE A 17 4.51 -1.89 -3.27
C ILE A 17 4.58 -0.68 -2.31
N PHE A 18 5.67 0.08 -2.37
CA PHE A 18 5.82 1.28 -1.49
C PHE A 18 4.73 2.32 -1.81
N THR A 19 4.49 2.58 -3.06
CA THR A 19 3.43 3.58 -3.46
C THR A 19 2.04 3.13 -2.96
N ILE A 20 1.75 1.84 -3.01
CA ILE A 20 0.43 1.34 -2.52
C ILE A 20 0.31 1.57 -1.01
N THR A 21 1.34 1.25 -0.25
CA THR A 21 1.31 1.45 1.24
C THR A 21 1.18 2.94 1.57
N LYS A 22 1.84 3.81 0.84
CA LYS A 22 1.74 5.29 1.11
C LYS A 22 0.29 5.74 0.94
N ILE A 23 -0.37 5.31 -0.12
CA ILE A 23 -1.79 5.70 -0.35
C ILE A 23 -2.66 4.99 0.71
N LEU A 24 -2.36 3.74 0.99
CA LEU A 24 -3.13 2.98 2.02
C LEU A 24 -3.06 3.70 3.36
N LEU A 25 -1.89 4.21 3.72
CA LEU A 25 -1.74 4.95 5.02
C LEU A 25 -2.28 6.39 4.91
N ALA A 26 -2.74 6.79 3.74
CA ALA A 26 -3.30 8.16 3.55
C ALA A 26 -4.82 8.10 3.29
N ILE A 27 -5.44 6.96 3.54
CA ILE A 27 -6.91 6.80 3.33
C ILE A 27 -7.59 6.48 4.66
N LEU A 28 -7.07 5.52 5.40
CA LEU A 28 -7.69 5.15 6.72
C LEU A 28 -7.24 6.08 7.84
N GLY A 29 -6.11 6.75 7.71
CA GLY A 29 -5.65 7.67 8.80
C GLY A 29 -4.85 8.87 8.24
N PRO A 30 -5.41 9.55 7.24
CA PRO A 30 -4.72 10.73 6.64
C PRO A 30 -4.60 11.88 7.66
N LEU A 31 -5.60 12.06 8.51
CA LEU A 31 -5.55 13.16 9.53
C LEU A 31 -4.35 12.96 10.46
N MET A 32 -4.09 11.73 10.86
CA MET A 32 -2.91 11.44 11.75
C MET A 32 -1.61 11.76 11.00
N VAL A 33 -1.55 11.42 9.72
CA VAL A 33 -0.32 11.70 8.91
C VAL A 33 -0.07 13.21 8.83
N LEU A 34 -1.11 14.02 8.82
CA LEU A 34 -0.92 15.50 8.75
C LEU A 34 -0.94 16.15 10.15
N GLN A 35 -1.02 15.36 11.20
CA GLN A 35 -1.04 15.92 12.59
C GLN A 35 -0.05 15.16 13.49
N ALA A 36 0.97 14.56 12.93
CA ALA A 36 1.96 13.80 13.75
C ALA A 36 3.10 14.74 14.20
N GLY A 37 2.94 15.37 15.34
CA GLY A 37 3.99 16.30 15.87
C GLY A 37 3.76 17.73 15.34
N ILE A 38 2.56 18.25 15.50
CA ILE A 38 2.28 19.65 15.02
C ILE A 38 2.08 20.62 16.20
N THR A 39 2.41 20.20 17.41
CA THR A 39 2.27 21.09 18.61
C THR A 39 3.57 21.03 19.43
N LYS A 40 4.68 21.31 18.79
CA LYS A 40 6.01 21.28 19.50
C LYS A 40 6.99 22.27 18.86
N GLY A 1 7.23 -16.32 4.36
CA GLY A 1 8.52 -17.01 4.05
C GLY A 1 9.60 -15.99 3.69
N ARG A 2 10.84 -16.29 3.99
CA ARG A 2 11.96 -15.34 3.67
C ARG A 2 13.03 -16.01 2.79
N ASP A 3 12.66 -17.01 2.01
CA ASP A 3 13.65 -17.70 1.11
C ASP A 3 13.27 -17.46 -0.36
N ALA A 4 12.08 -17.86 -0.74
CA ALA A 4 11.61 -17.67 -2.15
C ALA A 4 11.31 -16.19 -2.44
N VAL A 5 10.91 -15.43 -1.45
CA VAL A 5 10.59 -13.98 -1.67
C VAL A 5 11.84 -13.24 -2.22
N ILE A 6 13.03 -13.60 -1.79
CA ILE A 6 14.26 -12.92 -2.32
C ILE A 6 14.37 -13.21 -3.83
N LEU A 7 14.17 -14.44 -4.21
CA LEU A 7 14.24 -14.80 -5.67
C LEU A 7 13.07 -14.15 -6.42
N LEU A 8 11.96 -13.92 -5.73
CA LEU A 8 10.76 -13.28 -6.38
C LEU A 8 10.75 -11.76 -6.11
N THR A 9 11.89 -11.12 -6.07
CA THR A 9 11.94 -9.63 -5.82
C THR A 9 12.38 -8.88 -7.09
N CYS A 10 13.22 -9.47 -7.91
CA CYS A 10 13.69 -8.78 -9.17
C CYS A 10 12.54 -8.65 -10.18
N ALA A 11 11.82 -9.71 -10.43
CA ALA A 11 10.68 -9.65 -11.41
C ALA A 11 9.48 -8.86 -10.84
N ILE A 12 9.35 -8.81 -9.53
CA ILE A 12 8.21 -8.06 -8.91
C ILE A 12 8.47 -6.54 -8.94
N HIS A 13 7.52 -5.76 -8.47
CA HIS A 13 7.69 -4.27 -8.44
C HIS A 13 7.70 -3.79 -6.99
N PRO A 14 8.87 -3.80 -6.38
CA PRO A 14 9.01 -3.36 -4.96
C PRO A 14 8.68 -1.87 -4.81
N GLU A 15 9.16 -1.02 -5.68
CA GLU A 15 8.87 0.45 -5.59
C GLU A 15 7.35 0.69 -5.74
N LEU A 16 6.73 -0.06 -6.61
CA LEU A 16 5.25 0.06 -6.82
C LEU A 16 4.52 -0.30 -5.52
N ILE A 17 4.97 -1.34 -4.85
CA ILE A 17 4.32 -1.75 -3.56
C ILE A 17 4.50 -0.63 -2.52
N PHE A 18 5.66 0.00 -2.50
CA PHE A 18 5.91 1.12 -1.54
C PHE A 18 4.90 2.25 -1.79
N THR A 19 4.58 2.52 -3.04
CA THR A 19 3.58 3.59 -3.37
C THR A 19 2.21 3.17 -2.85
N ILE A 20 1.85 1.91 -3.03
CA ILE A 20 0.52 1.41 -2.54
C ILE A 20 0.46 1.54 -1.01
N THR A 21 1.53 1.20 -0.32
CA THR A 21 1.54 1.31 1.19
C THR A 21 1.29 2.77 1.60
N LYS A 22 1.90 3.71 0.90
CA LYS A 22 1.70 5.16 1.24
C LYS A 22 0.23 5.55 1.02
N ILE A 23 -0.35 5.11 -0.09
CA ILE A 23 -1.79 5.45 -0.37
C ILE A 23 -2.68 4.84 0.73
N LEU A 24 -2.35 3.66 1.19
CA LEU A 24 -3.16 3.00 2.27
C LEU A 24 -3.12 3.88 3.54
N LEU A 25 -1.97 4.44 3.85
CA LEU A 25 -1.85 5.33 5.06
C LEU A 25 -2.69 6.59 4.84
N ALA A 26 -2.72 7.07 3.63
CA ALA A 26 -3.51 8.30 3.29
C ALA A 26 -5.02 8.03 3.43
N ILE A 27 -5.42 6.81 3.21
CA ILE A 27 -6.87 6.42 3.32
C ILE A 27 -7.28 6.30 4.80
N LEU A 28 -6.34 6.08 5.70
CA LEU A 28 -6.69 5.96 7.15
C LEU A 28 -6.44 7.30 7.87
N GLY A 29 -6.90 8.38 7.30
CA GLY A 29 -6.73 9.75 7.90
C GLY A 29 -7.24 9.80 9.36
N PRO A 30 -8.46 9.35 9.60
CA PRO A 30 -9.01 9.37 10.99
C PRO A 30 -8.25 8.41 11.90
N LEU A 31 -7.79 7.29 11.37
CA LEU A 31 -7.02 6.30 12.20
C LEU A 31 -5.71 6.95 12.69
N MET A 32 -5.07 7.74 11.85
CA MET A 32 -3.80 8.43 12.27
C MET A 32 -4.11 9.57 13.24
N VAL A 33 -5.19 10.30 13.01
CA VAL A 33 -5.56 11.43 13.93
C VAL A 33 -5.76 10.91 15.37
N LEU A 34 -6.23 9.69 15.51
CA LEU A 34 -6.45 9.11 16.88
C LEU A 34 -5.12 8.58 17.49
N GLN A 35 -4.00 8.81 16.86
CA GLN A 35 -2.69 8.32 17.41
C GLN A 35 -1.53 9.25 17.03
N ALA A 36 -1.78 10.51 16.75
CA ALA A 36 -0.68 11.46 16.39
C ALA A 36 -0.34 12.36 17.57
N GLY A 37 -1.31 13.05 18.12
CA GLY A 37 -1.06 13.95 19.28
C GLY A 37 -1.80 13.41 20.52
N ILE A 38 -1.86 12.12 20.70
CA ILE A 38 -2.56 11.53 21.88
C ILE A 38 -1.62 11.46 23.08
N THR A 39 -2.11 11.82 24.26
CA THR A 39 -1.25 11.78 25.49
C THR A 39 -2.12 11.67 26.76
N LYS A 40 -3.18 10.88 26.71
CA LYS A 40 -4.07 10.72 27.91
C LYS A 40 -4.83 9.39 27.84
N GLY A 1 -5.96 -13.29 -22.20
CA GLY A 1 -5.75 -12.50 -23.45
C GLY A 1 -4.48 -11.66 -23.32
N ARG A 2 -4.55 -10.38 -23.60
CA ARG A 2 -3.35 -9.50 -23.49
C ARG A 2 -3.61 -8.32 -22.53
N ASP A 3 -4.60 -8.43 -21.67
CA ASP A 3 -4.91 -7.34 -20.70
C ASP A 3 -4.81 -7.90 -19.27
N ALA A 4 -5.61 -8.90 -18.96
CA ALA A 4 -5.56 -9.51 -17.59
C ALA A 4 -4.16 -10.08 -17.32
N VAL A 5 -3.52 -10.64 -18.33
CA VAL A 5 -2.14 -11.21 -18.15
C VAL A 5 -1.17 -10.07 -17.82
N ILE A 6 -1.37 -8.89 -18.36
CA ILE A 6 -0.46 -7.74 -18.06
C ILE A 6 -0.69 -7.29 -16.62
N LEU A 7 -1.92 -7.30 -16.15
CA LEU A 7 -2.21 -6.88 -14.74
C LEU A 7 -1.72 -7.98 -13.77
N LEU A 8 -1.77 -9.23 -14.19
CA LEU A 8 -1.32 -10.35 -13.32
C LEU A 8 0.20 -10.46 -13.38
N THR A 9 0.73 -10.73 -14.55
CA THR A 9 2.21 -10.87 -14.77
C THR A 9 2.86 -11.64 -13.62
N CYS A 10 2.35 -12.83 -13.33
CA CYS A 10 2.87 -13.70 -12.23
C CYS A 10 2.78 -12.92 -10.89
N ALA A 11 1.72 -12.14 -10.74
CA ALA A 11 1.49 -11.31 -9.52
C ALA A 11 2.71 -10.41 -9.24
N ILE A 12 3.10 -9.66 -10.24
CA ILE A 12 4.27 -8.73 -10.11
C ILE A 12 3.77 -7.31 -9.85
N HIS A 13 4.31 -6.68 -8.84
CA HIS A 13 3.89 -5.27 -8.49
C HIS A 13 4.85 -4.65 -7.45
N PRO A 14 6.10 -4.47 -7.83
CA PRO A 14 7.11 -3.87 -6.91
C PRO A 14 6.84 -2.38 -6.70
N GLU A 15 6.90 -1.58 -7.75
CA GLU A 15 6.64 -0.10 -7.61
C GLU A 15 5.23 0.14 -7.04
N LEU A 16 4.33 -0.76 -7.28
CA LEU A 16 2.93 -0.64 -6.76
C LEU A 16 2.95 -0.72 -5.23
N ILE A 17 3.62 -1.72 -4.69
CA ILE A 17 3.70 -1.87 -3.20
C ILE A 17 4.38 -0.63 -2.59
N PHE A 18 5.42 -0.13 -3.21
CA PHE A 18 6.14 1.08 -2.69
C PHE A 18 5.20 2.29 -2.63
N THR A 19 4.29 2.43 -3.58
CA THR A 19 3.34 3.59 -3.57
C THR A 19 2.11 3.27 -2.72
N ILE A 20 1.56 2.08 -2.86
CA ILE A 20 0.35 1.70 -2.06
C ILE A 20 0.65 1.75 -0.55
N THR A 21 1.81 1.30 -0.10
CA THR A 21 2.11 1.36 1.38
C THR A 21 2.21 2.82 1.85
N LYS A 22 2.64 3.73 1.01
CA LYS A 22 2.74 5.18 1.43
C LYS A 22 1.34 5.80 1.46
N ILE A 23 0.48 5.42 0.53
CA ILE A 23 -0.91 5.98 0.49
C ILE A 23 -1.91 4.98 1.10
N LEU A 24 -1.47 3.91 1.74
CA LEU A 24 -2.41 2.92 2.33
C LEU A 24 -3.31 3.62 3.37
N LEU A 25 -2.73 4.39 4.25
CA LEU A 25 -3.54 5.13 5.27
C LEU A 25 -4.18 6.38 4.67
N ALA A 26 -3.74 6.79 3.50
CA ALA A 26 -4.30 8.00 2.82
C ALA A 26 -5.22 7.62 1.65
N ILE A 27 -5.76 6.41 1.65
CA ILE A 27 -6.68 5.96 0.54
C ILE A 27 -8.08 5.62 1.09
N LEU A 28 -8.18 5.15 2.32
CA LEU A 28 -9.51 4.78 2.93
C LEU A 28 -10.57 5.88 2.75
N GLY A 29 -10.18 7.14 2.85
CA GLY A 29 -11.18 8.24 2.68
C GLY A 29 -10.48 9.61 2.79
N PRO A 30 -9.55 9.87 1.90
CA PRO A 30 -8.80 11.16 1.91
C PRO A 30 -9.71 12.34 1.49
N LEU A 31 -9.87 12.58 0.19
CA LEU A 31 -10.72 13.71 -0.33
C LEU A 31 -10.36 15.05 0.35
N MET A 32 -9.11 15.19 0.67
CA MET A 32 -8.56 16.43 1.33
C MET A 32 -7.05 16.24 1.42
N VAL A 33 -6.62 15.15 2.02
CA VAL A 33 -5.16 14.85 2.15
C VAL A 33 -4.61 14.45 0.76
N LEU A 34 -5.46 14.02 -0.15
CA LEU A 34 -5.01 13.62 -1.52
C LEU A 34 -5.08 14.81 -2.49
N GLN A 35 -5.16 16.03 -1.99
CA GLN A 35 -5.23 17.23 -2.89
C GLN A 35 -4.87 18.52 -2.12
N ALA A 36 -3.97 18.44 -1.16
CA ALA A 36 -3.57 19.65 -0.37
C ALA A 36 -2.17 20.13 -0.78
N GLY A 37 -1.22 19.23 -0.85
CA GLY A 37 0.17 19.62 -1.25
C GLY A 37 0.44 19.20 -2.69
N ILE A 38 -0.48 19.45 -3.59
CA ILE A 38 -0.29 19.07 -5.03
C ILE A 38 -0.58 20.28 -5.93
N THR A 39 0.10 20.39 -7.04
CA THR A 39 -0.10 21.53 -7.97
C THR A 39 -0.49 21.00 -9.36
N LYS A 40 -1.56 20.24 -9.42
CA LYS A 40 -2.03 19.67 -10.72
C LYS A 40 -3.46 20.11 -11.04
N GLY A 1 19.95 -4.83 -12.85
CA GLY A 1 20.67 -5.54 -13.95
C GLY A 1 20.24 -7.00 -13.99
N ARG A 2 21.19 -7.91 -14.03
CA ARG A 2 20.86 -9.37 -14.07
C ARG A 2 21.39 -10.05 -12.79
N ASP A 3 21.33 -11.36 -12.73
CA ASP A 3 21.81 -12.11 -11.52
C ASP A 3 21.08 -11.64 -10.25
N ALA A 4 19.81 -11.32 -10.38
CA ALA A 4 18.99 -10.84 -9.23
C ALA A 4 17.52 -10.73 -9.68
N VAL A 5 17.27 -10.02 -10.76
CA VAL A 5 15.88 -9.86 -11.29
C VAL A 5 15.29 -11.23 -11.65
N ILE A 6 16.10 -12.13 -12.18
CA ILE A 6 15.60 -13.49 -12.55
C ILE A 6 15.11 -14.20 -11.28
N LEU A 7 15.80 -14.01 -10.17
CA LEU A 7 15.38 -14.65 -8.88
C LEU A 7 14.17 -13.89 -8.28
N LEU A 8 14.11 -12.59 -8.47
CA LEU A 8 12.97 -11.79 -7.91
C LEU A 8 11.84 -11.61 -8.94
N THR A 9 11.70 -12.54 -9.88
CA THR A 9 10.61 -12.42 -10.92
C THR A 9 9.21 -12.47 -10.27
N CYS A 10 9.08 -13.05 -9.09
CA CYS A 10 7.74 -13.13 -8.42
C CYS A 10 7.23 -11.73 -8.01
N ALA A 11 8.12 -10.80 -7.77
CA ALA A 11 7.70 -9.42 -7.37
C ALA A 11 8.17 -8.40 -8.42
N ILE A 12 9.46 -8.11 -8.48
CA ILE A 12 10.02 -7.14 -9.48
C ILE A 12 9.36 -5.74 -9.37
N HIS A 13 8.72 -5.45 -8.26
CA HIS A 13 8.06 -4.10 -8.09
C HIS A 13 8.16 -3.64 -6.62
N PRO A 14 9.38 -3.42 -6.17
CA PRO A 14 9.60 -2.96 -4.75
C PRO A 14 9.10 -1.53 -4.56
N GLU A 15 9.48 -0.61 -5.42
CA GLU A 15 9.00 0.81 -5.29
C GLU A 15 7.49 0.89 -5.50
N LEU A 16 6.95 0.00 -6.29
CA LEU A 16 5.47 -0.02 -6.55
C LEU A 16 4.74 -0.40 -5.27
N ILE A 17 5.20 -1.43 -4.59
CA ILE A 17 4.56 -1.86 -3.30
C ILE A 17 4.61 -0.69 -2.30
N PHE A 18 5.71 0.06 -2.31
CA PHE A 18 5.85 1.24 -1.40
C PHE A 18 4.80 2.31 -1.75
N THR A 19 4.53 2.51 -3.02
CA THR A 19 3.52 3.54 -3.45
C THR A 19 2.12 3.12 -2.96
N ILE A 20 1.81 1.85 -3.10
CA ILE A 20 0.46 1.34 -2.65
C ILE A 20 0.32 1.54 -1.12
N THR A 21 1.35 1.28 -0.36
CA THR A 21 1.29 1.47 1.13
C THR A 21 1.10 2.96 1.47
N LYS A 22 1.77 3.84 0.74
CA LYS A 22 1.64 5.32 1.00
C LYS A 22 0.16 5.74 0.87
N ILE A 23 -0.50 5.28 -0.17
CA ILE A 23 -1.95 5.64 -0.35
C ILE A 23 -2.78 4.94 0.74
N LEU A 24 -2.43 3.71 1.08
CA LEU A 24 -3.19 2.97 2.15
C LEU A 24 -3.12 3.77 3.46
N LEU A 25 -1.94 4.18 3.86
CA LEU A 25 -1.79 4.98 5.12
C LEU A 25 -2.36 6.40 4.96
N ALA A 26 -2.56 6.83 3.74
CA ALA A 26 -3.13 8.20 3.50
C ALA A 26 -4.67 8.15 3.40
N ILE A 27 -5.27 7.00 3.58
CA ILE A 27 -6.76 6.88 3.52
C ILE A 27 -7.28 6.54 4.93
N LEU A 28 -6.77 5.48 5.52
CA LEU A 28 -7.22 5.07 6.89
C LEU A 28 -6.38 5.80 7.95
N GLY A 29 -5.12 6.08 7.68
CA GLY A 29 -4.25 6.80 8.66
C GLY A 29 -4.87 8.15 9.07
N PRO A 30 -5.18 8.98 8.10
CA PRO A 30 -5.78 10.32 8.40
C PRO A 30 -7.20 10.15 8.96
N LEU A 31 -7.93 9.14 8.55
CA LEU A 31 -9.33 8.93 9.07
C LEU A 31 -9.27 8.66 10.58
N MET A 32 -8.34 7.85 11.02
CA MET A 32 -8.20 7.54 12.49
C MET A 32 -7.86 8.82 13.25
N VAL A 33 -7.01 9.66 12.68
CA VAL A 33 -6.62 10.95 13.34
C VAL A 33 -7.86 11.86 13.45
N LEU A 34 -8.80 11.75 12.54
CA LEU A 34 -10.03 12.61 12.59
C LEU A 34 -11.10 12.02 13.53
N GLN A 35 -10.78 10.99 14.28
CA GLN A 35 -11.78 10.37 15.22
C GLN A 35 -11.21 10.24 16.64
N ALA A 36 -10.19 11.01 16.98
CA ALA A 36 -9.60 10.93 18.35
C ALA A 36 -10.26 11.98 19.25
N GLY A 37 -10.25 13.22 18.85
CA GLY A 37 -10.88 14.32 19.66
C GLY A 37 -12.34 14.52 19.23
N ILE A 38 -12.67 14.18 18.00
CA ILE A 38 -14.08 14.35 17.51
C ILE A 38 -14.94 13.16 17.95
N THR A 39 -15.99 13.42 18.70
CA THR A 39 -16.88 12.33 19.19
C THR A 39 -18.36 12.75 19.07
N LYS A 40 -18.80 13.03 17.84
CA LYS A 40 -20.22 13.45 17.59
C LYS A 40 -20.55 14.75 18.38
N GLY A 1 7.71 -22.92 -14.56
CA GLY A 1 6.49 -23.70 -14.22
C GLY A 1 5.37 -22.75 -13.76
N ARG A 2 4.18 -22.95 -14.26
CA ARG A 2 3.04 -22.06 -13.86
C ARG A 2 2.43 -22.52 -12.52
N ASP A 3 2.97 -22.00 -11.45
CA ASP A 3 2.49 -22.35 -10.07
C ASP A 3 3.10 -21.36 -9.08
N ALA A 4 4.41 -21.33 -8.98
CA ALA A 4 5.11 -20.39 -8.05
C ALA A 4 5.04 -18.96 -8.60
N VAL A 5 5.12 -18.81 -9.91
CA VAL A 5 5.07 -17.46 -10.55
C VAL A 5 3.74 -16.77 -10.19
N ILE A 6 2.64 -17.51 -10.17
CA ILE A 6 1.31 -16.91 -9.81
C ILE A 6 1.41 -16.31 -8.40
N LEU A 7 1.95 -17.05 -7.46
CA LEU A 7 2.08 -16.55 -6.05
C LEU A 7 3.14 -15.44 -5.99
N LEU A 8 4.12 -15.47 -6.88
CA LEU A 8 5.20 -14.43 -6.89
C LEU A 8 4.80 -13.18 -7.71
N THR A 9 3.55 -13.08 -8.13
CA THR A 9 3.10 -11.88 -8.94
C THR A 9 3.23 -10.60 -8.10
N CYS A 10 2.94 -10.68 -6.82
CA CYS A 10 3.04 -9.46 -5.94
C CYS A 10 4.51 -9.24 -5.56
N ALA A 11 5.30 -10.30 -5.47
CA ALA A 11 6.74 -10.15 -5.11
C ALA A 11 7.54 -9.50 -6.25
N ILE A 12 7.04 -9.54 -7.47
CA ILE A 12 7.78 -8.91 -8.62
C ILE A 12 7.36 -7.45 -8.86
N HIS A 13 6.72 -6.82 -7.91
CA HIS A 13 6.29 -5.39 -8.08
C HIS A 13 6.58 -4.60 -6.78
N PRO A 14 7.85 -4.46 -6.46
CA PRO A 14 8.27 -3.73 -5.24
C PRO A 14 7.96 -2.22 -5.34
N GLU A 15 8.17 -1.62 -6.50
CA GLU A 15 7.88 -0.17 -6.68
C GLU A 15 6.39 0.12 -6.46
N LEU A 16 5.55 -0.76 -6.91
CA LEU A 16 4.07 -0.60 -6.74
C LEU A 16 3.73 -0.71 -5.25
N ILE A 17 4.27 -1.68 -4.56
CA ILE A 17 3.99 -1.85 -3.09
C ILE A 17 4.57 -0.65 -2.33
N PHE A 18 5.73 -0.17 -2.73
CA PHE A 18 6.37 1.00 -2.06
C PHE A 18 5.47 2.25 -2.15
N THR A 19 4.64 2.32 -3.17
CA THR A 19 3.72 3.49 -3.33
C THR A 19 2.33 3.17 -2.75
N ILE A 20 1.83 1.97 -2.98
CA ILE A 20 0.48 1.59 -2.44
C ILE A 20 0.44 1.74 -0.90
N THR A 21 1.53 1.49 -0.21
CA THR A 21 1.55 1.63 1.28
C THR A 21 1.29 3.09 1.66
N LYS A 22 1.91 4.01 0.95
CA LYS A 22 1.71 5.46 1.22
C LYS A 22 0.26 5.85 0.95
N ILE A 23 -0.36 5.25 -0.06
CA ILE A 23 -1.79 5.58 -0.37
C ILE A 23 -2.69 4.90 0.66
N LEU A 24 -2.36 3.67 1.03
CA LEU A 24 -3.17 2.93 2.05
C LEU A 24 -3.16 3.71 3.37
N LEU A 25 -2.02 4.23 3.77
CA LEU A 25 -1.95 5.03 5.04
C LEU A 25 -2.77 6.32 4.91
N ALA A 26 -2.80 6.87 3.73
CA ALA A 26 -3.57 8.12 3.46
C ALA A 26 -5.08 7.85 3.47
N ILE A 27 -5.45 6.66 3.08
CA ILE A 27 -6.90 6.26 3.05
C ILE A 27 -7.16 5.19 4.13
N LEU A 28 -6.52 5.31 5.28
CA LEU A 28 -6.73 4.30 6.37
C LEU A 28 -8.06 4.56 7.11
N GLY A 29 -8.50 5.79 7.19
CA GLY A 29 -9.79 6.10 7.88
C GLY A 29 -10.34 7.47 7.42
N PRO A 30 -10.51 7.62 6.12
CA PRO A 30 -11.05 8.91 5.56
C PRO A 30 -12.52 9.12 5.98
N LEU A 31 -13.30 8.07 6.07
CA LEU A 31 -14.73 8.21 6.49
C LEU A 31 -14.80 8.83 7.89
N MET A 32 -14.02 8.34 8.81
CA MET A 32 -14.02 8.90 10.20
C MET A 32 -13.48 10.34 10.18
N VAL A 33 -12.46 10.60 9.39
CA VAL A 33 -11.88 11.99 9.31
C VAL A 33 -12.91 12.95 8.69
N LEU A 34 -13.65 12.50 7.70
CA LEU A 34 -14.68 13.39 7.06
C LEU A 34 -16.04 13.31 7.79
N GLN A 35 -16.11 12.65 8.93
CA GLN A 35 -17.39 12.54 9.68
C GLN A 35 -17.20 13.00 11.14
N ALA A 36 -16.12 13.69 11.44
CA ALA A 36 -15.89 14.16 12.84
C ALA A 36 -16.53 15.56 13.01
N GLY A 37 -17.84 15.60 13.07
CA GLY A 37 -18.55 16.91 13.22
C GLY A 37 -18.73 17.54 11.84
N ILE A 38 -19.49 16.92 10.97
CA ILE A 38 -19.72 17.49 9.60
C ILE A 38 -21.10 18.16 9.53
N THR A 39 -21.32 19.12 10.40
CA THR A 39 -22.64 19.86 10.42
C THR A 39 -22.48 21.16 11.23
N LYS A 40 -21.60 22.03 10.80
CA LYS A 40 -21.36 23.33 11.51
C LYS A 40 -20.92 24.44 10.54
N GLY A 1 2.04 -22.57 -11.04
CA GLY A 1 0.56 -22.49 -10.83
C GLY A 1 0.21 -21.19 -10.09
N ARG A 2 -0.80 -21.22 -9.26
CA ARG A 2 -1.20 -19.99 -8.50
C ARG A 2 -1.00 -20.23 -6.99
N ASP A 3 -1.55 -19.37 -6.16
CA ASP A 3 -1.40 -19.50 -4.67
C ASP A 3 0.09 -19.60 -4.30
N ALA A 4 0.89 -18.81 -4.96
CA ALA A 4 2.37 -18.77 -4.75
C ALA A 4 2.96 -17.70 -5.67
N VAL A 5 2.58 -17.73 -6.94
CA VAL A 5 3.08 -16.73 -7.93
C VAL A 5 2.70 -15.30 -7.49
N ILE A 6 1.54 -15.15 -6.87
CA ILE A 6 1.10 -13.79 -6.40
C ILE A 6 2.07 -13.32 -5.31
N LEU A 7 2.43 -14.19 -4.39
CA LEU A 7 3.40 -13.83 -3.31
C LEU A 7 4.74 -13.43 -3.95
N LEU A 8 5.12 -14.08 -5.02
CA LEU A 8 6.40 -13.74 -5.73
C LEU A 8 6.34 -12.31 -6.27
N THR A 9 5.24 -11.96 -6.87
CA THR A 9 5.05 -10.59 -7.43
C THR A 9 5.09 -9.56 -6.29
N CYS A 10 4.62 -9.91 -5.11
CA CYS A 10 4.65 -8.96 -3.96
C CYS A 10 6.11 -8.71 -3.56
N ALA A 11 6.95 -9.72 -3.67
CA ALA A 11 8.39 -9.58 -3.32
C ALA A 11 9.13 -8.84 -4.43
N ILE A 12 8.91 -9.21 -5.67
CA ILE A 12 9.61 -8.53 -6.82
C ILE A 12 8.98 -7.14 -7.07
N HIS A 13 9.79 -6.19 -7.49
CA HIS A 13 9.32 -4.80 -7.77
C HIS A 13 8.60 -4.20 -6.54
N PRO A 14 9.34 -4.04 -5.46
CA PRO A 14 8.76 -3.48 -4.20
C PRO A 14 8.40 -1.99 -4.34
N GLU A 15 8.99 -1.28 -5.29
CA GLU A 15 8.66 0.18 -5.47
C GLU A 15 7.17 0.38 -5.72
N LEU A 16 6.57 -0.52 -6.46
CA LEU A 16 5.10 -0.44 -6.75
C LEU A 16 4.34 -0.61 -5.44
N ILE A 17 4.76 -1.53 -4.59
CA ILE A 17 4.07 -1.75 -3.28
C ILE A 17 4.39 -0.55 -2.36
N PHE A 18 5.60 -0.02 -2.43
CA PHE A 18 5.96 1.16 -1.58
C PHE A 18 5.01 2.34 -1.86
N THR A 19 4.58 2.48 -3.09
CA THR A 19 3.63 3.58 -3.45
C THR A 19 2.24 3.20 -2.94
N ILE A 20 1.86 1.95 -3.09
CA ILE A 20 0.52 1.48 -2.61
C ILE A 20 0.42 1.59 -1.07
N THR A 21 1.47 1.25 -0.36
CA THR A 21 1.43 1.35 1.14
C THR A 21 1.27 2.83 1.56
N LYS A 22 1.91 3.74 0.85
CA LYS A 22 1.79 5.19 1.19
C LYS A 22 0.32 5.63 1.01
N ILE A 23 -0.30 5.23 -0.08
CA ILE A 23 -1.74 5.58 -0.32
C ILE A 23 -2.60 4.90 0.76
N LEU A 24 -2.25 3.70 1.15
CA LEU A 24 -3.04 2.98 2.21
C LEU A 24 -3.02 3.81 3.50
N LEU A 25 -1.88 4.39 3.82
CA LEU A 25 -1.77 5.24 5.06
C LEU A 25 -2.59 6.53 4.90
N ALA A 26 -2.85 6.92 3.68
CA ALA A 26 -3.66 8.15 3.41
C ALA A 26 -5.15 7.81 3.29
N ILE A 27 -5.53 6.59 3.57
CA ILE A 27 -6.96 6.16 3.48
C ILE A 27 -7.37 5.43 4.78
N LEU A 28 -6.59 4.47 5.22
CA LEU A 28 -6.89 3.69 6.46
C LEU A 28 -8.23 2.94 6.34
N GLY A 29 -8.42 2.24 5.24
CA GLY A 29 -9.69 1.48 5.04
C GLY A 29 -9.47 0.30 4.06
N PRO A 30 -8.46 -0.51 4.33
CA PRO A 30 -8.15 -1.68 3.45
C PRO A 30 -9.25 -2.76 3.58
N LEU A 31 -9.82 -2.92 4.75
CA LEU A 31 -10.89 -3.97 4.94
C LEU A 31 -12.08 -3.71 3.99
N MET A 32 -12.54 -2.49 3.91
CA MET A 32 -13.69 -2.18 2.99
C MET A 32 -13.30 -2.43 1.53
N VAL A 33 -12.10 -2.05 1.14
CA VAL A 33 -11.66 -2.26 -0.28
C VAL A 33 -11.43 -3.77 -0.54
N LEU A 34 -10.98 -4.52 0.44
CA LEU A 34 -10.75 -5.99 0.24
C LEU A 34 -11.97 -6.82 0.65
N GLN A 35 -13.09 -6.20 0.91
CA GLN A 35 -14.34 -6.94 1.31
C GLN A 35 -15.55 -6.40 0.54
N ALA A 36 -15.33 -5.81 -0.63
CA ALA A 36 -16.47 -5.26 -1.43
C ALA A 36 -17.03 -6.37 -2.32
N GLY A 37 -16.17 -7.08 -3.04
CA GLY A 37 -16.63 -8.18 -3.93
C GLY A 37 -16.22 -9.54 -3.33
N ILE A 38 -16.45 -9.72 -2.04
CA ILE A 38 -16.07 -11.01 -1.37
C ILE A 38 -17.32 -11.65 -0.74
N THR A 39 -17.55 -12.91 -1.02
CA THR A 39 -18.75 -13.62 -0.45
C THR A 39 -18.31 -14.91 0.26
N LYS A 40 -17.27 -14.85 1.05
CA LYS A 40 -16.77 -16.06 1.77
C LYS A 40 -15.74 -15.68 2.85
N GLY A 1 14.68 -14.28 12.48
CA GLY A 1 15.02 -15.70 12.79
C GLY A 1 14.46 -16.62 11.71
N ARG A 2 15.02 -16.55 10.51
CA ARG A 2 14.56 -17.41 9.36
C ARG A 2 13.05 -17.23 9.08
N ASP A 3 12.46 -16.14 9.50
CA ASP A 3 11.01 -15.88 9.27
C ASP A 3 10.87 -14.47 8.69
N ALA A 4 11.33 -13.48 9.43
CA ALA A 4 11.25 -12.06 8.95
C ALA A 4 12.10 -11.92 7.67
N VAL A 5 13.24 -12.58 7.64
CA VAL A 5 14.14 -12.53 6.44
C VAL A 5 13.45 -13.24 5.26
N ILE A 6 12.82 -14.37 5.53
CA ILE A 6 12.10 -15.12 4.44
C ILE A 6 10.98 -14.25 3.88
N LEU A 7 10.23 -13.59 4.75
CA LEU A 7 9.10 -12.70 4.30
C LEU A 7 9.65 -11.56 3.42
N LEU A 8 10.79 -11.00 3.79
CA LEU A 8 11.40 -9.89 2.99
C LEU A 8 11.85 -10.36 1.60
N THR A 9 12.02 -11.64 1.43
CA THR A 9 12.45 -12.20 0.11
C THR A 9 11.23 -12.79 -0.62
N CYS A 10 10.37 -13.49 0.11
CA CYS A 10 9.15 -14.10 -0.52
C CYS A 10 8.20 -13.01 -1.03
N ALA A 11 8.06 -11.91 -0.33
CA ALA A 11 7.14 -10.82 -0.79
C ALA A 11 7.70 -10.16 -2.06
N ILE A 12 8.88 -9.58 -1.98
CA ILE A 12 9.56 -8.91 -3.14
C ILE A 12 8.67 -7.82 -3.79
N HIS A 13 9.18 -7.19 -4.84
CA HIS A 13 8.42 -6.10 -5.55
C HIS A 13 8.00 -4.99 -4.57
N PRO A 14 8.98 -4.37 -3.93
CA PRO A 14 8.69 -3.29 -2.95
C PRO A 14 8.29 -1.97 -3.65
N GLU A 15 8.70 -1.76 -4.89
CA GLU A 15 8.33 -0.49 -5.62
C GLU A 15 6.82 -0.28 -5.62
N LEU A 16 6.09 -1.28 -6.01
CA LEU A 16 4.59 -1.19 -6.06
C LEU A 16 4.04 -1.07 -4.64
N ILE A 17 4.58 -1.81 -3.69
CA ILE A 17 4.11 -1.74 -2.28
C ILE A 17 4.41 -0.34 -1.73
N PHE A 18 5.61 0.15 -1.95
CA PHE A 18 5.99 1.53 -1.45
C PHE A 18 5.00 2.59 -1.96
N THR A 19 4.53 2.47 -3.19
CA THR A 19 3.57 3.46 -3.74
C THR A 19 2.14 3.20 -3.22
N ILE A 20 1.69 1.97 -3.29
CA ILE A 20 0.30 1.63 -2.79
C ILE A 20 0.24 1.80 -1.27
N THR A 21 1.22 1.31 -0.54
CA THR A 21 1.20 1.46 0.95
C THR A 21 1.18 2.94 1.33
N LYS A 22 1.81 3.80 0.54
CA LYS A 22 1.79 5.26 0.85
C LYS A 22 0.34 5.77 0.77
N ILE A 23 -0.36 5.35 -0.26
CA ILE A 23 -1.80 5.76 -0.43
C ILE A 23 -2.65 4.99 0.60
N LEU A 24 -2.29 3.75 0.88
CA LEU A 24 -3.04 2.92 1.88
C LEU A 24 -2.95 3.60 3.25
N LEU A 25 -1.78 4.04 3.64
CA LEU A 25 -1.61 4.72 4.97
C LEU A 25 -2.35 6.06 5.00
N ALA A 26 -2.50 6.69 3.86
CA ALA A 26 -3.22 8.01 3.78
C ALA A 26 -4.74 7.83 3.88
N ILE A 27 -5.24 6.63 3.68
CA ILE A 27 -6.71 6.38 3.76
C ILE A 27 -7.05 5.67 5.09
N LEU A 28 -6.14 4.90 5.66
CA LEU A 28 -6.44 4.19 6.94
C LEU A 28 -6.52 5.19 8.11
N GLY A 29 -5.62 6.14 8.17
CA GLY A 29 -5.64 7.13 9.29
C GLY A 29 -4.31 7.91 9.32
N PRO A 30 -4.13 8.78 8.34
CA PRO A 30 -2.88 9.60 8.26
C PRO A 30 -2.74 10.53 9.47
N LEU A 31 -3.82 11.14 9.92
CA LEU A 31 -3.74 12.06 11.11
C LEU A 31 -3.47 11.22 12.38
N MET A 32 -4.07 10.06 12.48
CA MET A 32 -3.86 9.16 13.67
C MET A 32 -2.40 8.69 13.76
N VAL A 33 -1.73 8.49 12.64
CA VAL A 33 -0.30 8.04 12.69
C VAL A 33 0.56 9.05 13.47
N LEU A 34 0.19 10.32 13.44
CA LEU A 34 0.97 11.36 14.19
C LEU A 34 0.44 11.49 15.63
N GLN A 35 -0.30 10.52 16.12
CA GLN A 35 -0.85 10.57 17.50
C GLN A 35 -0.87 9.15 18.11
N ALA A 36 -0.01 8.25 17.64
CA ALA A 36 0.03 6.85 18.18
C ALA A 36 1.28 6.66 19.04
N GLY A 37 2.44 6.94 18.50
CA GLY A 37 3.71 6.77 19.27
C GLY A 37 4.32 8.15 19.55
N ILE A 38 3.52 9.06 20.08
CA ILE A 38 4.02 10.44 20.37
C ILE A 38 4.15 10.63 21.89
N THR A 39 5.19 11.34 22.32
CA THR A 39 5.43 11.58 23.79
C THR A 39 5.53 10.24 24.54
N LYS A 40 6.45 9.40 24.14
CA LYS A 40 6.66 8.05 24.77
C LYS A 40 5.40 7.19 24.60
N GLY A 1 1.98 -14.66 3.80
CA GLY A 1 1.90 -15.71 2.76
C GLY A 1 3.17 -15.72 1.91
N ARG A 2 3.85 -16.84 1.82
CA ARG A 2 5.11 -16.92 1.01
C ARG A 2 4.90 -17.80 -0.24
N ASP A 3 3.73 -17.78 -0.83
CA ASP A 3 3.47 -18.60 -2.06
C ASP A 3 3.26 -17.68 -3.27
N ALA A 4 2.40 -16.70 -3.15
CA ALA A 4 2.14 -15.75 -4.29
C ALA A 4 3.41 -14.95 -4.62
N VAL A 5 4.16 -14.53 -3.62
CA VAL A 5 5.42 -13.75 -3.87
C VAL A 5 6.42 -14.63 -4.63
N ILE A 6 6.53 -15.90 -4.27
CA ILE A 6 7.48 -16.82 -4.98
C ILE A 6 7.07 -16.90 -6.46
N LEU A 7 5.79 -16.93 -6.74
CA LEU A 7 5.30 -16.99 -8.16
C LEU A 7 5.47 -15.63 -8.83
N LEU A 8 5.38 -14.55 -8.07
CA LEU A 8 5.53 -13.17 -8.65
C LEU A 8 6.99 -12.71 -8.66
N THR A 9 7.94 -13.59 -8.41
CA THR A 9 9.40 -13.17 -8.40
C THR A 9 9.80 -12.57 -9.76
N CYS A 10 9.20 -13.02 -10.84
CA CYS A 10 9.54 -12.47 -12.19
C CYS A 10 8.93 -11.07 -12.35
N ALA A 11 7.76 -10.83 -11.81
CA ALA A 11 7.12 -9.49 -11.92
C ALA A 11 6.99 -8.85 -10.53
N ILE A 12 8.03 -8.94 -9.75
CA ILE A 12 8.01 -8.34 -8.38
C ILE A 12 8.45 -6.87 -8.44
N HIS A 13 7.76 -5.99 -7.74
CA HIS A 13 8.11 -4.54 -7.75
C HIS A 13 8.03 -3.98 -6.32
N PRO A 14 9.17 -3.88 -5.67
CA PRO A 14 9.23 -3.35 -4.28
C PRO A 14 8.82 -1.87 -4.23
N GLU A 15 9.31 -1.06 -5.13
CA GLU A 15 8.93 0.39 -5.14
C GLU A 15 7.43 0.56 -5.41
N LEU A 16 6.87 -0.33 -6.18
CA LEU A 16 5.40 -0.27 -6.50
C LEU A 16 4.62 -0.54 -5.21
N ILE A 17 5.08 -1.47 -4.40
CA ILE A 17 4.39 -1.79 -3.11
C ILE A 17 4.47 -0.55 -2.21
N PHE A 18 5.61 0.10 -2.15
CA PHE A 18 5.78 1.33 -1.31
C PHE A 18 4.79 2.42 -1.76
N THR A 19 4.50 2.47 -3.04
CA THR A 19 3.53 3.49 -3.56
C THR A 19 2.13 3.14 -3.05
N ILE A 20 1.77 1.87 -3.09
CA ILE A 20 0.42 1.44 -2.60
C ILE A 20 0.31 1.64 -1.08
N THR A 21 1.35 1.32 -0.33
CA THR A 21 1.29 1.52 1.16
C THR A 21 1.14 3.02 1.46
N LYS A 22 1.81 3.87 0.72
CA LYS A 22 1.70 5.35 0.95
C LYS A 22 0.24 5.79 0.81
N ILE A 23 -0.47 5.26 -0.18
CA ILE A 23 -1.90 5.62 -0.37
C ILE A 23 -2.74 4.93 0.71
N LEU A 24 -2.47 3.67 0.99
CA LEU A 24 -3.23 2.94 2.06
C LEU A 24 -3.09 3.67 3.41
N LEU A 25 -1.89 4.09 3.75
CA LEU A 25 -1.68 4.82 5.04
C LEU A 25 -2.16 6.28 4.94
N ALA A 26 -2.59 6.72 3.78
CA ALA A 26 -3.10 8.10 3.58
C ALA A 26 -4.61 8.10 3.29
N ILE A 27 -5.26 6.96 3.45
CA ILE A 27 -6.73 6.86 3.19
C ILE A 27 -7.48 6.73 4.54
N LEU A 28 -6.97 5.94 5.45
CA LEU A 28 -7.65 5.77 6.78
C LEU A 28 -7.19 6.88 7.73
N GLY A 29 -5.90 7.15 7.76
CA GLY A 29 -5.34 8.23 8.64
C GLY A 29 -5.45 7.82 10.12
N PRO A 30 -4.58 6.91 10.54
CA PRO A 30 -4.59 6.45 11.97
C PRO A 30 -4.25 7.60 12.93
N LEU A 31 -3.33 8.46 12.55
CA LEU A 31 -2.94 9.61 13.42
C LEU A 31 -4.14 10.56 13.54
N MET A 32 -4.81 10.83 12.44
CA MET A 32 -6.01 11.73 12.47
C MET A 32 -7.14 11.12 13.30
N VAL A 33 -7.31 9.81 13.25
CA VAL A 33 -8.40 9.15 14.06
C VAL A 33 -8.20 9.45 15.56
N LEU A 34 -6.97 9.50 16.01
CA LEU A 34 -6.72 9.80 17.47
C LEU A 34 -6.45 11.30 17.70
N GLN A 35 -6.61 12.13 16.68
CA GLN A 35 -6.38 13.60 16.84
C GLN A 35 -7.58 14.41 16.33
N ALA A 36 -8.72 13.78 16.18
CA ALA A 36 -9.94 14.50 15.69
C ALA A 36 -10.83 14.82 16.89
N GLY A 37 -10.49 15.86 17.62
CA GLY A 37 -11.28 16.24 18.83
C GLY A 37 -10.81 15.40 20.03
N ILE A 38 -9.51 15.26 20.20
CA ILE A 38 -8.97 14.47 21.35
C ILE A 38 -8.62 15.39 22.55
N THR A 39 -9.38 16.45 22.75
CA THR A 39 -9.11 17.38 23.89
C THR A 39 -10.27 17.35 24.89
N LYS A 40 -10.65 16.17 25.32
CA LYS A 40 -11.79 16.03 26.31
C LYS A 40 -11.40 15.05 27.43
N GLY A 1 3.25 -16.42 1.47
CA GLY A 1 3.07 -17.91 1.53
C GLY A 1 3.21 -18.51 0.13
N ARG A 2 2.30 -19.37 -0.26
CA ARG A 2 2.36 -20.01 -1.60
C ARG A 2 0.99 -19.89 -2.29
N ASP A 3 0.85 -20.50 -3.46
CA ASP A 3 -0.44 -20.46 -4.23
C ASP A 3 -0.81 -19.00 -4.55
N ALA A 4 0.18 -18.18 -4.81
CA ALA A 4 -0.04 -16.74 -5.15
C ALA A 4 1.30 -16.10 -5.53
N VAL A 5 2.31 -16.26 -4.70
CA VAL A 5 3.67 -15.67 -4.99
C VAL A 5 4.22 -16.28 -6.30
N ILE A 6 3.99 -17.55 -6.53
CA ILE A 6 4.48 -18.21 -7.79
C ILE A 6 3.82 -17.54 -9.02
N LEU A 7 2.58 -17.11 -8.87
CA LEU A 7 1.86 -16.43 -10.00
C LEU A 7 2.28 -14.96 -10.11
N LEU A 8 2.72 -14.35 -9.03
CA LEU A 8 3.15 -12.91 -9.08
C LEU A 8 4.67 -12.76 -9.26
N THR A 9 5.35 -13.77 -9.77
CA THR A 9 6.84 -13.66 -9.96
C THR A 9 7.20 -13.05 -11.33
N CYS A 10 6.31 -13.09 -12.30
CA CYS A 10 6.61 -12.53 -13.66
C CYS A 10 6.46 -11.00 -13.66
N ALA A 11 5.32 -10.50 -13.24
CA ALA A 11 5.09 -9.01 -13.22
C ALA A 11 5.33 -8.42 -11.82
N ILE A 12 6.37 -8.86 -11.15
CA ILE A 12 6.68 -8.34 -9.78
C ILE A 12 6.90 -6.82 -9.81
N HIS A 13 6.46 -6.12 -8.78
CA HIS A 13 6.63 -4.64 -8.73
C HIS A 13 6.87 -4.16 -7.29
N PRO A 14 8.11 -4.22 -6.85
CA PRO A 14 8.47 -3.80 -5.47
C PRO A 14 8.23 -2.29 -5.28
N GLU A 15 8.66 -1.47 -6.21
CA GLU A 15 8.46 0.01 -6.08
C GLU A 15 6.96 0.34 -6.06
N LEU A 16 6.19 -0.40 -6.83
CA LEU A 16 4.72 -0.18 -6.87
C LEU A 16 4.12 -0.53 -5.50
N ILE A 17 4.56 -1.62 -4.90
CA ILE A 17 4.04 -2.03 -3.55
C ILE A 17 4.29 -0.87 -2.56
N PHE A 18 5.47 -0.30 -2.59
CA PHE A 18 5.80 0.84 -1.67
C PHE A 18 4.86 2.03 -1.93
N THR A 19 4.60 2.35 -3.20
CA THR A 19 3.70 3.48 -3.53
C THR A 19 2.31 3.21 -2.92
N ILE A 20 1.84 1.99 -2.98
CA ILE A 20 0.50 1.64 -2.41
C ILE A 20 0.55 1.82 -0.88
N THR A 21 1.65 1.47 -0.24
CA THR A 21 1.75 1.62 1.25
C THR A 21 1.60 3.11 1.62
N LYS A 22 2.19 4.00 0.86
CA LYS A 22 2.08 5.46 1.16
C LYS A 22 0.61 5.89 1.03
N ILE A 23 -0.07 5.41 0.01
CA ILE A 23 -1.52 5.77 -0.19
C ILE A 23 -2.39 4.96 0.79
N LEU A 24 -1.93 3.80 1.22
CA LEU A 24 -2.70 2.95 2.20
C LEU A 24 -2.99 3.76 3.47
N LEU A 25 -1.99 4.44 3.99
CA LEU A 25 -2.20 5.26 5.23
C LEU A 25 -3.11 6.46 4.97
N ALA A 26 -3.30 6.81 3.73
CA ALA A 26 -4.18 7.97 3.36
C ALA A 26 -5.62 7.49 3.05
N ILE A 27 -5.90 6.22 3.24
CA ILE A 27 -7.26 5.67 2.97
C ILE A 27 -7.64 4.67 4.08
N LEU A 28 -6.77 3.71 4.37
CA LEU A 28 -7.02 2.69 5.43
C LEU A 28 -8.30 1.87 5.13
N GLY A 29 -8.56 1.61 3.88
CA GLY A 29 -9.78 0.82 3.50
C GLY A 29 -9.73 0.52 1.99
N PRO A 30 -8.68 -0.16 1.55
CA PRO A 30 -8.53 -0.50 0.11
C PRO A 30 -9.58 -1.52 -0.35
N LEU A 31 -9.96 -2.44 0.51
CA LEU A 31 -10.98 -3.47 0.13
C LEU A 31 -12.30 -2.79 -0.27
N MET A 32 -12.77 -1.86 0.53
CA MET A 32 -14.04 -1.13 0.20
C MET A 32 -13.84 -0.31 -1.07
N VAL A 33 -12.74 0.40 -1.18
CA VAL A 33 -12.47 1.23 -2.40
C VAL A 33 -12.39 0.34 -3.66
N LEU A 34 -11.78 -0.82 -3.55
CA LEU A 34 -11.67 -1.73 -4.74
C LEU A 34 -12.95 -2.58 -4.93
N GLN A 35 -13.98 -2.36 -4.16
CA GLN A 35 -15.24 -3.15 -4.30
C GLN A 35 -16.48 -2.24 -4.17
N ALA A 36 -16.36 -0.98 -4.54
CA ALA A 36 -17.52 -0.04 -4.43
C ALA A 36 -18.17 0.11 -5.82
N GLY A 37 -19.23 -0.63 -6.07
CA GLY A 37 -19.93 -0.55 -7.38
C GLY A 37 -19.06 -1.23 -8.46
N ILE A 38 -18.58 -2.42 -8.17
CA ILE A 38 -17.71 -3.15 -9.16
C ILE A 38 -18.59 -3.96 -10.14
N THR A 39 -18.13 -4.16 -11.35
CA THR A 39 -18.91 -4.93 -12.38
C THR A 39 -20.29 -4.28 -12.57
N LYS A 40 -20.30 -3.03 -12.99
CA LYS A 40 -21.59 -2.31 -13.19
C LYS A 40 -21.87 -2.09 -14.69
N GLY A 1 3.97 -13.61 -22.83
CA GLY A 1 3.21 -14.73 -22.19
C GLY A 1 4.07 -15.35 -21.08
N ARG A 2 4.91 -16.29 -21.41
CA ARG A 2 5.79 -16.94 -20.40
C ARG A 2 7.22 -16.42 -20.61
N ASP A 3 8.18 -16.95 -19.89
CA ASP A 3 9.61 -16.49 -20.03
C ASP A 3 9.67 -14.97 -19.86
N ALA A 4 8.92 -14.46 -18.90
CA ALA A 4 8.87 -12.98 -18.62
C ALA A 4 8.03 -12.75 -17.35
N VAL A 5 6.80 -13.24 -17.34
CA VAL A 5 5.89 -13.08 -16.15
C VAL A 5 6.53 -13.75 -14.91
N ILE A 6 7.10 -14.92 -15.09
CA ILE A 6 7.76 -15.62 -13.94
C ILE A 6 8.96 -14.78 -13.47
N LEU A 7 9.69 -14.20 -14.41
CA LEU A 7 10.86 -13.34 -14.08
C LEU A 7 10.40 -12.09 -13.31
N LEU A 8 9.29 -11.51 -13.70
CA LEU A 8 8.78 -10.29 -12.99
C LEU A 8 8.30 -10.61 -11.57
N THR A 9 8.07 -11.86 -11.27
CA THR A 9 7.62 -12.29 -9.90
C THR A 9 8.85 -12.79 -9.12
N CYS A 10 9.70 -13.57 -9.75
CA CYS A 10 10.93 -14.08 -9.06
C CYS A 10 11.86 -12.91 -8.76
N ALA A 11 11.86 -11.90 -9.62
CA ALA A 11 12.71 -10.69 -9.44
C ALA A 11 11.81 -9.47 -9.63
N ILE A 12 10.92 -9.26 -8.68
CA ILE A 12 9.96 -8.10 -8.75
C ILE A 12 10.69 -6.75 -8.69
N HIS A 13 9.96 -5.67 -8.61
CA HIS A 13 10.59 -4.33 -8.54
C HIS A 13 9.80 -3.41 -7.59
N PRO A 14 10.54 -2.79 -6.70
CA PRO A 14 9.96 -1.84 -5.70
C PRO A 14 9.44 -0.57 -6.40
N GLU A 15 9.25 0.51 -5.67
CA GLU A 15 8.73 1.80 -6.24
C GLU A 15 7.31 1.59 -6.82
N LEU A 16 6.64 0.58 -6.35
CA LEU A 16 5.25 0.25 -6.79
C LEU A 16 4.51 -0.28 -5.55
N ILE A 17 5.08 -1.28 -4.91
CA ILE A 17 4.48 -1.87 -3.68
C ILE A 17 4.53 -0.79 -2.57
N PHE A 18 5.66 -0.12 -2.44
CA PHE A 18 5.80 0.97 -1.42
C PHE A 18 4.83 2.11 -1.73
N THR A 19 4.62 2.38 -3.00
CA THR A 19 3.67 3.48 -3.40
C THR A 19 2.26 3.11 -2.91
N ILE A 20 1.87 1.86 -3.08
CA ILE A 20 0.51 1.41 -2.62
C ILE A 20 0.41 1.61 -1.10
N THR A 21 1.43 1.29 -0.35
CA THR A 21 1.40 1.46 1.15
C THR A 21 1.27 2.96 1.47
N LYS A 22 1.93 3.82 0.73
CA LYS A 22 1.84 5.30 0.98
C LYS A 22 0.39 5.77 0.83
N ILE A 23 -0.35 5.19 -0.09
CA ILE A 23 -1.77 5.58 -0.28
C ILE A 23 -2.64 4.92 0.81
N LEU A 24 -2.23 3.74 1.27
CA LEU A 24 -3.02 3.02 2.34
C LEU A 24 -3.06 3.88 3.62
N LEU A 25 -1.94 4.44 4.04
CA LEU A 25 -1.96 5.29 5.28
C LEU A 25 -2.71 6.61 5.03
N ALA A 26 -2.98 6.93 3.78
CA ALA A 26 -3.71 8.19 3.44
C ALA A 26 -5.22 7.91 3.24
N ILE A 27 -5.62 6.66 3.22
CA ILE A 27 -7.05 6.30 3.03
C ILE A 27 -7.51 5.39 4.20
N LEU A 28 -7.02 5.63 5.39
CA LEU A 28 -7.41 4.81 6.58
C LEU A 28 -7.19 5.62 7.87
N GLY A 29 -8.08 6.55 8.14
CA GLY A 29 -7.97 7.39 9.37
C GLY A 29 -9.35 7.73 9.93
N PRO A 30 -10.19 6.72 10.13
CA PRO A 30 -11.56 6.94 10.67
C PRO A 30 -11.52 7.44 12.12
N LEU A 31 -10.53 7.06 12.88
CA LEU A 31 -10.42 7.53 14.31
C LEU A 31 -10.36 9.06 14.35
N MET A 32 -9.53 9.65 13.52
CA MET A 32 -9.42 11.15 13.48
C MET A 32 -10.71 11.75 12.90
N VAL A 33 -11.26 11.13 11.88
CA VAL A 33 -12.52 11.65 11.25
C VAL A 33 -13.69 11.58 12.27
N LEU A 34 -13.74 10.55 13.07
CA LEU A 34 -14.84 10.42 14.08
C LEU A 34 -14.53 11.16 15.39
N GLN A 35 -13.58 12.06 15.39
CA GLN A 35 -13.25 12.83 16.63
C GLN A 35 -12.70 14.24 16.30
N ALA A 36 -13.05 14.79 15.15
CA ALA A 36 -12.56 16.15 14.76
C ALA A 36 -13.64 17.21 15.09
N GLY A 37 -14.87 16.96 14.69
CA GLY A 37 -15.97 17.91 14.96
C GLY A 37 -17.26 17.13 15.27
N ILE A 38 -17.24 16.32 16.30
CA ILE A 38 -18.45 15.50 16.66
C ILE A 38 -19.47 16.37 17.43
N THR A 39 -20.73 16.31 17.05
CA THR A 39 -21.78 17.12 17.75
C THR A 39 -23.11 16.35 17.82
N LYS A 40 -23.58 15.91 16.69
CA LYS A 40 -24.86 15.13 16.63
C LYS A 40 -24.61 13.68 16.20
N GLY A 1 -4.58 -23.99 -11.43
CA GLY A 1 -5.48 -23.03 -10.73
C GLY A 1 -5.15 -21.59 -11.17
N ARG A 2 -5.99 -21.01 -11.99
CA ARG A 2 -5.74 -19.61 -12.46
C ARG A 2 -6.72 -18.61 -11.82
N ASP A 3 -7.27 -18.94 -10.66
CA ASP A 3 -8.23 -18.01 -9.97
C ASP A 3 -7.52 -17.25 -8.84
N ALA A 4 -6.68 -17.93 -8.08
CA ALA A 4 -5.94 -17.26 -6.96
C ALA A 4 -4.84 -16.34 -7.51
N VAL A 5 -4.33 -16.63 -8.69
CA VAL A 5 -3.25 -15.77 -9.32
C VAL A 5 -3.79 -14.35 -9.53
N ILE A 6 -5.03 -14.20 -9.93
CA ILE A 6 -5.62 -12.83 -10.15
C ILE A 6 -5.60 -12.08 -8.81
N LEU A 7 -6.00 -12.72 -7.73
CA LEU A 7 -6.00 -12.06 -6.40
C LEU A 7 -4.55 -11.82 -5.91
N LEU A 8 -3.59 -12.51 -6.47
CA LEU A 8 -2.15 -12.34 -6.06
C LEU A 8 -1.38 -11.45 -7.06
N THR A 9 -2.06 -10.85 -8.02
CA THR A 9 -1.37 -9.97 -9.03
C THR A 9 -1.08 -8.59 -8.43
N CYS A 10 -2.01 -8.04 -7.67
CA CYS A 10 -1.81 -6.69 -7.05
C CYS A 10 -0.74 -6.72 -5.94
N ALA A 11 -0.34 -7.88 -5.47
CA ALA A 11 0.69 -7.97 -4.39
C ALA A 11 2.06 -8.33 -5.00
N ILE A 12 2.43 -7.67 -6.05
CA ILE A 12 3.75 -7.95 -6.73
C ILE A 12 4.46 -6.63 -7.10
N HIS A 13 5.68 -6.73 -7.61
CA HIS A 13 6.49 -5.53 -8.02
C HIS A 13 6.91 -4.69 -6.80
N PRO A 14 8.17 -4.78 -6.45
CA PRO A 14 8.70 -4.01 -5.27
C PRO A 14 8.60 -2.49 -5.48
N GLU A 15 8.62 -2.03 -6.71
CA GLU A 15 8.52 -0.56 -6.97
C GLU A 15 7.07 -0.06 -6.92
N LEU A 16 6.12 -0.95 -6.88
CA LEU A 16 4.68 -0.55 -6.81
C LEU A 16 4.14 -0.73 -5.38
N ILE A 17 4.52 -1.80 -4.71
CA ILE A 17 4.05 -2.05 -3.31
C ILE A 17 4.35 -0.84 -2.41
N PHE A 18 5.51 -0.25 -2.56
CA PHE A 18 5.86 0.94 -1.72
C PHE A 18 4.91 2.11 -2.03
N THR A 19 4.55 2.29 -3.28
CA THR A 19 3.63 3.41 -3.67
C THR A 19 2.24 3.16 -3.05
N ILE A 20 1.80 1.93 -3.02
CA ILE A 20 0.46 1.61 -2.43
C ILE A 20 0.51 1.87 -0.92
N THR A 21 1.56 1.44 -0.24
CA THR A 21 1.67 1.67 1.24
C THR A 21 1.62 3.18 1.55
N LYS A 22 2.28 3.99 0.74
CA LYS A 22 2.28 5.48 0.95
C LYS A 22 0.84 6.03 0.89
N ILE A 23 0.01 5.47 0.04
CA ILE A 23 -1.42 5.94 -0.07
C ILE A 23 -2.32 5.08 0.83
N LEU A 24 -1.89 3.90 1.22
CA LEU A 24 -2.71 3.01 2.11
C LEU A 24 -3.05 3.73 3.42
N LEU A 25 -2.09 4.38 4.03
CA LEU A 25 -2.35 5.12 5.32
C LEU A 25 -3.32 6.28 5.06
N ALA A 26 -3.30 6.81 3.87
CA ALA A 26 -4.21 7.93 3.49
C ALA A 26 -5.60 7.39 3.11
N ILE A 27 -5.61 6.25 2.47
CA ILE A 27 -6.91 5.61 2.04
C ILE A 27 -7.17 4.35 2.90
N LEU A 28 -7.05 4.48 4.21
CA LEU A 28 -7.30 3.30 5.10
C LEU A 28 -8.81 3.00 5.22
N GLY A 29 -9.66 3.98 5.05
CA GLY A 29 -11.14 3.75 5.15
C GLY A 29 -11.57 3.55 6.61
N PRO A 30 -11.32 4.54 7.44
CA PRO A 30 -11.70 4.44 8.88
C PRO A 30 -13.22 4.55 9.07
N LEU A 31 -13.91 5.27 8.21
CA LEU A 31 -15.40 5.42 8.33
C LEU A 31 -16.10 4.05 8.31
N MET A 32 -15.59 3.10 7.55
CA MET A 32 -16.24 1.75 7.50
C MET A 32 -15.69 0.85 8.62
N VAL A 33 -14.43 0.99 8.95
CA VAL A 33 -13.82 0.14 10.03
C VAL A 33 -14.29 0.61 11.43
N LEU A 34 -14.40 1.90 11.63
CA LEU A 34 -14.85 2.42 12.98
C LEU A 34 -16.38 2.55 13.06
N GLN A 35 -17.12 1.92 12.17
CA GLN A 35 -18.62 1.99 12.22
C GLN A 35 -19.24 0.67 11.73
N ALA A 36 -18.53 -0.44 11.86
CA ALA A 36 -19.07 -1.76 11.41
C ALA A 36 -19.77 -2.46 12.59
N GLY A 37 -19.07 -2.69 13.66
CA GLY A 37 -19.67 -3.35 14.85
C GLY A 37 -19.66 -2.39 16.04
N ILE A 38 -20.13 -1.17 15.84
CA ILE A 38 -20.15 -0.17 16.95
C ILE A 38 -21.62 0.18 17.29
N THR A 39 -22.43 -0.84 17.49
CA THR A 39 -23.88 -0.62 17.83
C THR A 39 -24.42 -1.83 18.61
N LYS A 40 -23.73 -2.23 19.65
CA LYS A 40 -24.18 -3.40 20.47
C LYS A 40 -24.34 -2.97 21.93
N GLY A 1 2.16 -13.93 -22.00
CA GLY A 1 1.41 -15.20 -21.71
C GLY A 1 1.05 -15.30 -20.23
N ARG A 2 0.53 -16.43 -19.82
CA ARG A 2 0.15 -16.62 -18.37
C ARG A 2 1.09 -17.62 -17.69
N ASP A 3 2.31 -17.78 -18.18
CA ASP A 3 3.29 -18.73 -17.57
C ASP A 3 4.29 -17.96 -16.68
N ALA A 4 4.66 -16.77 -17.09
CA ALA A 4 5.63 -15.95 -16.30
C ALA A 4 4.88 -14.87 -15.50
N VAL A 5 3.86 -14.28 -16.08
CA VAL A 5 3.07 -13.21 -15.37
C VAL A 5 2.38 -13.78 -14.13
N ILE A 6 1.79 -14.96 -14.22
CA ILE A 6 1.11 -15.56 -13.02
C ILE A 6 2.15 -15.78 -11.90
N LEU A 7 3.36 -16.14 -12.26
CA LEU A 7 4.44 -16.36 -11.25
C LEU A 7 5.01 -15.02 -10.77
N LEU A 8 5.07 -14.02 -11.62
CA LEU A 8 5.62 -12.69 -11.22
C LEU A 8 4.53 -11.77 -10.64
N THR A 9 3.36 -12.27 -10.32
CA THR A 9 2.27 -11.40 -9.75
C THR A 9 2.65 -10.86 -8.36
N CYS A 10 3.45 -11.59 -7.61
CA CYS A 10 3.86 -11.12 -6.24
C CYS A 10 4.84 -9.95 -6.31
N ALA A 11 5.74 -9.92 -7.27
CA ALA A 11 6.73 -8.79 -7.36
C ALA A 11 6.46 -7.85 -8.55
N ILE A 12 5.32 -7.95 -9.21
CA ILE A 12 5.05 -7.05 -10.37
C ILE A 12 4.83 -5.60 -9.89
N HIS A 13 5.36 -4.63 -10.62
CA HIS A 13 5.22 -3.19 -10.27
C HIS A 13 5.75 -2.91 -8.84
N PRO A 14 7.06 -3.03 -8.68
CA PRO A 14 7.70 -2.79 -7.34
C PRO A 14 7.57 -1.32 -6.91
N GLU A 15 7.62 -0.39 -7.85
CA GLU A 15 7.49 1.06 -7.48
C GLU A 15 6.11 1.33 -6.88
N LEU A 16 5.12 0.68 -7.42
CA LEU A 16 3.72 0.82 -6.92
C LEU A 16 3.56 0.08 -5.59
N ILE A 17 4.27 -1.02 -5.40
CA ILE A 17 4.17 -1.78 -4.10
C ILE A 17 4.62 -0.88 -2.93
N PHE A 18 5.60 -0.03 -3.16
CA PHE A 18 6.07 0.88 -2.07
C PHE A 18 5.05 2.01 -1.92
N THR A 19 4.59 2.57 -3.02
CA THR A 19 3.58 3.68 -2.98
C THR A 19 2.24 3.17 -2.42
N ILE A 20 1.86 1.94 -2.67
CA ILE A 20 0.56 1.42 -2.12
C ILE A 20 0.56 1.50 -0.58
N THR A 21 1.70 1.29 0.06
CA THR A 21 1.76 1.38 1.55
C THR A 21 1.48 2.85 1.94
N LYS A 22 2.08 3.77 1.22
CA LYS A 22 1.87 5.23 1.50
C LYS A 22 0.40 5.57 1.20
N ILE A 23 -0.13 5.09 0.09
CA ILE A 23 -1.55 5.36 -0.29
C ILE A 23 -2.49 4.74 0.75
N LEU A 24 -2.16 3.58 1.28
CA LEU A 24 -3.02 2.92 2.32
C LEU A 24 -3.19 3.84 3.53
N LEU A 25 -2.15 4.55 3.92
CA LEU A 25 -2.26 5.47 5.09
C LEU A 25 -2.94 6.79 4.69
N ALA A 26 -3.12 7.02 3.41
CA ALA A 26 -3.78 8.27 2.93
C ALA A 26 -5.27 7.99 2.61
N ILE A 27 -5.77 6.82 2.95
CA ILE A 27 -7.19 6.47 2.68
C ILE A 27 -7.86 5.98 3.98
N LEU A 28 -7.25 5.01 4.65
CA LEU A 28 -7.81 4.46 5.93
C LEU A 28 -9.23 3.91 5.72
N GLY A 29 -9.35 2.81 5.04
CA GLY A 29 -10.69 2.19 4.77
C GLY A 29 -10.56 0.68 4.51
N PRO A 30 -9.94 -0.03 5.44
CA PRO A 30 -9.77 -1.51 5.29
C PRO A 30 -11.13 -2.24 5.33
N LEU A 31 -12.08 -1.72 6.07
CA LEU A 31 -13.43 -2.38 6.16
C LEU A 31 -14.11 -2.40 4.78
N MET A 32 -14.08 -1.31 4.05
CA MET A 32 -14.72 -1.27 2.69
C MET A 32 -14.02 -2.27 1.76
N VAL A 33 -12.72 -2.39 1.85
CA VAL A 33 -11.97 -3.35 0.99
C VAL A 33 -12.17 -4.80 1.48
N LEU A 34 -12.36 -5.01 2.76
CA LEU A 34 -12.56 -6.40 3.28
C LEU A 34 -14.03 -6.82 3.32
N GLN A 35 -14.94 -6.00 2.84
CA GLN A 35 -16.39 -6.38 2.84
C GLN A 35 -17.07 -5.89 1.56
N ALA A 36 -16.34 -5.84 0.46
CA ALA A 36 -16.94 -5.38 -0.84
C ALA A 36 -17.67 -6.55 -1.51
N GLY A 37 -18.99 -6.56 -1.42
CA GLY A 37 -19.79 -7.66 -2.04
C GLY A 37 -19.57 -8.97 -1.27
N ILE A 38 -19.56 -8.91 0.05
CA ILE A 38 -19.34 -10.14 0.88
C ILE A 38 -20.49 -10.29 1.89
N THR A 39 -21.23 -11.37 1.83
CA THR A 39 -22.36 -11.59 2.78
C THR A 39 -22.52 -13.08 3.11
N LYS A 40 -23.01 -13.84 2.17
CA LYS A 40 -23.22 -15.31 2.33
C LYS A 40 -24.30 -15.60 3.39
N GLY A 1 -3.30 -19.98 4.89
CA GLY A 1 -2.19 -20.90 5.28
C GLY A 1 -1.28 -21.14 4.07
N ARG A 2 -1.50 -22.22 3.35
CA ARG A 2 -0.65 -22.51 2.15
C ARG A 2 -1.42 -22.16 0.86
N ASP A 3 -2.44 -21.35 0.97
CA ASP A 3 -3.25 -20.94 -0.23
C ASP A 3 -3.10 -19.43 -0.46
N ALA A 4 -3.16 -18.64 0.59
CA ALA A 4 -3.02 -17.16 0.46
C ALA A 4 -1.55 -16.81 0.20
N VAL A 5 -0.63 -17.49 0.85
CA VAL A 5 0.84 -17.21 0.63
C VAL A 5 1.21 -17.50 -0.83
N ILE A 6 0.72 -18.59 -1.39
CA ILE A 6 1.02 -18.93 -2.82
C ILE A 6 0.53 -17.78 -3.71
N LEU A 7 -0.67 -17.31 -3.48
CA LEU A 7 -1.24 -16.18 -4.27
C LEU A 7 -0.42 -14.91 -4.01
N LEU A 8 -0.01 -14.72 -2.78
CA LEU A 8 0.81 -13.51 -2.40
C LEU A 8 2.12 -13.48 -3.19
N THR A 9 2.66 -14.63 -3.50
CA THR A 9 3.93 -14.71 -4.28
C THR A 9 3.64 -14.47 -5.78
N CYS A 10 2.54 -15.00 -6.27
CA CYS A 10 2.17 -14.82 -7.72
C CYS A 10 1.67 -13.40 -7.97
N ALA A 11 0.99 -12.80 -7.02
CA ALA A 11 0.46 -11.40 -7.20
C ALA A 11 1.45 -10.36 -6.64
N ILE A 12 2.73 -10.60 -6.75
CA ILE A 12 3.74 -9.63 -6.24
C ILE A 12 4.11 -8.63 -7.35
N HIS A 13 4.34 -7.39 -6.99
CA HIS A 13 4.69 -6.36 -8.02
C HIS A 13 5.50 -5.20 -7.41
N PRO A 14 6.80 -5.25 -7.61
CA PRO A 14 7.70 -4.18 -7.07
C PRO A 14 7.46 -2.85 -7.82
N GLU A 15 7.97 -1.77 -7.29
CA GLU A 15 7.81 -0.42 -7.93
C GLU A 15 6.30 -0.12 -8.13
N LEU A 16 5.54 -0.49 -7.13
CA LEU A 16 4.05 -0.30 -7.14
C LEU A 16 3.57 -0.54 -5.70
N ILE A 17 3.97 -1.66 -5.12
CA ILE A 17 3.57 -1.99 -3.71
C ILE A 17 4.06 -0.87 -2.77
N PHE A 18 5.26 -0.35 -3.02
CA PHE A 18 5.80 0.75 -2.17
C PHE A 18 4.88 1.98 -2.25
N THR A 19 4.41 2.30 -3.44
CA THR A 19 3.49 3.47 -3.62
C THR A 19 2.21 3.26 -2.80
N ILE A 20 1.69 2.04 -2.81
CA ILE A 20 0.45 1.73 -2.04
C ILE A 20 0.73 1.91 -0.54
N THR A 21 1.87 1.46 -0.05
CA THR A 21 2.19 1.62 1.41
C THR A 21 2.26 3.12 1.78
N LYS A 22 2.72 3.95 0.87
CA LYS A 22 2.80 5.43 1.16
C LYS A 22 1.39 6.03 1.26
N ILE A 23 0.48 5.58 0.43
CA ILE A 23 -0.93 6.10 0.46
C ILE A 23 -1.87 5.11 1.17
N LEU A 24 -1.35 4.04 1.76
CA LEU A 24 -2.23 3.04 2.46
C LEU A 24 -3.10 3.72 3.51
N LEU A 25 -2.52 4.54 4.37
CA LEU A 25 -3.34 5.25 5.40
C LEU A 25 -4.25 6.29 4.73
N ALA A 26 -3.92 6.68 3.52
CA ALA A 26 -4.73 7.68 2.76
C ALA A 26 -5.61 6.99 1.70
N ILE A 27 -5.71 5.68 1.72
CA ILE A 27 -6.55 4.94 0.72
C ILE A 27 -7.67 4.11 1.39
N LEU A 28 -7.67 4.00 2.71
CA LEU A 28 -8.73 3.21 3.41
C LEU A 28 -10.11 3.89 3.28
N GLY A 29 -10.20 5.16 3.60
CA GLY A 29 -11.51 5.88 3.50
C GLY A 29 -11.79 6.65 4.80
N PRO A 30 -11.73 5.96 5.93
CA PRO A 30 -11.99 6.58 7.25
C PRO A 30 -10.67 7.06 7.87
N LEU A 31 -9.91 7.85 7.15
CA LEU A 31 -8.59 8.37 7.66
C LEU A 31 -8.73 8.97 9.07
N MET A 32 -9.70 9.84 9.28
CA MET A 32 -9.88 10.46 10.64
C MET A 32 -10.61 9.48 11.58
N VAL A 33 -11.62 8.80 11.11
CA VAL A 33 -12.39 7.84 11.96
C VAL A 33 -11.47 6.68 12.41
N LEU A 34 -10.63 6.18 11.54
CA LEU A 34 -9.70 5.07 11.91
C LEU A 34 -8.41 5.61 12.56
N GLN A 35 -8.33 6.88 12.84
CA GLN A 35 -7.11 7.47 13.47
C GLN A 35 -7.48 8.20 14.79
N ALA A 36 -8.67 7.97 15.31
CA ALA A 36 -9.09 8.63 16.58
C ALA A 36 -8.58 7.81 17.78
N GLY A 37 -8.85 6.52 17.79
CA GLY A 37 -8.39 5.65 18.91
C GLY A 37 -6.93 5.24 18.66
N ILE A 38 -6.59 4.89 17.44
CA ILE A 38 -5.18 4.50 17.11
C ILE A 38 -4.33 5.77 16.92
N THR A 39 -3.20 5.84 17.58
CA THR A 39 -2.32 7.05 17.44
C THR A 39 -1.05 6.70 16.63
N LYS A 40 -1.23 6.07 15.50
CA LYS A 40 -0.07 5.70 14.62
C LYS A 40 -0.18 6.40 13.26
N GLY A 1 9.59 -14.29 -18.95
CA GLY A 1 11.07 -14.23 -18.71
C GLY A 1 11.51 -12.76 -18.63
N ARG A 2 12.36 -12.33 -19.52
CA ARG A 2 12.84 -10.92 -19.51
C ARG A 2 12.57 -10.19 -20.85
N ASP A 3 11.84 -10.81 -21.74
CA ASP A 3 11.54 -10.16 -23.05
C ASP A 3 10.14 -9.53 -22.99
N ALA A 4 9.14 -10.31 -22.61
CA ALA A 4 7.75 -9.78 -22.50
C ALA A 4 7.66 -8.68 -21.42
N VAL A 5 8.52 -8.72 -20.41
CA VAL A 5 8.48 -7.67 -19.35
C VAL A 5 8.77 -6.28 -19.95
N ILE A 6 9.60 -6.22 -20.98
CA ILE A 6 9.92 -4.91 -21.63
C ILE A 6 8.66 -4.37 -22.31
N LEU A 7 7.89 -5.24 -22.94
CA LEU A 7 6.63 -4.80 -23.63
C LEU A 7 5.55 -4.50 -22.57
N LEU A 8 5.54 -5.22 -21.47
CA LEU A 8 4.52 -4.97 -20.40
C LEU A 8 5.00 -3.93 -19.37
N THR A 9 5.99 -3.13 -19.70
CA THR A 9 6.49 -2.08 -18.73
C THR A 9 5.34 -1.16 -18.28
N CYS A 10 4.34 -0.97 -19.11
CA CYS A 10 3.19 -0.10 -18.74
C CYS A 10 2.36 -0.80 -17.65
N ALA A 11 2.25 -2.11 -17.69
CA ALA A 11 1.47 -2.87 -16.66
C ALA A 11 2.33 -3.11 -15.41
N ILE A 12 3.59 -3.43 -15.59
CA ILE A 12 4.48 -3.70 -14.40
C ILE A 12 4.96 -2.37 -13.79
N HIS A 13 4.76 -2.19 -12.50
CA HIS A 13 5.20 -0.93 -11.83
C HIS A 13 5.69 -1.25 -10.40
N PRO A 14 6.99 -1.35 -10.25
CA PRO A 14 7.60 -1.66 -8.91
C PRO A 14 7.40 -0.49 -7.92
N GLU A 15 7.49 0.74 -8.36
CA GLU A 15 7.29 1.91 -7.44
C GLU A 15 5.91 1.85 -6.78
N LEU A 16 4.94 1.35 -7.49
CA LEU A 16 3.54 1.23 -6.95
C LEU A 16 3.54 0.28 -5.75
N ILE A 17 4.35 -0.76 -5.78
CA ILE A 17 4.40 -1.73 -4.64
C ILE A 17 4.96 -1.03 -3.39
N PHE A 18 5.81 -0.04 -3.56
CA PHE A 18 6.37 0.69 -2.38
C PHE A 18 5.45 1.87 -2.01
N THR A 19 4.70 2.38 -2.97
CA THR A 19 3.77 3.52 -2.69
C THR A 19 2.39 2.99 -2.23
N ILE A 20 2.04 1.76 -2.54
CA ILE A 20 0.71 1.20 -2.12
C ILE A 20 0.51 1.37 -0.60
N THR A 21 1.56 1.20 0.18
CA THR A 21 1.44 1.37 1.66
C THR A 21 1.25 2.86 1.97
N LYS A 22 1.96 3.71 1.26
CA LYS A 22 1.85 5.19 1.46
C LYS A 22 0.40 5.63 1.16
N ILE A 23 -0.24 5.01 0.18
CA ILE A 23 -1.65 5.37 -0.17
C ILE A 23 -2.60 4.79 0.90
N LEU A 24 -2.24 3.68 1.52
CA LEU A 24 -3.09 3.06 2.58
C LEU A 24 -3.30 4.03 3.75
N LEU A 25 -2.27 4.75 4.15
CA LEU A 25 -2.44 5.74 5.27
C LEU A 25 -3.03 7.06 4.75
N ALA A 26 -3.36 7.13 3.47
CA ALA A 26 -3.95 8.36 2.88
C ALA A 26 -5.37 8.06 2.35
N ILE A 27 -5.92 6.91 2.67
CA ILE A 27 -7.30 6.53 2.20
C ILE A 27 -8.33 6.82 3.32
N LEU A 28 -7.91 6.74 4.57
CA LEU A 28 -8.83 7.00 5.71
C LEU A 28 -8.97 8.51 5.95
N GLY A 29 -8.01 9.30 5.50
CA GLY A 29 -8.07 10.79 5.69
C GLY A 29 -7.32 11.48 4.54
N PRO A 30 -7.74 11.23 3.32
CA PRO A 30 -7.10 11.83 2.12
C PRO A 30 -7.22 13.36 2.13
N LEU A 31 -8.31 13.90 2.63
CA LEU A 31 -8.49 15.38 2.68
C LEU A 31 -7.38 16.01 3.53
N MET A 32 -7.05 15.39 4.65
CA MET A 32 -5.97 15.93 5.54
C MET A 32 -4.58 15.53 5.01
N VAL A 33 -4.42 14.30 4.55
CA VAL A 33 -3.09 13.85 4.02
C VAL A 33 -2.65 14.71 2.82
N LEU A 34 -3.58 15.19 2.02
CA LEU A 34 -3.20 16.03 0.83
C LEU A 34 -2.47 17.31 1.27
N GLN A 35 -2.80 17.81 2.43
CA GLN A 35 -2.14 19.05 2.95
C GLN A 35 -1.00 18.70 3.92
N ALA A 36 -0.45 17.50 3.85
CA ALA A 36 0.67 17.10 4.74
C ALA A 36 1.97 17.06 3.90
N GLY A 37 2.30 18.17 3.28
CA GLY A 37 3.52 18.25 2.43
C GLY A 37 3.11 18.62 1.00
N ILE A 38 2.45 19.75 0.85
CA ILE A 38 2.00 20.20 -0.51
C ILE A 38 2.75 21.49 -0.94
N THR A 39 3.97 21.64 -0.49
CA THR A 39 4.78 22.86 -0.86
C THR A 39 6.21 22.45 -1.25
N LYS A 40 6.32 21.53 -2.18
CA LYS A 40 7.67 21.03 -2.66
C LYS A 40 8.53 20.48 -1.50
N GLY A 1 17.35 -22.55 -7.38
CA GLY A 1 16.71 -22.43 -8.72
C GLY A 1 17.11 -21.11 -9.37
N ARG A 2 17.69 -21.16 -10.56
CA ARG A 2 18.11 -19.92 -11.26
C ARG A 2 17.44 -19.81 -12.64
N ASP A 3 16.37 -20.53 -12.88
CA ASP A 3 15.69 -20.46 -14.21
C ASP A 3 14.42 -19.59 -14.07
N ALA A 4 13.52 -19.96 -13.19
CA ALA A 4 12.26 -19.17 -13.00
C ALA A 4 12.57 -17.78 -12.42
N VAL A 5 13.66 -17.65 -11.67
CA VAL A 5 14.03 -16.31 -11.08
C VAL A 5 14.28 -15.28 -12.19
N ILE A 6 14.82 -15.70 -13.33
CA ILE A 6 15.07 -14.75 -14.46
C ILE A 6 13.72 -14.21 -14.92
N LEU A 7 12.74 -15.08 -15.09
CA LEU A 7 11.39 -14.63 -15.53
C LEU A 7 10.74 -13.79 -14.41
N LEU A 8 10.96 -14.16 -13.17
CA LEU A 8 10.39 -13.39 -12.01
C LEU A 8 10.95 -11.96 -11.96
N THR A 9 12.14 -11.76 -12.45
CA THR A 9 12.77 -10.40 -12.44
C THR A 9 12.02 -9.48 -13.42
N CYS A 10 11.54 -10.00 -14.53
CA CYS A 10 10.80 -9.15 -15.51
C CYS A 10 9.28 -9.25 -15.28
N ALA A 11 8.86 -9.33 -14.03
CA ALA A 11 7.40 -9.42 -13.69
C ALA A 11 7.14 -8.95 -12.25
N ILE A 12 7.84 -7.92 -11.82
CA ILE A 12 7.66 -7.40 -10.43
C ILE A 12 7.59 -5.86 -10.43
N HIS A 13 6.84 -5.29 -9.51
CA HIS A 13 6.71 -3.80 -9.44
C HIS A 13 7.11 -3.29 -8.05
N PRO A 14 8.41 -3.21 -7.81
CA PRO A 14 8.93 -2.73 -6.48
C PRO A 14 8.62 -1.24 -6.28
N GLU A 15 8.69 -0.45 -7.34
CA GLU A 15 8.39 1.02 -7.21
C GLU A 15 6.87 1.27 -7.18
N LEU A 16 6.06 0.24 -7.17
CA LEU A 16 4.58 0.39 -7.12
C LEU A 16 4.06 -0.12 -5.78
N ILE A 17 4.49 -1.30 -5.36
CA ILE A 17 4.04 -1.88 -4.04
C ILE A 17 4.37 -0.90 -2.90
N PHE A 18 5.57 -0.34 -2.92
CA PHE A 18 5.97 0.63 -1.85
C PHE A 18 5.02 1.84 -1.87
N THR A 19 4.72 2.35 -3.04
CA THR A 19 3.78 3.53 -3.16
C THR A 19 2.40 3.18 -2.62
N ILE A 20 1.96 1.94 -2.76
CA ILE A 20 0.60 1.54 -2.24
C ILE A 20 0.59 1.76 -0.72
N THR A 21 1.67 1.43 -0.04
CA THR A 21 1.74 1.62 1.45
C THR A 21 1.52 3.10 1.79
N LYS A 22 2.08 4.00 0.99
CA LYS A 22 1.89 5.47 1.24
C LYS A 22 0.41 5.83 1.07
N ILE A 23 -0.22 5.30 0.03
CA ILE A 23 -1.67 5.59 -0.21
C ILE A 23 -2.51 4.85 0.85
N LEU A 24 -2.07 3.69 1.29
CA LEU A 24 -2.80 2.90 2.34
C LEU A 24 -3.02 3.77 3.59
N LEU A 25 -2.02 4.53 3.98
CA LEU A 25 -2.16 5.41 5.18
C LEU A 25 -2.92 6.71 4.84
N ALA A 26 -3.38 6.85 3.61
CA ALA A 26 -4.13 8.07 3.18
C ALA A 26 -5.56 7.70 2.73
N ILE A 27 -5.95 6.45 2.90
CA ILE A 27 -7.32 6.01 2.49
C ILE A 27 -8.23 5.96 3.73
N LEU A 28 -7.68 5.72 4.90
CA LEU A 28 -8.50 5.66 6.14
C LEU A 28 -8.73 7.07 6.74
N GLY A 29 -8.48 8.13 5.98
CA GLY A 29 -8.68 9.51 6.50
C GLY A 29 -8.90 10.48 5.33
N PRO A 30 -9.87 10.17 4.49
CA PRO A 30 -10.18 11.03 3.31
C PRO A 30 -10.72 12.40 3.74
N LEU A 31 -11.41 12.47 4.86
CA LEU A 31 -11.95 13.78 5.35
C LEU A 31 -10.81 14.82 5.46
N MET A 32 -9.68 14.41 6.00
CA MET A 32 -8.52 15.34 6.13
C MET A 32 -7.86 15.52 4.76
N VAL A 33 -7.72 14.46 3.98
CA VAL A 33 -7.09 14.56 2.63
C VAL A 33 -7.91 15.52 1.74
N LEU A 34 -9.22 15.52 1.87
CA LEU A 34 -10.07 16.44 1.03
C LEU A 34 -10.29 17.79 1.73
N GLN A 35 -9.46 18.14 2.70
CA GLN A 35 -9.60 19.45 3.43
C GLN A 35 -8.23 19.91 3.96
N ALA A 36 -7.15 19.55 3.29
CA ALA A 36 -5.78 19.96 3.75
C ALA A 36 -5.44 21.40 3.32
N GLY A 37 -5.85 21.79 2.14
CA GLY A 37 -5.57 23.18 1.66
C GLY A 37 -6.56 24.18 2.28
N ILE A 38 -7.76 23.76 2.56
CA ILE A 38 -8.78 24.68 3.17
C ILE A 38 -8.86 24.44 4.69
N THR A 39 -8.54 25.45 5.48
CA THR A 39 -8.59 25.32 6.98
C THR A 39 -9.74 26.16 7.58
N LYS A 40 -10.73 26.52 6.79
CA LYS A 40 -11.91 27.34 7.27
C LYS A 40 -11.51 28.80 7.60
N GLY A 1 19.44 -12.11 4.60
CA GLY A 1 19.76 -11.23 5.77
C GLY A 1 20.25 -9.87 5.28
N ARG A 2 21.41 -9.46 5.72
CA ARG A 2 21.98 -8.13 5.29
C ARG A 2 23.26 -8.37 4.49
N ASP A 3 23.95 -7.31 4.12
CA ASP A 3 25.23 -7.42 3.34
C ASP A 3 24.99 -8.20 2.03
N ALA A 4 23.85 -7.97 1.41
CA ALA A 4 23.49 -8.66 0.13
C ALA A 4 22.16 -8.10 -0.39
N VAL A 5 21.15 -8.08 0.44
CA VAL A 5 19.81 -7.53 0.04
C VAL A 5 19.93 -6.05 -0.35
N ILE A 6 20.75 -5.30 0.36
CA ILE A 6 20.93 -3.84 0.02
C ILE A 6 21.52 -3.72 -1.39
N LEU A 7 22.42 -4.62 -1.75
CA LEU A 7 23.04 -4.57 -3.11
C LEU A 7 22.07 -5.17 -4.16
N LEU A 8 21.19 -6.06 -3.75
CA LEU A 8 20.21 -6.67 -4.72
C LEU A 8 18.92 -5.84 -4.81
N THR A 9 18.93 -4.62 -4.34
CA THR A 9 17.70 -3.75 -4.40
C THR A 9 17.37 -3.34 -5.86
N CYS A 10 18.36 -3.31 -6.73
CA CYS A 10 18.11 -2.92 -8.16
C CYS A 10 17.27 -4.01 -8.86
N ALA A 11 17.52 -5.28 -8.56
CA ALA A 11 16.75 -6.38 -9.20
C ALA A 11 15.31 -6.39 -8.68
N ILE A 12 15.13 -6.32 -7.38
CA ILE A 12 13.75 -6.31 -6.79
C ILE A 12 13.09 -4.93 -7.00
N HIS A 13 11.78 -4.88 -7.00
CA HIS A 13 11.08 -3.57 -7.19
C HIS A 13 10.16 -3.28 -5.98
N PRO A 14 10.79 -2.98 -4.86
CA PRO A 14 10.03 -2.68 -3.62
C PRO A 14 9.35 -1.29 -3.68
N GLU A 15 9.80 -0.42 -4.56
CA GLU A 15 9.20 0.95 -4.68
C GLU A 15 7.71 0.88 -5.04
N LEU A 16 7.38 0.09 -6.03
CA LEU A 16 5.96 -0.06 -6.48
C LEU A 16 5.07 -0.46 -5.29
N ILE A 17 5.51 -1.39 -4.48
CA ILE A 17 4.70 -1.81 -3.28
C ILE A 17 4.58 -0.62 -2.32
N PHE A 18 5.63 0.15 -2.17
CA PHE A 18 5.60 1.35 -1.27
C PHE A 18 4.56 2.36 -1.77
N THR A 19 4.39 2.48 -3.08
CA THR A 19 3.39 3.44 -3.65
C THR A 19 1.98 3.09 -3.14
N ILE A 20 1.65 1.82 -3.12
CA ILE A 20 0.29 1.40 -2.63
C ILE A 20 0.24 1.56 -1.09
N THR A 21 1.29 1.15 -0.39
CA THR A 21 1.31 1.28 1.10
C THR A 21 1.21 2.77 1.49
N LYS A 22 1.89 3.64 0.76
CA LYS A 22 1.83 5.11 1.08
C LYS A 22 0.39 5.60 0.96
N ILE A 23 -0.27 5.32 -0.15
CA ILE A 23 -1.70 5.75 -0.33
C ILE A 23 -2.58 5.04 0.72
N LEU A 24 -2.27 3.80 1.05
CA LEU A 24 -3.07 3.05 2.07
C LEU A 24 -3.02 3.81 3.41
N LEU A 25 -1.87 4.32 3.77
CA LEU A 25 -1.75 5.08 5.06
C LEU A 25 -2.45 6.45 4.97
N ALA A 26 -2.71 6.91 3.77
CA ALA A 26 -3.41 8.22 3.57
C ALA A 26 -4.94 8.04 3.48
N ILE A 27 -5.42 6.82 3.55
CA ILE A 27 -6.89 6.55 3.47
C ILE A 27 -7.31 5.67 4.66
N LEU A 28 -6.65 4.54 4.86
CA LEU A 28 -6.99 3.60 5.98
C LEU A 28 -8.45 3.15 5.89
N GLY A 29 -8.86 2.66 4.74
CA GLY A 29 -10.27 2.18 4.57
C GLY A 29 -10.65 2.15 3.08
N PRO A 30 -10.04 1.26 2.34
CA PRO A 30 -10.34 1.14 0.88
C PRO A 30 -11.74 0.55 0.64
N LEU A 31 -12.14 -0.44 1.41
CA LEU A 31 -13.48 -1.08 1.23
C LEU A 31 -14.61 -0.04 1.40
N MET A 32 -14.61 0.71 2.48
CA MET A 32 -15.69 1.74 2.71
C MET A 32 -15.67 2.85 1.63
N VAL A 33 -14.54 3.08 0.98
CA VAL A 33 -14.48 4.15 -0.08
C VAL A 33 -14.84 3.54 -1.44
N LEU A 34 -14.39 2.34 -1.73
CA LEU A 34 -14.71 1.70 -3.05
C LEU A 34 -16.06 0.97 -3.04
N GLN A 35 -16.82 1.08 -1.97
CA GLN A 35 -18.15 0.40 -1.91
C GLN A 35 -19.23 1.34 -1.35
N ALA A 36 -19.05 2.63 -1.49
CA ALA A 36 -20.05 3.62 -0.98
C ALA A 36 -21.17 3.82 -2.02
N GLY A 37 -20.80 3.98 -3.27
CA GLY A 37 -21.82 4.17 -4.36
C GLY A 37 -21.66 3.06 -5.39
N ILE A 38 -21.75 1.82 -4.96
CA ILE A 38 -21.62 0.66 -5.90
C ILE A 38 -22.96 -0.05 -6.15
N THR A 39 -24.06 0.61 -5.88
CA THR A 39 -25.41 -0.01 -6.10
C THR A 39 -26.24 0.89 -7.02
N LYS A 40 -25.74 1.14 -8.22
CA LYS A 40 -26.42 2.00 -9.24
C LYS A 40 -26.35 3.48 -8.84
N GLY A 1 8.46 -13.33 2.26
CA GLY A 1 7.47 -14.03 1.38
C GLY A 1 8.00 -14.08 -0.06
N ARG A 2 8.15 -15.27 -0.60
CA ARG A 2 8.67 -15.41 -2.00
C ARG A 2 7.60 -16.01 -2.93
N ASP A 3 6.34 -15.85 -2.60
CA ASP A 3 5.24 -16.40 -3.46
C ASP A 3 4.61 -15.27 -4.29
N ALA A 4 4.17 -14.22 -3.63
CA ALA A 4 3.55 -13.06 -4.35
C ALA A 4 4.55 -12.44 -5.35
N VAL A 5 5.83 -12.48 -5.04
CA VAL A 5 6.86 -11.90 -5.96
C VAL A 5 6.91 -12.74 -7.25
N ILE A 6 6.82 -14.05 -7.14
CA ILE A 6 6.85 -14.93 -8.36
C ILE A 6 5.60 -14.66 -9.23
N LEU A 7 4.44 -14.51 -8.61
CA LEU A 7 3.20 -14.24 -9.40
C LEU A 7 3.24 -12.83 -10.02
N LEU A 8 3.87 -11.87 -9.37
CA LEU A 8 3.94 -10.49 -9.93
C LEU A 8 4.89 -10.39 -11.13
N THR A 9 5.73 -11.38 -11.32
CA THR A 9 6.71 -11.38 -12.47
C THR A 9 6.05 -11.07 -13.83
N CYS A 10 4.79 -11.42 -14.02
CA CYS A 10 4.10 -11.14 -15.32
C CYS A 10 4.07 -9.63 -15.65
N ALA A 11 3.97 -8.77 -14.65
CA ALA A 11 3.94 -7.30 -14.94
C ALA A 11 5.15 -6.59 -14.29
N ILE A 12 5.26 -6.63 -12.98
CA ILE A 12 6.40 -5.97 -12.24
C ILE A 12 6.44 -4.46 -12.55
N HIS A 13 5.78 -3.69 -11.73
CA HIS A 13 5.75 -2.20 -11.93
C HIS A 13 6.04 -1.50 -10.58
N PRO A 14 7.27 -1.08 -10.42
CA PRO A 14 7.68 -0.37 -9.16
C PRO A 14 6.95 0.97 -9.03
N GLU A 15 7.26 1.74 -8.00
CA GLU A 15 6.60 3.07 -7.78
C GLU A 15 5.08 2.87 -7.59
N LEU A 16 4.69 1.70 -7.11
CA LEU A 16 3.26 1.36 -6.87
C LEU A 16 3.23 0.33 -5.72
N ILE A 17 3.98 -0.74 -5.85
CA ILE A 17 4.04 -1.79 -4.78
C ILE A 17 4.62 -1.15 -3.51
N PHE A 18 5.51 -0.19 -3.65
CA PHE A 18 6.12 0.51 -2.48
C PHE A 18 5.22 1.69 -2.09
N THR A 19 4.67 2.39 -3.07
CA THR A 19 3.78 3.55 -2.78
C THR A 19 2.45 3.08 -2.17
N ILE A 20 2.04 1.84 -2.39
CA ILE A 20 0.76 1.33 -1.81
C ILE A 20 0.75 1.53 -0.28
N THR A 21 1.89 1.37 0.37
CA THR A 21 1.96 1.57 1.85
C THR A 21 1.67 3.05 2.15
N LYS A 22 2.24 3.93 1.36
CA LYS A 22 2.02 5.40 1.55
C LYS A 22 0.56 5.75 1.22
N ILE A 23 -0.01 5.10 0.23
CA ILE A 23 -1.44 5.37 -0.15
C ILE A 23 -2.39 4.76 0.91
N LEU A 24 -2.05 3.62 1.46
CA LEU A 24 -2.92 2.96 2.49
C LEU A 24 -3.34 3.95 3.59
N LEU A 25 -2.39 4.67 4.16
CA LEU A 25 -2.75 5.66 5.23
C LEU A 25 -3.43 6.92 4.66
N ALA A 26 -3.51 7.03 3.36
CA ALA A 26 -4.16 8.20 2.71
C ALA A 26 -5.52 7.82 2.10
N ILE A 27 -5.96 6.60 2.28
CA ILE A 27 -7.28 6.14 1.73
C ILE A 27 -8.30 6.07 2.87
N LEU A 28 -7.92 5.50 4.00
CA LEU A 28 -8.85 5.40 5.17
C LEU A 28 -9.14 6.80 5.74
N GLY A 29 -8.16 7.65 5.81
CA GLY A 29 -8.36 9.03 6.35
C GLY A 29 -8.45 8.99 7.88
N PRO A 30 -7.36 8.59 8.52
CA PRO A 30 -7.34 8.50 10.02
C PRO A 30 -7.48 9.88 10.68
N LEU A 31 -7.08 10.94 10.00
CA LEU A 31 -7.20 12.31 10.59
C LEU A 31 -8.58 12.90 10.27
N MET A 32 -9.04 12.76 9.04
CA MET A 32 -10.37 13.31 8.64
C MET A 32 -11.50 12.50 9.32
N VAL A 33 -11.44 11.18 9.27
CA VAL A 33 -12.51 10.34 9.91
C VAL A 33 -12.59 10.62 11.42
N LEU A 34 -11.50 11.00 12.05
CA LEU A 34 -11.54 11.28 13.53
C LEU A 34 -12.25 12.61 13.83
N GLN A 35 -12.59 13.40 12.84
CA GLN A 35 -13.29 14.69 13.06
C GLN A 35 -14.51 14.83 12.14
N ALA A 36 -15.03 13.73 11.62
CA ALA A 36 -16.23 13.79 10.71
C ALA A 36 -17.51 13.81 11.54
N GLY A 37 -17.67 12.84 12.43
CA GLY A 37 -18.89 12.79 13.29
C GLY A 37 -18.49 13.11 14.74
N ILE A 38 -17.71 14.15 14.94
CA ILE A 38 -17.27 14.52 16.31
C ILE A 38 -18.16 15.66 16.87
N THR A 39 -18.38 15.65 18.16
CA THR A 39 -19.23 16.70 18.79
C THR A 39 -18.81 16.90 20.26
N LYS A 40 -17.62 17.43 20.46
CA LYS A 40 -17.11 17.67 21.85
C LYS A 40 -16.41 19.05 21.92
N GLY A 1 20.75 -20.24 -2.34
CA GLY A 1 20.26 -19.87 -0.99
C GLY A 1 18.80 -19.39 -1.05
N ARG A 2 18.27 -18.90 0.04
CA ARG A 2 16.85 -18.43 0.06
C ARG A 2 16.74 -16.96 0.54
N ASP A 3 17.82 -16.23 0.50
CA ASP A 3 17.80 -14.81 0.95
C ASP A 3 17.80 -13.88 -0.27
N ALA A 4 18.76 -14.03 -1.15
CA ALA A 4 18.84 -13.18 -2.38
C ALA A 4 17.82 -13.65 -3.43
N VAL A 5 17.66 -14.94 -3.57
CA VAL A 5 16.67 -15.49 -4.58
C VAL A 5 15.24 -15.06 -4.22
N ILE A 6 14.86 -15.16 -2.97
CA ILE A 6 13.48 -14.74 -2.55
C ILE A 6 13.30 -13.24 -2.82
N LEU A 7 14.30 -12.44 -2.55
CA LEU A 7 14.20 -10.97 -2.79
C LEU A 7 14.04 -10.70 -4.29
N LEU A 8 14.68 -11.49 -5.13
CA LEU A 8 14.56 -11.29 -6.61
C LEU A 8 13.18 -11.73 -7.13
N THR A 9 12.42 -12.45 -6.34
CA THR A 9 11.07 -12.92 -6.77
C THR A 9 9.97 -12.14 -6.04
N CYS A 10 10.14 -11.89 -4.76
CA CYS A 10 9.11 -11.13 -3.98
C CYS A 10 9.42 -9.63 -3.96
N ALA A 11 10.68 -9.24 -4.03
CA ALA A 11 11.04 -7.78 -4.01
C ALA A 11 11.46 -7.33 -5.42
N ILE A 12 10.65 -7.64 -6.39
CA ILE A 12 10.96 -7.26 -7.81
C ILE A 12 10.21 -5.98 -8.24
N HIS A 13 9.40 -5.41 -7.40
CA HIS A 13 8.64 -4.17 -7.77
C HIS A 13 8.37 -3.30 -6.53
N PRO A 14 9.43 -2.78 -5.95
CA PRO A 14 9.31 -1.92 -4.73
C PRO A 14 8.59 -0.60 -5.05
N GLU A 15 8.80 -0.04 -6.23
CA GLU A 15 8.14 1.25 -6.60
C GLU A 15 6.60 1.11 -6.51
N LEU A 16 6.10 -0.01 -6.95
CA LEU A 16 4.62 -0.26 -6.90
C LEU A 16 4.18 -0.61 -5.47
N ILE A 17 4.98 -1.35 -4.73
CA ILE A 17 4.60 -1.73 -3.33
C ILE A 17 4.67 -0.49 -2.42
N PHE A 18 5.74 0.27 -2.50
CA PHE A 18 5.88 1.49 -1.64
C PHE A 18 4.77 2.51 -1.92
N THR A 19 4.29 2.59 -3.14
CA THR A 19 3.19 3.56 -3.47
C THR A 19 1.87 3.09 -2.84
N ILE A 20 1.57 1.81 -2.93
CA ILE A 20 0.30 1.27 -2.34
C ILE A 20 0.33 1.41 -0.81
N THR A 21 1.43 1.13 -0.16
CA THR A 21 1.49 1.27 1.33
C THR A 21 1.35 2.74 1.75
N LYS A 22 1.91 3.66 0.99
CA LYS A 22 1.80 5.10 1.34
C LYS A 22 0.35 5.56 1.10
N ILE A 23 -0.22 5.21 -0.04
CA ILE A 23 -1.63 5.60 -0.35
C ILE A 23 -2.59 4.91 0.64
N LEU A 24 -2.32 3.67 1.00
CA LEU A 24 -3.22 2.94 1.97
C LEU A 24 -3.25 3.69 3.30
N LEU A 25 -2.14 4.23 3.75
CA LEU A 25 -2.13 4.98 5.05
C LEU A 25 -2.62 6.43 4.85
N ALA A 26 -2.53 6.93 3.64
CA ALA A 26 -2.99 8.32 3.34
C ALA A 26 -4.48 8.35 2.97
N ILE A 27 -5.21 7.28 3.19
CA ILE A 27 -6.67 7.24 2.86
C ILE A 27 -7.50 7.03 4.15
N LEU A 28 -7.07 6.14 5.02
CA LEU A 28 -7.82 5.88 6.28
C LEU A 28 -7.08 6.47 7.49
N GLY A 29 -6.00 5.85 7.92
CA GLY A 29 -5.22 6.36 9.09
C GLY A 29 -6.07 6.29 10.37
N PRO A 30 -6.30 5.09 10.86
CA PRO A 30 -7.12 4.92 12.10
C PRO A 30 -6.35 5.40 13.34
N LEU A 31 -5.04 5.25 13.37
CA LEU A 31 -4.23 5.70 14.55
C LEU A 31 -4.40 7.21 14.78
N MET A 32 -4.26 8.01 13.74
CA MET A 32 -4.41 9.49 13.88
C MET A 32 -5.89 9.86 14.13
N VAL A 33 -6.83 9.09 13.63
CA VAL A 33 -8.27 9.41 13.85
C VAL A 33 -8.63 9.32 15.34
N LEU A 34 -8.01 8.42 16.07
CA LEU A 34 -8.33 8.28 17.54
C LEU A 34 -7.35 9.12 18.41
N GLN A 35 -6.41 9.79 17.81
CA GLN A 35 -5.45 10.63 18.60
C GLN A 35 -5.36 12.06 18.04
N ALA A 36 -6.33 12.49 17.26
CA ALA A 36 -6.32 13.88 16.71
C ALA A 36 -7.21 14.77 17.58
N GLY A 37 -6.69 15.18 18.71
CA GLY A 37 -7.49 16.04 19.65
C GLY A 37 -8.49 15.17 20.40
N ILE A 38 -8.07 14.01 20.86
CA ILE A 38 -9.00 13.11 21.61
C ILE A 38 -9.09 13.54 23.08
N THR A 39 -10.25 13.39 23.68
CA THR A 39 -10.44 13.79 25.11
C THR A 39 -10.60 12.51 25.94
N LYS A 40 -9.69 11.58 25.80
CA LYS A 40 -9.76 10.29 26.57
C LYS A 40 -8.39 9.95 27.17
N GLY A 1 -0.34 4.86 -15.61
CA GLY A 1 -1.78 5.06 -15.93
C GLY A 1 -2.65 4.16 -15.04
N ARG A 2 -3.92 4.04 -15.36
CA ARG A 2 -4.84 3.18 -14.55
C ARG A 2 -5.60 2.21 -15.47
N ASP A 3 -5.00 1.80 -16.56
CA ASP A 3 -5.66 0.87 -17.51
C ASP A 3 -4.96 -0.49 -17.42
N ALA A 4 -3.67 -0.51 -17.61
CA ALA A 4 -2.91 -1.79 -17.52
C ALA A 4 -2.64 -2.13 -16.04
N VAL A 5 -2.38 -1.12 -15.23
CA VAL A 5 -2.11 -1.36 -13.77
C VAL A 5 -3.36 -1.99 -13.13
N ILE A 6 -4.53 -1.47 -13.44
CA ILE A 6 -5.80 -2.04 -12.86
C ILE A 6 -5.96 -3.49 -13.37
N LEU A 7 -5.62 -3.75 -14.60
CA LEU A 7 -5.74 -5.13 -15.16
C LEU A 7 -4.65 -6.03 -14.57
N LEU A 8 -3.50 -5.46 -14.23
CA LEU A 8 -2.39 -6.27 -13.63
C LEU A 8 -2.57 -6.45 -12.11
N THR A 9 -3.68 -6.04 -11.55
CA THR A 9 -3.91 -6.19 -10.07
C THR A 9 -3.85 -7.67 -9.64
N CYS A 10 -4.24 -8.59 -10.50
CA CYS A 10 -4.18 -10.05 -10.15
C CYS A 10 -2.73 -10.49 -9.96
N ALA A 11 -1.83 -9.99 -10.77
CA ALA A 11 -0.38 -10.36 -10.66
C ALA A 11 0.46 -9.08 -10.82
N ILE A 12 0.34 -8.19 -9.88
CA ILE A 12 1.08 -6.89 -9.93
C ILE A 12 2.61 -7.11 -9.84
N HIS A 13 3.37 -6.08 -10.13
CA HIS A 13 4.84 -6.14 -10.08
C HIS A 13 5.32 -5.13 -9.03
N PRO A 14 6.62 -4.93 -8.98
CA PRO A 14 7.24 -3.99 -8.02
C PRO A 14 7.11 -2.54 -8.53
N GLU A 15 7.72 -1.61 -7.83
CA GLU A 15 7.67 -0.15 -8.21
C GLU A 15 6.21 0.34 -8.24
N LEU A 16 5.43 -0.17 -7.32
CA LEU A 16 3.99 0.18 -7.17
C LEU A 16 3.57 -0.17 -5.74
N ILE A 17 3.87 -1.40 -5.32
CA ILE A 17 3.54 -1.87 -3.93
C ILE A 17 4.15 -0.89 -2.90
N PHE A 18 5.35 -0.41 -3.16
CA PHE A 18 6.00 0.56 -2.21
C PHE A 18 5.14 1.83 -2.12
N THR A 19 4.65 2.31 -3.24
CA THR A 19 3.79 3.53 -3.25
C THR A 19 2.47 3.24 -2.54
N ILE A 20 1.91 2.06 -2.74
CA ILE A 20 0.61 1.69 -2.07
C ILE A 20 0.76 1.84 -0.55
N THR A 21 1.89 1.47 0.02
CA THR A 21 2.09 1.61 1.50
C THR A 21 1.89 3.08 1.91
N LYS A 22 2.41 4.01 1.13
CA LYS A 22 2.25 5.47 1.45
C LYS A 22 0.77 5.86 1.26
N ILE A 23 0.14 5.38 0.21
CA ILE A 23 -1.30 5.71 -0.04
C ILE A 23 -2.21 4.91 0.91
N LEU A 24 -1.75 3.78 1.42
CA LEU A 24 -2.57 2.95 2.37
C LEU A 24 -3.03 3.82 3.54
N LEU A 25 -2.17 4.64 4.07
CA LEU A 25 -2.56 5.54 5.22
C LEU A 25 -3.52 6.64 4.75
N ALA A 26 -3.68 6.80 3.46
CA ALA A 26 -4.60 7.83 2.89
C ALA A 26 -5.89 7.16 2.34
N ILE A 27 -6.11 5.90 2.67
CA ILE A 27 -7.34 5.18 2.17
C ILE A 27 -8.17 4.64 3.36
N LEU A 28 -7.74 4.83 4.59
CA LEU A 28 -8.54 4.32 5.77
C LEU A 28 -9.60 5.35 6.23
N GLY A 29 -10.12 6.15 5.33
CA GLY A 29 -11.15 7.16 5.72
C GLY A 29 -12.00 7.56 4.49
N PRO A 30 -12.56 6.58 3.80
CA PRO A 30 -13.40 6.87 2.61
C PRO A 30 -14.69 7.58 3.01
N LEU A 31 -15.27 7.23 4.15
CA LEU A 31 -16.52 7.89 4.61
C LEU A 31 -16.29 9.39 4.81
N MET A 32 -15.18 9.75 5.41
CA MET A 32 -14.86 11.21 5.62
C MET A 32 -14.73 11.91 4.26
N VAL A 33 -14.04 11.30 3.32
CA VAL A 33 -13.88 11.92 1.96
C VAL A 33 -15.25 11.98 1.27
N LEU A 34 -16.05 10.95 1.42
CA LEU A 34 -17.41 10.92 0.79
C LEU A 34 -18.35 11.97 1.39
N GLN A 35 -18.08 12.40 2.60
CA GLN A 35 -18.95 13.43 3.25
C GLN A 35 -18.25 14.81 3.27
N ALA A 36 -17.28 15.02 2.40
CA ALA A 36 -16.57 16.33 2.37
C ALA A 36 -17.41 17.35 1.56
N GLY A 37 -18.49 17.82 2.14
CA GLY A 37 -19.38 18.80 1.44
C GLY A 37 -20.35 18.07 0.50
N ILE A 38 -20.89 16.95 0.91
CA ILE A 38 -21.84 16.20 0.03
C ILE A 38 -23.21 16.89 0.06
N THR A 39 -23.48 17.69 -0.96
CA THR A 39 -24.79 18.43 -1.06
C THR A 39 -25.00 19.33 0.18
N LYS A 40 -23.93 19.93 0.68
CA LYS A 40 -24.03 20.83 1.88
C LYS A 40 -22.95 21.91 1.83
N GLY A 1 9.63 -14.21 -22.95
CA GLY A 1 8.77 -15.42 -23.03
C GLY A 1 7.43 -15.14 -22.32
N ARG A 2 6.38 -14.91 -23.06
CA ARG A 2 5.04 -14.63 -22.44
C ARG A 2 4.38 -15.92 -21.93
N ASP A 3 4.72 -16.30 -20.72
CA ASP A 3 4.17 -17.53 -20.09
C ASP A 3 4.38 -17.46 -18.57
N ALA A 4 5.62 -17.47 -18.15
CA ALA A 4 5.95 -17.40 -16.68
C ALA A 4 5.95 -15.94 -16.19
N VAL A 5 6.28 -15.00 -17.07
CA VAL A 5 6.31 -13.56 -16.69
C VAL A 5 4.91 -13.11 -16.24
N ILE A 6 3.86 -13.56 -16.91
CA ILE A 6 2.48 -13.16 -16.50
C ILE A 6 2.19 -13.70 -15.09
N LEU A 7 2.67 -14.89 -14.79
CA LEU A 7 2.46 -15.50 -13.44
C LEU A 7 3.35 -14.80 -12.40
N LEU A 8 4.55 -14.41 -12.79
CA LEU A 8 5.49 -13.72 -11.84
C LEU A 8 5.29 -12.19 -11.83
N THR A 9 4.23 -11.69 -12.41
CA THR A 9 3.98 -10.21 -12.44
C THR A 9 3.80 -9.63 -11.01
N CYS A 10 3.24 -10.40 -10.11
CA CYS A 10 3.03 -9.92 -8.70
C CYS A 10 4.37 -9.80 -7.95
N ALA A 11 5.35 -10.61 -8.29
CA ALA A 11 6.68 -10.54 -7.59
C ALA A 11 7.74 -9.81 -8.43
N ILE A 12 7.41 -9.36 -9.63
CA ILE A 12 8.42 -8.64 -10.49
C ILE A 12 7.97 -7.21 -10.83
N HIS A 13 7.05 -6.64 -10.10
CA HIS A 13 6.58 -5.25 -10.41
C HIS A 13 6.81 -4.32 -9.20
N PRO A 14 8.05 -3.91 -9.02
CA PRO A 14 8.40 -2.99 -7.90
C PRO A 14 8.04 -1.55 -8.27
N GLU A 15 8.42 -0.60 -7.43
CA GLU A 15 8.13 0.87 -7.65
C GLU A 15 6.61 1.19 -7.57
N LEU A 16 5.80 0.21 -7.28
CA LEU A 16 4.32 0.42 -7.15
C LEU A 16 3.90 -0.06 -5.75
N ILE A 17 4.34 -1.23 -5.36
CA ILE A 17 4.02 -1.82 -4.01
C ILE A 17 4.38 -0.80 -2.91
N PHE A 18 5.50 -0.13 -3.04
CA PHE A 18 5.93 0.88 -2.02
C PHE A 18 4.89 2.02 -1.96
N THR A 19 4.43 2.49 -3.10
CA THR A 19 3.41 3.59 -3.13
C THR A 19 2.08 3.10 -2.54
N ILE A 20 1.75 1.84 -2.73
CA ILE A 20 0.47 1.30 -2.17
C ILE A 20 0.49 1.49 -0.64
N THR A 21 1.62 1.20 -0.01
CA THR A 21 1.75 1.39 1.47
C THR A 21 1.73 2.89 1.80
N LYS A 22 2.42 3.69 1.00
CA LYS A 22 2.46 5.17 1.22
C LYS A 22 1.03 5.75 1.14
N ILE A 23 0.28 5.35 0.15
CA ILE A 23 -1.13 5.86 0.00
C ILE A 23 -2.08 5.06 0.91
N LEU A 24 -1.67 3.90 1.42
CA LEU A 24 -2.56 3.09 2.31
C LEU A 24 -3.05 3.93 3.50
N LEU A 25 -2.17 4.69 4.13
CA LEU A 25 -2.61 5.55 5.28
C LEU A 25 -3.58 6.64 4.80
N ALA A 26 -3.53 6.95 3.51
CA ALA A 26 -4.44 7.98 2.92
C ALA A 26 -5.77 7.35 2.44
N ILE A 27 -5.94 6.06 2.62
CA ILE A 27 -7.20 5.37 2.20
C ILE A 27 -7.99 4.92 3.46
N LEU A 28 -7.60 5.35 4.64
CA LEU A 28 -8.33 4.97 5.89
C LEU A 28 -9.82 5.31 5.80
N GLY A 29 -10.15 6.53 5.44
CA GLY A 29 -11.59 6.93 5.31
C GLY A 29 -12.01 7.84 6.48
N PRO A 30 -11.60 9.09 6.44
CA PRO A 30 -11.97 10.06 7.51
C PRO A 30 -13.46 10.44 7.43
N LEU A 31 -14.01 10.51 6.23
CA LEU A 31 -15.46 10.88 6.05
C LEU A 31 -16.37 9.85 6.74
N MET A 32 -16.18 8.58 6.46
CA MET A 32 -17.05 7.53 7.10
C MET A 32 -16.85 7.51 8.62
N VAL A 33 -15.65 7.74 9.10
CA VAL A 33 -15.39 7.74 10.58
C VAL A 33 -16.14 8.92 11.23
N LEU A 34 -16.30 10.02 10.52
CA LEU A 34 -17.03 11.20 11.09
C LEU A 34 -18.50 11.23 10.64
N GLN A 35 -18.96 10.19 9.98
CA GLN A 35 -20.38 10.13 9.53
C GLN A 35 -21.04 8.80 9.95
N ALA A 36 -20.48 8.13 10.94
CA ALA A 36 -21.06 6.83 11.41
C ALA A 36 -21.74 7.06 12.77
N GLY A 37 -22.90 7.66 12.75
CA GLY A 37 -23.65 7.95 14.02
C GLY A 37 -23.48 9.43 14.40
N ILE A 38 -23.82 10.33 13.51
CA ILE A 38 -23.68 11.79 13.81
C ILE A 38 -25.04 12.53 13.70
N THR A 39 -26.09 11.93 14.21
CA THR A 39 -27.45 12.59 14.15
C THR A 39 -27.91 12.94 15.58
N LYS A 40 -27.03 13.46 16.40
CA LYS A 40 -27.36 13.84 17.82
C LYS A 40 -27.90 12.62 18.60
N GLY A 1 -7.02 -10.60 -12.99
CA GLY A 1 -5.84 -11.46 -12.70
C GLY A 1 -5.78 -11.80 -11.22
N ARG A 2 -6.34 -12.92 -10.82
CA ARG A 2 -6.32 -13.34 -9.38
C ARG A 2 -5.66 -14.71 -9.18
N ASP A 3 -5.10 -15.26 -10.23
CA ASP A 3 -4.42 -16.60 -10.15
C ASP A 3 -2.90 -16.44 -10.26
N ALA A 4 -2.44 -15.65 -11.21
CA ALA A 4 -0.96 -15.45 -11.38
C ALA A 4 -0.47 -14.38 -10.39
N VAL A 5 -1.24 -13.33 -10.19
CA VAL A 5 -0.83 -12.24 -9.24
C VAL A 5 -0.67 -12.83 -7.82
N ILE A 6 -1.57 -13.71 -7.41
CA ILE A 6 -1.45 -14.32 -6.05
C ILE A 6 -0.20 -15.22 -6.01
N LEU A 7 0.09 -15.90 -7.10
CA LEU A 7 1.29 -16.79 -7.17
C LEU A 7 2.57 -15.94 -7.28
N LEU A 8 2.48 -14.78 -7.90
CA LEU A 8 3.66 -13.88 -8.06
C LEU A 8 3.74 -12.85 -6.91
N THR A 9 3.18 -13.14 -5.76
CA THR A 9 3.22 -12.17 -4.61
C THR A 9 4.65 -12.01 -4.07
N CYS A 10 5.51 -12.99 -4.26
CA CYS A 10 6.93 -12.88 -3.76
C CYS A 10 7.64 -11.68 -4.40
N ALA A 11 7.26 -11.29 -5.59
CA ALA A 11 7.89 -10.12 -6.28
C ALA A 11 6.86 -8.98 -6.41
N ILE A 12 5.86 -9.16 -7.28
CA ILE A 12 4.77 -8.16 -7.52
C ILE A 12 5.26 -6.70 -7.55
N HIS A 13 6.49 -6.47 -7.96
CA HIS A 13 7.09 -5.10 -8.03
C HIS A 13 7.10 -4.45 -6.63
N PRO A 14 8.21 -4.62 -5.93
CA PRO A 14 8.34 -4.05 -4.55
C PRO A 14 8.29 -2.51 -4.56
N GLU A 15 8.77 -1.87 -5.60
CA GLU A 15 8.72 -0.37 -5.65
C GLU A 15 7.26 0.07 -5.76
N LEU A 16 6.49 -0.68 -6.50
CA LEU A 16 5.04 -0.37 -6.67
C LEU A 16 4.33 -0.56 -5.33
N ILE A 17 4.70 -1.58 -4.58
CA ILE A 17 4.06 -1.82 -3.24
C ILE A 17 4.39 -0.62 -2.33
N PHE A 18 5.59 -0.10 -2.38
CA PHE A 18 5.97 1.08 -1.54
C PHE A 18 5.02 2.25 -1.85
N THR A 19 4.62 2.39 -3.09
CA THR A 19 3.69 3.48 -3.48
C THR A 19 2.28 3.14 -2.97
N ILE A 20 1.89 1.88 -3.07
CA ILE A 20 0.54 1.46 -2.60
C ILE A 20 0.41 1.67 -1.08
N THR A 21 1.43 1.35 -0.31
CA THR A 21 1.36 1.56 1.17
C THR A 21 1.26 3.06 1.49
N LYS A 22 1.93 3.90 0.73
CA LYS A 22 1.86 5.38 0.97
C LYS A 22 0.39 5.84 0.86
N ILE A 23 -0.32 5.34 -0.12
CA ILE A 23 -1.76 5.71 -0.30
C ILE A 23 -2.59 4.97 0.76
N LEU A 24 -2.19 3.75 1.09
CA LEU A 24 -2.92 2.94 2.13
C LEU A 24 -2.97 3.72 3.45
N LEU A 25 -1.87 4.31 3.85
CA LEU A 25 -1.85 5.10 5.13
C LEU A 25 -2.63 6.41 4.99
N ALA A 26 -2.93 6.81 3.78
CA ALA A 26 -3.71 8.06 3.55
C ALA A 26 -5.23 7.76 3.40
N ILE A 27 -5.61 6.52 3.61
CA ILE A 27 -7.05 6.13 3.50
C ILE A 27 -7.52 5.40 4.78
N LEU A 28 -6.67 4.59 5.37
CA LEU A 28 -7.06 3.86 6.62
C LEU A 28 -7.17 4.80 7.83
N GLY A 29 -6.32 5.80 7.93
CA GLY A 29 -6.41 6.74 9.11
C GLY A 29 -5.92 8.15 8.76
N PRO A 30 -6.41 8.72 7.67
CA PRO A 30 -6.00 10.10 7.27
C PRO A 30 -6.57 11.14 8.25
N LEU A 31 -7.74 10.90 8.81
CA LEU A 31 -8.36 11.86 9.78
C LEU A 31 -7.44 12.06 10.99
N MET A 32 -6.86 11.00 11.51
CA MET A 32 -5.93 11.14 12.69
C MET A 32 -4.71 11.96 12.29
N VAL A 33 -4.16 11.70 11.11
CA VAL A 33 -2.96 12.47 10.64
C VAL A 33 -3.36 13.93 10.43
N LEU A 34 -4.57 14.18 9.97
CA LEU A 34 -5.03 15.59 9.74
C LEU A 34 -5.54 16.24 11.05
N GLN A 35 -5.32 15.61 12.19
CA GLN A 35 -5.77 16.19 13.49
C GLN A 35 -4.59 16.24 14.48
N ALA A 36 -3.37 16.26 13.99
CA ALA A 36 -2.17 16.32 14.89
C ALA A 36 -1.81 17.78 15.14
N GLY A 37 -1.59 18.55 14.08
CA GLY A 37 -1.24 20.00 14.24
C GLY A 37 -2.32 20.84 13.53
N ILE A 38 -3.57 20.47 13.69
CA ILE A 38 -4.69 21.24 13.03
C ILE A 38 -4.95 22.57 13.77
N THR A 39 -5.47 23.55 13.06
CA THR A 39 -5.77 24.88 13.69
C THR A 39 -7.30 25.07 13.81
N LYS A 40 -8.00 24.03 14.22
CA LYS A 40 -9.49 24.06 14.39
C LYS A 40 -10.18 24.13 13.01
N GLY A 1 23.64 -14.87 -0.79
CA GLY A 1 23.40 -15.22 -2.22
C GLY A 1 22.88 -13.98 -2.97
N ARG A 2 21.60 -13.70 -2.84
CA ARG A 2 20.95 -12.52 -3.52
C ARG A 2 21.09 -12.60 -5.05
N ASP A 3 21.26 -13.79 -5.60
CA ASP A 3 21.39 -13.94 -7.08
C ASP A 3 20.03 -14.38 -7.64
N ALA A 4 19.45 -15.40 -7.06
CA ALA A 4 18.12 -15.92 -7.51
C ALA A 4 17.01 -14.87 -7.28
N VAL A 5 17.16 -14.01 -6.29
CA VAL A 5 16.12 -12.96 -6.00
C VAL A 5 15.99 -12.00 -7.20
N ILE A 6 17.10 -11.67 -7.83
CA ILE A 6 17.05 -10.75 -9.02
C ILE A 6 16.19 -11.38 -10.12
N LEU A 7 16.36 -12.67 -10.33
CA LEU A 7 15.54 -13.39 -11.36
C LEU A 7 14.07 -13.41 -10.94
N LEU A 8 13.79 -13.45 -9.64
CA LEU A 8 12.37 -13.47 -9.16
C LEU A 8 11.78 -12.04 -9.10
N THR A 9 12.48 -11.05 -9.59
CA THR A 9 11.96 -9.65 -9.58
C THR A 9 11.23 -9.32 -10.89
N CYS A 10 11.58 -9.96 -11.99
CA CYS A 10 10.90 -9.68 -13.30
C CYS A 10 9.40 -10.02 -13.23
N ALA A 11 9.01 -11.00 -12.44
CA ALA A 11 7.56 -11.38 -12.33
C ALA A 11 6.82 -10.35 -11.47
N ILE A 12 7.37 -9.98 -10.32
CA ILE A 12 6.70 -8.99 -9.44
C ILE A 12 6.72 -7.60 -10.11
N HIS A 13 5.82 -6.73 -9.75
CA HIS A 13 5.78 -5.36 -10.35
C HIS A 13 6.15 -4.31 -9.30
N PRO A 14 7.44 -4.07 -9.16
CA PRO A 14 7.94 -3.06 -8.18
C PRO A 14 7.62 -1.63 -8.67
N GLU A 15 8.13 -0.63 -7.98
CA GLU A 15 7.87 0.81 -8.35
C GLU A 15 6.36 1.10 -8.39
N LEU A 16 5.67 0.62 -7.39
CA LEU A 16 4.19 0.79 -7.25
C LEU A 16 3.82 0.20 -5.88
N ILE A 17 4.23 -1.03 -5.62
CA ILE A 17 3.94 -1.69 -4.30
C ILE A 17 4.49 -0.79 -3.17
N PHE A 18 5.62 -0.15 -3.39
CA PHE A 18 6.21 0.75 -2.36
C PHE A 18 5.25 1.93 -2.10
N THR A 19 4.56 2.37 -3.13
CA THR A 19 3.59 3.51 -2.98
C THR A 19 2.28 3.02 -2.36
N ILE A 20 1.94 1.75 -2.54
CA ILE A 20 0.66 1.21 -1.96
C ILE A 20 0.63 1.43 -0.45
N THR A 21 1.70 1.17 0.25
CA THR A 21 1.73 1.39 1.74
C THR A 21 1.63 2.89 2.05
N LYS A 22 2.20 3.73 1.21
CA LYS A 22 2.14 5.21 1.44
C LYS A 22 0.68 5.68 1.24
N ILE A 23 0.07 5.32 0.13
CA ILE A 23 -1.34 5.72 -0.13
C ILE A 23 -2.29 4.96 0.84
N LEU A 24 -1.87 3.83 1.36
CA LEU A 24 -2.74 3.05 2.31
C LEU A 24 -3.14 3.93 3.49
N LEU A 25 -2.23 4.71 4.03
CA LEU A 25 -2.58 5.61 5.19
C LEU A 25 -3.50 6.75 4.73
N ALA A 26 -3.45 7.09 3.46
CA ALA A 26 -4.31 8.18 2.92
C ALA A 26 -5.70 7.65 2.53
N ILE A 27 -5.80 6.37 2.25
CA ILE A 27 -7.12 5.77 1.86
C ILE A 27 -7.70 4.96 3.05
N LEU A 28 -7.47 5.40 4.27
CA LEU A 28 -8.03 4.67 5.45
C LEU A 28 -9.53 4.96 5.63
N GLY A 29 -9.98 6.11 5.18
CA GLY A 29 -11.43 6.47 5.30
C GLY A 29 -11.56 7.98 5.54
N PRO A 30 -11.27 8.78 4.53
CA PRO A 30 -11.37 10.26 4.67
C PRO A 30 -12.83 10.71 4.81
N LEU A 31 -13.70 10.23 3.95
CA LEU A 31 -15.16 10.60 4.04
C LEU A 31 -15.77 10.04 5.32
N MET A 32 -15.36 8.85 5.72
CA MET A 32 -15.89 8.23 6.97
C MET A 32 -15.57 9.13 8.18
N VAL A 33 -14.35 9.61 8.27
CA VAL A 33 -13.96 10.50 9.41
C VAL A 33 -14.81 11.80 9.37
N LEU A 34 -15.15 12.27 8.19
CA LEU A 34 -15.97 13.52 8.09
C LEU A 34 -17.48 13.22 8.14
N GLN A 35 -17.86 11.96 8.23
CA GLN A 35 -19.31 11.59 8.29
C GLN A 35 -19.60 10.75 9.56
N ALA A 36 -18.78 10.87 10.59
CA ALA A 36 -19.01 10.10 11.84
C ALA A 36 -19.59 11.05 12.92
N GLY A 37 -20.85 11.38 12.80
CA GLY A 37 -21.50 12.30 13.78
C GLY A 37 -21.43 13.75 13.26
N ILE A 38 -21.84 13.98 12.03
CA ILE A 38 -21.80 15.36 11.47
C ILE A 38 -23.19 16.01 11.48
N THR A 39 -23.30 17.17 12.08
CA THR A 39 -24.61 17.89 12.17
C THR A 39 -24.33 19.40 12.20
N LYS A 40 -23.92 19.95 11.09
CA LYS A 40 -23.61 21.43 11.02
C LYS A 40 -24.29 22.04 9.78
N GLY A 1 15.65 -23.54 -13.10
CA GLY A 1 15.67 -22.41 -12.12
C GLY A 1 14.38 -21.59 -12.22
N ARG A 2 13.32 -22.06 -11.61
CA ARG A 2 12.01 -21.33 -11.66
C ARG A 2 11.49 -21.02 -10.24
N ASP A 3 12.29 -21.26 -9.22
CA ASP A 3 11.83 -20.98 -7.82
C ASP A 3 12.62 -19.79 -7.26
N ALA A 4 13.94 -19.83 -7.35
CA ALA A 4 14.77 -18.70 -6.83
C ALA A 4 14.62 -17.45 -7.71
N VAL A 5 14.51 -17.62 -9.02
CA VAL A 5 14.34 -16.43 -9.94
C VAL A 5 13.04 -15.69 -9.64
N ILE A 6 11.93 -16.39 -9.53
CA ILE A 6 10.62 -15.71 -9.23
C ILE A 6 10.72 -14.97 -7.89
N LEU A 7 11.31 -15.60 -6.89
CA LEU A 7 11.46 -14.97 -5.55
C LEU A 7 12.31 -13.69 -5.64
N LEU A 8 13.31 -13.69 -6.49
CA LEU A 8 14.19 -12.48 -6.65
C LEU A 8 13.42 -11.32 -7.27
N THR A 9 12.65 -11.61 -8.28
CA THR A 9 11.83 -10.57 -8.98
C THR A 9 10.79 -9.97 -8.01
N CYS A 10 10.16 -10.82 -7.22
CA CYS A 10 9.14 -10.33 -6.24
C CYS A 10 9.81 -9.40 -5.21
N ALA A 11 11.02 -9.73 -4.79
CA ALA A 11 11.75 -8.88 -3.80
C ALA A 11 12.17 -7.55 -4.45
N ILE A 12 12.59 -7.59 -5.70
CA ILE A 12 13.02 -6.33 -6.39
C ILE A 12 11.82 -5.73 -7.15
N HIS A 13 10.98 -5.02 -6.45
CA HIS A 13 9.77 -4.39 -7.07
C HIS A 13 9.40 -3.09 -6.32
N PRO A 14 10.33 -2.15 -6.27
CA PRO A 14 10.08 -0.87 -5.57
C PRO A 14 9.26 0.10 -6.44
N GLU A 15 8.99 1.28 -5.92
CA GLU A 15 8.19 2.34 -6.64
C GLU A 15 6.76 1.84 -6.98
N LEU A 16 6.35 0.75 -6.39
CA LEU A 16 4.99 0.19 -6.62
C LEU A 16 4.51 -0.37 -5.27
N ILE A 17 5.25 -1.32 -4.72
CA ILE A 17 4.90 -1.90 -3.39
C ILE A 17 4.92 -0.77 -2.33
N PHE A 18 5.79 0.21 -2.51
CA PHE A 18 5.87 1.34 -1.54
C PHE A 18 4.76 2.36 -1.83
N THR A 19 4.48 2.61 -3.08
CA THR A 19 3.39 3.60 -3.46
C THR A 19 2.04 3.11 -2.91
N ILE A 20 1.71 1.84 -3.12
CA ILE A 20 0.41 1.29 -2.62
C ILE A 20 0.32 1.44 -1.09
N THR A 21 1.37 1.11 -0.39
CA THR A 21 1.37 1.23 1.11
C THR A 21 1.24 2.70 1.54
N LYS A 22 1.78 3.62 0.76
CA LYS A 22 1.69 5.08 1.12
C LYS A 22 0.24 5.58 0.98
N ILE A 23 -0.45 5.15 -0.05
CA ILE A 23 -1.87 5.59 -0.26
C ILE A 23 -2.78 4.95 0.82
N LEU A 24 -2.52 3.71 1.20
CA LEU A 24 -3.38 3.05 2.24
C LEU A 24 -3.32 3.86 3.54
N LEU A 25 -2.15 4.30 3.94
CA LEU A 25 -2.02 5.11 5.20
C LEU A 25 -2.47 6.56 4.97
N ALA A 26 -2.60 6.96 3.73
CA ALA A 26 -3.04 8.35 3.40
C ALA A 26 -4.56 8.40 3.16
N ILE A 27 -5.27 7.37 3.53
CA ILE A 27 -6.76 7.34 3.35
C ILE A 27 -7.43 7.15 4.72
N LEU A 28 -7.29 5.99 5.33
CA LEU A 28 -7.90 5.71 6.67
C LEU A 28 -9.39 6.11 6.68
N GLY A 29 -10.20 5.41 5.93
CA GLY A 29 -11.66 5.74 5.88
C GLY A 29 -12.33 5.01 4.71
N PRO A 30 -12.47 3.70 4.83
CA PRO A 30 -13.13 2.89 3.77
C PRO A 30 -14.61 3.24 3.61
N LEU A 31 -15.26 3.69 4.66
CA LEU A 31 -16.71 4.07 4.58
C LEU A 31 -16.91 5.22 3.58
N MET A 32 -16.02 6.20 3.60
CA MET A 32 -16.14 7.35 2.65
C MET A 32 -16.02 6.86 1.20
N VAL A 33 -15.18 5.86 0.97
CA VAL A 33 -15.02 5.30 -0.42
C VAL A 33 -16.36 4.71 -0.90
N LEU A 34 -17.15 4.15 0.00
CA LEU A 34 -18.47 3.57 -0.41
C LEU A 34 -19.57 4.64 -0.48
N GLN A 35 -19.21 5.91 -0.45
CA GLN A 35 -20.23 7.00 -0.52
C GLN A 35 -19.73 8.13 -1.45
N ALA A 36 -18.85 7.82 -2.38
CA ALA A 36 -18.33 8.87 -3.32
C ALA A 36 -19.37 9.17 -4.40
N GLY A 37 -20.04 10.30 -4.28
CA GLY A 37 -21.09 10.67 -5.29
C GLY A 37 -22.49 10.74 -4.63
N ILE A 38 -22.61 10.44 -3.35
CA ILE A 38 -23.95 10.49 -2.69
C ILE A 38 -24.43 11.95 -2.54
N THR A 39 -25.72 12.18 -2.63
CA THR A 39 -26.28 13.56 -2.51
C THR A 39 -27.11 13.67 -1.23
N LYS A 40 -26.52 13.32 -0.11
CA LYS A 40 -27.20 13.36 1.24
C LYS A 40 -28.37 12.36 1.31
N GLY A 1 17.41 -22.27 -14.30
CA GLY A 1 17.90 -21.99 -15.68
C GLY A 1 17.25 -20.70 -16.22
N ARG A 2 17.26 -20.52 -17.52
CA ARG A 2 16.64 -19.29 -18.12
C ARG A 2 15.27 -19.64 -18.72
N ASP A 3 14.73 -18.75 -19.54
CA ASP A 3 13.39 -18.97 -20.19
C ASP A 3 12.28 -19.15 -19.13
N ALA A 4 12.43 -18.53 -17.98
CA ALA A 4 11.43 -18.64 -16.89
C ALA A 4 11.77 -17.62 -15.78
N VAL A 5 12.98 -17.65 -15.28
CA VAL A 5 13.41 -16.69 -14.22
C VAL A 5 13.31 -15.25 -14.75
N ILE A 6 13.81 -14.99 -15.94
CA ILE A 6 13.74 -13.62 -16.54
C ILE A 6 12.26 -13.16 -16.59
N LEU A 7 11.36 -14.06 -16.96
CA LEU A 7 9.91 -13.71 -17.01
C LEU A 7 9.42 -13.39 -15.59
N LEU A 8 9.96 -14.07 -14.60
CA LEU A 8 9.56 -13.82 -13.18
C LEU A 8 10.35 -12.65 -12.55
N THR A 9 11.06 -11.88 -13.34
CA THR A 9 11.84 -10.72 -12.79
C THR A 9 11.10 -9.41 -13.08
N CYS A 10 10.61 -9.22 -14.28
CA CYS A 10 9.88 -7.96 -14.64
C CYS A 10 8.68 -7.70 -13.70
N ALA A 11 7.96 -8.74 -13.31
CA ALA A 11 6.78 -8.56 -12.41
C ALA A 11 7.20 -8.05 -11.02
N ILE A 12 8.45 -8.21 -10.62
CA ILE A 12 8.90 -7.73 -9.27
C ILE A 12 9.09 -6.20 -9.31
N HIS A 13 8.34 -5.49 -8.51
CA HIS A 13 8.46 -3.99 -8.46
C HIS A 13 8.17 -3.48 -7.05
N PRO A 14 9.20 -3.50 -6.21
CA PRO A 14 9.06 -3.02 -4.80
C PRO A 14 8.72 -1.52 -4.76
N GLU A 15 9.11 -0.77 -5.77
CA GLU A 15 8.80 0.70 -5.81
C GLU A 15 7.28 0.90 -5.84
N LEU A 16 6.62 0.13 -6.67
CA LEU A 16 5.13 0.21 -6.79
C LEU A 16 4.50 -0.25 -5.47
N ILE A 17 5.02 -1.30 -4.89
CA ILE A 17 4.46 -1.81 -3.59
C ILE A 17 4.57 -0.71 -2.52
N PHE A 18 5.68 -0.01 -2.48
CA PHE A 18 5.86 1.09 -1.48
C PHE A 18 4.83 2.21 -1.73
N THR A 19 4.60 2.54 -2.99
CA THR A 19 3.60 3.61 -3.33
C THR A 19 2.20 3.18 -2.85
N ILE A 20 1.84 1.92 -3.04
CA ILE A 20 0.51 1.43 -2.58
C ILE A 20 0.41 1.52 -1.04
N THR A 21 1.49 1.24 -0.34
CA THR A 21 1.48 1.32 1.16
C THR A 21 1.25 2.79 1.58
N LYS A 22 1.86 3.71 0.86
CA LYS A 22 1.70 5.17 1.16
C LYS A 22 0.23 5.58 0.99
N ILE A 23 -0.41 5.13 -0.08
CA ILE A 23 -1.84 5.48 -0.31
C ILE A 23 -2.71 4.87 0.81
N LEU A 24 -2.43 3.65 1.22
CA LEU A 24 -3.21 3.01 2.32
C LEU A 24 -3.13 3.89 3.58
N LEU A 25 -1.95 4.42 3.86
CA LEU A 25 -1.76 5.31 5.04
C LEU A 25 -2.56 6.61 4.86
N ALA A 26 -2.73 7.03 3.64
CA ALA A 26 -3.49 8.27 3.33
C ALA A 26 -5.02 8.01 3.28
N ILE A 27 -5.45 6.80 3.48
CA ILE A 27 -6.90 6.48 3.46
C ILE A 27 -7.44 6.27 4.88
N LEU A 28 -6.72 5.52 5.69
CA LEU A 28 -7.17 5.26 7.11
C LEU A 28 -6.98 6.50 7.99
N GLY A 29 -5.90 7.24 7.82
CA GLY A 29 -5.66 8.46 8.65
C GLY A 29 -6.81 9.46 8.50
N PRO A 30 -6.96 10.00 7.31
CA PRO A 30 -8.04 10.98 7.03
C PRO A 30 -9.33 10.28 6.54
N LEU A 31 -9.65 9.13 7.09
CA LEU A 31 -10.88 8.38 6.68
C LEU A 31 -12.14 9.12 7.15
N MET A 32 -12.13 9.57 8.39
CA MET A 32 -13.30 10.31 8.95
C MET A 32 -13.24 11.78 8.50
N VAL A 33 -12.07 12.35 8.41
CA VAL A 33 -11.93 13.78 7.96
C VAL A 33 -12.47 13.94 6.53
N LEU A 34 -12.31 12.93 5.69
CA LEU A 34 -12.82 13.00 4.29
C LEU A 34 -14.31 12.62 4.22
N GLN A 35 -14.99 12.57 5.35
CA GLN A 35 -16.45 12.19 5.36
C GLN A 35 -17.24 13.16 6.27
N ALA A 36 -16.76 14.38 6.44
CA ALA A 36 -17.48 15.36 7.31
C ALA A 36 -18.29 16.33 6.43
N GLY A 37 -19.57 16.11 6.33
CA GLY A 37 -20.45 17.00 5.49
C GLY A 37 -20.12 16.82 4.01
N ILE A 38 -20.13 15.60 3.51
CA ILE A 38 -19.82 15.36 2.07
C ILE A 38 -20.96 15.89 1.17
N THR A 39 -20.59 16.55 0.09
CA THR A 39 -21.62 17.10 -0.86
C THR A 39 -21.22 16.74 -2.31
N LYS A 40 -20.61 15.59 -2.49
CA LYS A 40 -20.19 15.15 -3.87
C LYS A 40 -20.58 13.68 -4.08
#